data_6N5E
#
_entry.id   6N5E
#
_cell.length_a   153.560
_cell.length_b   153.560
_cell.length_c   91.810
_cell.angle_alpha   90.000
_cell.angle_beta   90.000
_cell.angle_gamma   120.000
#
_symmetry.space_group_name_H-M   'P 31'
#
loop_
_entity.id
_entity.type
_entity.pdbx_description
1 polymer Hemagglutinin
2 polymer 'FL-1066 heavy chain'
3 polymer 'FL-1066 light chain'
4 branched 2-acetamido-2-deoxy-beta-D-glucopyranose-(1-4)-2-acetamido-2-deoxy-beta-D-glucopyranose
#
loop_
_entity_poly.entity_id
_entity_poly.type
_entity_poly.pdbx_seq_one_letter_code
_entity_poly.pdbx_strand_id
1 'polypeptide(L)'
;TNATELVQSSSTGKICNNPHRILDGIDCTLIDALLGDPHCDVFQNETWDLFVERSKAFSNCYPYDVPDYASLRSLVASSG
TLEFITEGFTWTGVTQNGGSNACKRGPGSGFFSRLNWLTKSGSTYPVLNVTMPNNDNFDKLYIWGIHHPSTDQEQTSLYV
QASGRVTVSTRRSQQTIIPNIGSRPWVRGLSSRISIYWTIVKPGDVLVINSNGNLIAPRGYFKMRTGKSSIMRSDAPIDT
CISECITPNGSIPNDKPFQNVNKITYGACPKYVKQNTLKLAT
;
A,B,C
2 'polypeptide(L)'
;ASDVKLVESGEGLVKPGGSLKLSCAASGFTFSGYDMSWVRQTPEKRLEWVAYISSGGDYIYYADTVKGRFTISRDNARNT
LYLQMSSLKSEDTAMYYCTRDSDYYGSRVWFAYWGQGTLVTVSGASTKGPSVFPLAPSSKSTSGGTAALGCLVKDYFPEP
VTVSWNSGALTSGVHTFPAVLQSSGLYSLSSVVTVPSSSLGTQTYICNVNHKPSNTKVDKRVEPKSCDKGSSLEVLFQ
;
H,E,G
3 'polypeptide(L)'
;ASQAVVTQESALTTSPGETVTLTCRSSTGAVTTSNYANWVQEKPDHLFTGLIGGTNNRAPGVPARFSGSLIGDKAALTIT
GAQTEDEAIYFCALWFSNHWVFGGGTKLTVLGQPKGAPSVTLFPPSSEELQANKATLVCLISDFYPGAVTVAWKADSSPV
KAGVETTTPSKQSNNKYAASSYLSLTPEQWKSHRSYSCQVTHEGSTVEKTVAPTECS
;
I,F,D
#
# COMPACT_ATOMS: atom_id res chain seq x y z
N THR A 1 58.09 36.07 23.96
CA THR A 1 57.63 34.69 23.81
C THR A 1 57.69 34.24 22.36
N ASN A 2 56.49 34.02 21.82
CA ASN A 2 56.23 33.52 20.48
C ASN A 2 54.72 33.50 20.35
N ALA A 3 54.23 33.19 19.16
CA ALA A 3 52.81 33.43 18.91
C ALA A 3 52.30 32.55 17.78
N THR A 4 51.03 32.19 17.87
CA THR A 4 50.34 31.43 16.83
C THR A 4 49.36 32.36 16.14
N GLU A 5 49.49 32.54 14.83
CA GLU A 5 48.42 33.19 14.11
C GLU A 5 47.49 32.10 13.58
N LEU A 6 46.21 32.37 13.69
CA LEU A 6 45.19 31.36 13.47
C LEU A 6 44.30 31.69 12.28
N VAL A 7 44.38 32.88 11.74
CA VAL A 7 43.56 33.28 10.60
C VAL A 7 44.42 33.11 9.35
N GLN A 8 44.00 32.20 8.49
CA GLN A 8 44.70 31.98 7.24
C GLN A 8 44.33 33.11 6.28
N SER A 9 45.20 34.11 6.18
CA SER A 9 44.97 35.27 5.35
C SER A 9 45.64 35.13 4.00
N SER A 10 46.23 33.98 3.72
CA SER A 10 47.03 33.78 2.52
C SER A 10 46.60 32.50 1.82
N SER A 11 46.55 32.57 0.50
CA SER A 11 46.20 31.45 -0.36
C SER A 11 47.40 31.15 -1.26
N THR A 12 47.34 30.01 -1.95
CA THR A 12 48.39 29.67 -2.89
C THR A 12 48.27 30.45 -4.19
N GLY A 13 47.08 30.95 -4.51
CA GLY A 13 46.83 31.62 -5.77
C GLY A 13 46.48 30.71 -6.92
N LYS A 14 46.69 29.41 -6.78
CA LYS A 14 46.42 28.44 -7.81
C LYS A 14 45.59 27.30 -7.23
N ILE A 15 44.76 26.70 -8.08
CA ILE A 15 43.93 25.57 -7.69
C ILE A 15 44.73 24.30 -7.91
N CYS A 16 44.77 23.43 -6.91
CA CYS A 16 45.57 22.21 -6.96
C CYS A 16 44.65 21.02 -7.11
N ASN A 17 44.87 20.27 -8.19
CA ASN A 17 44.02 19.17 -8.67
C ASN A 17 44.11 17.93 -7.80
N ASN A 18 44.76 17.98 -6.64
CA ASN A 18 44.79 16.86 -5.72
C ASN A 18 44.53 17.39 -4.32
N PRO A 19 43.78 16.64 -3.48
CA PRO A 19 43.21 15.31 -3.76
C PRO A 19 41.86 15.31 -4.48
N HIS A 20 41.45 16.47 -5.00
CA HIS A 20 40.15 16.63 -5.62
C HIS A 20 40.29 16.67 -7.13
N ARG A 21 39.52 15.83 -7.82
CA ARG A 21 39.45 15.93 -9.27
C ARG A 21 38.80 17.25 -9.62
N ILE A 22 39.55 18.15 -10.24
CA ILE A 22 39.10 19.50 -10.55
C ILE A 22 38.85 19.54 -12.04
N LEU A 23 37.61 19.83 -12.41
CA LEU A 23 37.20 19.88 -13.81
C LEU A 23 37.04 21.34 -14.21
N ASP A 24 37.92 21.82 -15.08
CA ASP A 24 37.88 23.19 -15.58
C ASP A 24 36.97 23.25 -16.80
N GLY A 25 35.80 23.87 -16.63
CA GLY A 25 34.89 24.19 -17.73
C GLY A 25 35.33 25.46 -18.43
N ILE A 26 36.32 25.32 -19.31
CA ILE A 26 37.13 26.47 -19.72
C ILE A 26 36.27 27.58 -20.31
N ASP A 27 35.59 27.31 -21.41
CA ASP A 27 34.88 28.36 -22.13
C ASP A 27 33.37 28.35 -21.92
N CYS A 28 32.86 27.49 -21.04
CA CYS A 28 31.42 27.35 -20.87
C CYS A 28 31.00 27.40 -19.41
N THR A 29 29.69 27.48 -19.23
CA THR A 29 29.01 27.26 -17.97
C THR A 29 28.89 25.76 -17.70
N LEU A 30 28.34 25.42 -16.55
CA LEU A 30 27.95 24.03 -16.33
C LEU A 30 26.73 23.68 -17.16
N ILE A 31 25.89 24.67 -17.43
CA ILE A 31 24.68 24.47 -18.22
C ILE A 31 25.01 24.22 -19.69
N ASP A 32 25.97 24.99 -20.23
CA ASP A 32 26.40 24.75 -21.60
C ASP A 32 26.87 23.31 -21.78
N ALA A 33 27.71 22.85 -20.85
CA ALA A 33 28.13 21.46 -20.85
C ALA A 33 26.96 20.52 -20.56
N LEU A 34 25.98 20.99 -19.80
CA LEU A 34 24.79 20.18 -19.52
C LEU A 34 23.86 20.14 -20.73
N LEU A 35 23.67 21.29 -21.39
CA LEU A 35 22.79 21.34 -22.56
C LEU A 35 23.44 20.70 -23.79
N GLY A 36 24.75 20.87 -23.94
CA GLY A 36 25.41 20.34 -25.12
C GLY A 36 25.71 21.40 -26.16
N ASP A 37 26.25 22.52 -25.72
CA ASP A 37 26.73 23.55 -26.64
C ASP A 37 27.90 22.97 -27.43
N PRO A 38 27.92 23.13 -28.76
CA PRO A 38 28.93 22.39 -29.56
C PRO A 38 30.37 22.65 -29.17
N HIS A 39 30.69 23.84 -28.69
CA HIS A 39 32.09 24.08 -28.31
C HIS A 39 32.41 23.51 -26.94
N CYS A 40 31.43 22.94 -26.24
CA CYS A 40 31.70 22.29 -24.97
C CYS A 40 31.11 20.90 -24.89
N ASP A 41 30.80 20.28 -26.03
CA ASP A 41 30.45 18.87 -26.01
C ASP A 41 31.68 18.00 -25.73
N VAL A 42 32.84 18.65 -25.59
CA VAL A 42 34.04 18.01 -25.05
C VAL A 42 33.81 17.53 -23.63
N PHE A 43 32.93 18.18 -22.87
CA PHE A 43 32.67 17.79 -21.49
C PHE A 43 31.63 16.68 -21.38
N GLN A 44 31.31 16.01 -22.48
CA GLN A 44 30.34 14.92 -22.46
C GLN A 44 30.82 13.82 -21.53
N ASN A 45 29.90 13.34 -20.68
CA ASN A 45 30.17 12.27 -19.73
C ASN A 45 31.40 12.54 -18.87
N GLU A 46 31.49 13.74 -18.33
CA GLU A 46 32.60 14.07 -17.43
C GLU A 46 32.13 13.96 -15.99
N THR A 47 33.07 13.63 -15.10
CA THR A 47 32.81 13.56 -13.67
C THR A 47 33.79 14.48 -12.95
N TRP A 48 33.43 14.89 -11.73
CA TRP A 48 34.26 15.87 -11.02
C TRP A 48 33.95 15.83 -9.53
N ASP A 49 34.84 16.48 -8.78
CA ASP A 49 34.61 16.86 -7.39
C ASP A 49 34.36 18.35 -7.23
N LEU A 50 35.00 19.18 -8.04
CA LEU A 50 34.74 20.62 -8.05
C LEU A 50 34.85 21.11 -9.50
N PHE A 51 33.72 21.57 -10.04
CA PHE A 51 33.69 22.19 -11.34
C PHE A 51 34.04 23.67 -11.14
N VAL A 52 34.88 24.20 -12.02
CA VAL A 52 35.35 25.59 -11.92
C VAL A 52 34.81 26.38 -13.10
N GLU A 53 33.94 27.35 -12.81
CA GLU A 53 33.45 28.24 -13.84
C GLU A 53 34.34 29.48 -13.94
N ARG A 54 34.80 29.77 -15.15
CA ARG A 54 35.64 30.93 -15.38
C ARG A 54 34.78 32.13 -15.76
N SER A 55 35.33 33.33 -15.61
CA SER A 55 34.54 34.51 -15.93
C SER A 55 34.27 34.66 -17.43
N LYS A 56 35.21 34.29 -18.27
CA LYS A 56 34.99 34.44 -19.70
C LYS A 56 34.12 33.32 -20.29
N ALA A 57 33.37 32.58 -19.46
CA ALA A 57 32.50 31.55 -20.00
C ALA A 57 31.45 32.18 -20.90
N PHE A 58 31.01 31.42 -21.89
CA PHE A 58 30.08 31.99 -22.86
C PHE A 58 29.33 30.88 -23.59
N SER A 59 28.24 31.27 -24.26
CA SER A 59 27.42 30.33 -25.00
C SER A 59 27.29 30.74 -26.46
N ASN A 60 27.37 29.77 -27.36
CA ASN A 60 27.21 30.07 -28.77
C ASN A 60 26.02 29.38 -29.43
N CYS A 61 25.33 28.46 -28.75
CA CYS A 61 24.21 27.86 -29.42
C CYS A 61 22.97 28.70 -29.18
N TYR A 62 21.83 28.18 -29.59
CA TYR A 62 20.62 28.99 -29.77
C TYR A 62 20.35 29.82 -28.52
N PRO A 63 20.02 31.10 -28.67
CA PRO A 63 19.83 31.96 -27.50
C PRO A 63 18.66 31.46 -26.66
N TYR A 64 18.90 31.38 -25.35
CA TYR A 64 17.99 30.72 -24.45
C TYR A 64 18.03 31.41 -23.09
N ASP A 65 17.20 30.91 -22.17
CA ASP A 65 17.17 31.38 -20.79
C ASP A 65 16.61 30.25 -19.94
N VAL A 66 17.02 30.21 -18.68
CA VAL A 66 16.57 29.14 -17.79
C VAL A 66 15.81 29.73 -16.60
N PRO A 67 14.49 29.60 -16.54
CA PRO A 67 13.78 29.87 -15.28
C PRO A 67 14.25 28.91 -14.20
N ASP A 68 14.49 29.44 -13.01
CA ASP A 68 15.06 28.68 -11.90
C ASP A 68 16.44 28.13 -12.26
N TYR A 69 17.26 28.99 -12.88
CA TYR A 69 18.56 28.59 -13.42
C TYR A 69 19.50 28.12 -12.31
N ALA A 70 19.66 28.93 -11.28
CA ALA A 70 20.63 28.58 -10.23
C ALA A 70 20.26 27.26 -9.56
N SER A 71 18.97 26.92 -9.51
CA SER A 71 18.59 25.65 -8.92
C SER A 71 19.02 24.50 -9.81
N LEU A 72 18.81 24.63 -11.11
CA LEU A 72 19.24 23.61 -12.06
C LEU A 72 20.75 23.42 -12.06
N ARG A 73 21.50 24.52 -12.25
CA ARG A 73 22.95 24.39 -12.40
C ARG A 73 23.57 23.75 -11.17
N SER A 74 23.07 24.06 -9.99
CA SER A 74 23.66 23.46 -8.80
C SER A 74 23.05 22.10 -8.48
N LEU A 75 21.94 21.75 -9.11
CA LEU A 75 21.42 20.39 -9.00
C LEU A 75 22.34 19.40 -9.71
N VAL A 76 22.89 19.81 -10.85
CA VAL A 76 23.84 18.95 -11.56
C VAL A 76 25.21 18.97 -10.89
N ALA A 77 25.59 20.10 -10.31
CA ALA A 77 26.86 20.21 -9.62
C ALA A 77 26.94 19.33 -8.37
N SER A 78 25.81 18.93 -7.81
CA SER A 78 25.86 18.14 -6.59
C SER A 78 25.98 16.65 -6.85
N SER A 79 25.47 16.17 -7.99
CA SER A 79 25.72 14.80 -8.39
C SER A 79 27.11 14.66 -9.00
N GLY A 80 27.64 15.73 -9.56
CA GLY A 80 29.02 15.73 -10.01
C GLY A 80 29.31 14.92 -11.26
N THR A 81 28.34 14.81 -12.16
CA THR A 81 28.57 14.07 -13.39
C THR A 81 27.59 14.56 -14.45
N LEU A 82 28.05 14.53 -15.70
CA LEU A 82 27.22 14.82 -16.86
C LEU A 82 26.91 13.56 -17.64
N GLU A 83 26.84 12.42 -16.95
CA GLU A 83 26.64 11.14 -17.61
C GLU A 83 25.29 11.12 -18.29
N PHE A 84 25.28 11.27 -19.61
CA PHE A 84 24.05 11.29 -20.38
C PHE A 84 23.84 9.94 -21.04
N ILE A 85 22.61 9.46 -21.00
CA ILE A 85 22.25 8.16 -21.55
C ILE A 85 21.08 8.37 -22.49
N THR A 86 21.35 8.28 -23.79
CA THR A 86 20.31 8.39 -24.80
C THR A 86 19.23 7.33 -24.59
N GLU A 87 17.98 7.72 -24.82
CA GLU A 87 16.86 6.83 -24.58
C GLU A 87 16.04 6.53 -25.82
N GLY A 88 16.39 7.11 -26.97
CA GLY A 88 15.78 6.73 -28.22
C GLY A 88 14.27 6.90 -28.23
N PHE A 89 13.80 8.14 -28.17
CA PHE A 89 12.37 8.35 -28.21
C PHE A 89 11.87 8.20 -29.64
N THR A 90 10.56 8.04 -29.78
CA THR A 90 9.93 7.96 -31.09
C THR A 90 9.08 9.21 -31.27
N TRP A 91 9.42 10.00 -32.27
CA TRP A 91 8.76 11.27 -32.55
C TRP A 91 8.09 11.04 -33.90
N THR A 92 6.80 10.71 -33.86
CA THR A 92 6.11 10.30 -35.08
C THR A 92 5.67 11.53 -35.86
N GLY A 93 6.31 11.77 -37.00
CA GLY A 93 5.82 12.77 -37.92
C GLY A 93 6.16 14.22 -37.61
N VAL A 94 7.22 14.48 -36.85
CA VAL A 94 7.49 15.85 -36.41
C VAL A 94 8.92 16.29 -36.73
N THR A 95 9.67 15.51 -37.52
CA THR A 95 10.98 15.94 -38.02
C THR A 95 12.04 16.32 -36.98
N GLN A 96 12.65 15.34 -36.32
CA GLN A 96 13.66 15.67 -35.33
C GLN A 96 14.88 16.28 -36.03
N ASN A 97 15.87 16.67 -35.21
CA ASN A 97 17.14 17.23 -35.68
C ASN A 97 16.94 18.53 -36.47
N GLY A 98 16.44 19.56 -35.79
CA GLY A 98 16.44 20.90 -36.34
C GLY A 98 17.59 21.70 -35.77
N GLY A 99 18.28 22.42 -36.65
CA GLY A 99 19.41 23.24 -36.23
C GLY A 99 19.48 24.51 -37.05
N SER A 100 20.31 25.44 -36.56
CA SER A 100 20.52 26.69 -37.28
C SER A 100 21.93 27.19 -37.00
N ASN A 101 22.32 28.22 -37.77
CA ASN A 101 23.70 28.69 -37.84
C ASN A 101 24.15 29.45 -36.60
N ALA A 102 23.24 29.85 -35.70
CA ALA A 102 23.71 30.36 -34.41
C ALA A 102 24.48 29.28 -33.70
N CYS A 103 23.98 28.04 -33.76
CA CYS A 103 24.68 26.87 -33.26
C CYS A 103 25.35 26.11 -34.41
N LYS A 104 26.34 26.73 -35.06
CA LYS A 104 26.99 26.01 -36.15
C LYS A 104 27.81 24.88 -35.57
N ARG A 105 27.37 23.65 -35.79
CA ARG A 105 28.11 22.45 -35.41
C ARG A 105 28.75 21.90 -36.67
N GLY A 106 30.07 21.86 -36.70
CA GLY A 106 30.81 21.40 -37.85
C GLY A 106 30.69 22.33 -39.04
N PRO A 107 30.27 21.82 -40.19
CA PRO A 107 30.26 22.65 -41.40
C PRO A 107 29.13 23.68 -41.40
N GLY A 108 27.99 23.34 -40.81
CA GLY A 108 26.82 24.20 -40.86
C GLY A 108 25.90 24.09 -39.68
N SER A 109 24.61 23.98 -39.96
CA SER A 109 23.56 23.93 -38.94
C SER A 109 23.86 22.89 -37.86
N GLY A 110 23.59 23.29 -36.61
CA GLY A 110 23.63 22.39 -35.48
C GLY A 110 22.67 22.87 -34.41
N PHE A 111 22.66 22.15 -33.30
CA PHE A 111 21.76 22.45 -32.19
C PHE A 111 22.42 21.93 -30.91
N PHE A 112 21.73 22.14 -29.79
CA PHE A 112 22.20 21.58 -28.53
C PHE A 112 22.40 20.09 -28.68
N SER A 113 23.54 19.60 -28.18
CA SER A 113 23.87 18.19 -28.38
C SER A 113 22.87 17.28 -27.70
N ARG A 114 22.40 17.67 -26.51
CA ARG A 114 21.50 16.86 -25.70
C ARG A 114 20.04 17.24 -25.90
N LEU A 115 19.74 18.14 -26.84
CA LEU A 115 18.38 18.61 -27.07
C LEU A 115 17.98 18.39 -28.52
N ASN A 116 16.68 18.14 -28.72
CA ASN A 116 16.12 17.71 -30.00
C ASN A 116 15.07 18.73 -30.43
N TRP A 117 15.45 19.65 -31.32
CA TRP A 117 14.52 20.67 -31.79
C TRP A 117 13.66 20.09 -32.90
N LEU A 118 12.36 19.99 -32.66
CA LEU A 118 11.41 19.41 -33.60
C LEU A 118 10.79 20.49 -34.48
N THR A 119 10.41 20.11 -35.69
CA THR A 119 9.78 21.01 -36.66
C THR A 119 8.51 20.32 -37.16
N LYS A 120 7.96 20.83 -38.25
CA LYS A 120 6.88 20.15 -38.93
C LYS A 120 7.48 19.16 -39.92
N SER A 121 6.74 18.09 -40.23
CA SER A 121 7.14 17.11 -41.25
C SER A 121 6.12 17.10 -42.36
N GLY A 122 6.55 17.36 -43.59
CA GLY A 122 5.56 17.59 -44.60
C GLY A 122 5.01 18.99 -44.42
N SER A 123 3.74 19.08 -44.04
CA SER A 123 3.16 20.34 -43.61
C SER A 123 2.18 20.12 -42.47
N THR A 124 2.61 19.41 -41.43
CA THR A 124 1.75 19.16 -40.28
C THR A 124 2.58 19.11 -39.01
N TYR A 125 1.88 19.17 -37.87
CA TYR A 125 2.52 18.98 -36.57
C TYR A 125 1.48 18.38 -35.65
N PRO A 126 1.45 17.07 -35.53
CA PRO A 126 0.46 16.41 -34.67
C PRO A 126 0.77 16.56 -33.20
N VAL A 127 -0.23 16.28 -32.37
CA VAL A 127 -0.07 16.37 -30.92
C VAL A 127 0.56 15.07 -30.43
N LEU A 128 1.66 15.20 -29.68
CA LEU A 128 2.52 14.07 -29.33
C LEU A 128 2.01 13.37 -28.07
N ASN A 129 1.67 12.10 -28.21
CA ASN A 129 1.20 11.22 -27.12
C ASN A 129 2.35 10.32 -26.66
N VAL A 130 3.45 10.93 -26.28
CA VAL A 130 4.63 10.15 -25.93
C VAL A 130 4.54 9.48 -24.55
N THR A 131 5.46 8.54 -24.30
CA THR A 131 5.65 7.95 -22.98
C THR A 131 7.07 7.36 -22.87
N MET A 132 7.64 7.40 -21.65
CA MET A 132 8.94 6.80 -21.35
C MET A 132 9.09 6.47 -19.87
N PRO A 133 9.16 5.19 -19.49
CA PRO A 133 9.24 4.83 -18.07
C PRO A 133 10.65 4.69 -17.52
N ASN A 134 10.84 5.19 -16.30
CA ASN A 134 12.05 4.96 -15.50
C ASN A 134 11.73 3.80 -14.56
N ASN A 135 12.14 2.59 -14.94
CA ASN A 135 11.93 1.42 -14.10
C ASN A 135 13.20 0.93 -13.40
N ASP A 136 14.32 1.60 -13.61
CA ASP A 136 15.58 1.20 -13.00
C ASP A 136 15.68 1.70 -11.55
N ASN A 137 16.89 1.67 -10.99
CA ASN A 137 17.13 1.94 -9.58
C ASN A 137 17.71 3.32 -9.31
N PHE A 138 17.56 4.28 -10.22
CA PHE A 138 18.17 5.58 -9.99
C PHE A 138 17.30 6.68 -10.59
N ASP A 139 17.47 7.88 -10.08
CA ASP A 139 16.62 9.00 -10.51
C ASP A 139 17.14 9.63 -11.79
N LYS A 140 16.21 9.93 -12.69
CA LYS A 140 16.51 10.51 -13.99
C LYS A 140 16.18 11.99 -14.01
N LEU A 141 17.12 12.80 -14.48
CA LEU A 141 16.93 14.23 -14.68
C LEU A 141 16.72 14.47 -16.16
N TYR A 142 15.56 15.00 -16.54
CA TYR A 142 15.24 15.26 -17.93
C TYR A 142 15.30 16.76 -18.18
N ILE A 143 16.12 17.15 -19.15
CA ILE A 143 16.27 18.54 -19.54
C ILE A 143 15.54 18.74 -20.86
N TRP A 144 14.51 19.58 -20.83
CA TRP A 144 13.66 19.84 -21.98
C TRP A 144 13.41 21.34 -22.08
N GLY A 145 12.92 21.78 -23.24
CA GLY A 145 12.77 23.20 -23.50
C GLY A 145 11.51 23.51 -24.28
N ILE A 146 11.29 24.81 -24.48
CA ILE A 146 10.20 25.32 -25.31
C ILE A 146 10.75 26.43 -26.19
N HIS A 147 10.20 26.55 -27.40
CA HIS A 147 10.63 27.55 -28.35
C HIS A 147 9.66 28.72 -28.29
N HIS A 148 10.18 29.92 -28.04
CA HIS A 148 9.38 31.13 -28.10
C HIS A 148 9.67 31.80 -29.43
N PRO A 149 8.82 31.62 -30.44
CA PRO A 149 9.11 32.18 -31.77
C PRO A 149 9.17 33.69 -31.74
N SER A 150 9.53 34.26 -32.88
CA SER A 150 9.69 35.71 -33.01
C SER A 150 8.53 36.37 -33.72
N THR A 151 7.67 35.59 -34.37
CA THR A 151 6.50 36.16 -35.03
C THR A 151 5.44 35.08 -35.15
N ASP A 152 4.20 35.53 -35.38
CA ASP A 152 3.11 34.60 -35.59
C ASP A 152 3.37 33.76 -36.83
N GLN A 153 4.07 34.31 -37.82
CA GLN A 153 4.41 33.57 -39.02
C GLN A 153 5.41 32.45 -38.73
N GLU A 154 6.38 32.71 -37.84
CA GLU A 154 7.33 31.67 -37.45
C GLU A 154 6.62 30.50 -36.77
N GLN A 155 5.63 30.80 -35.93
CA GLN A 155 4.86 29.75 -35.25
C GLN A 155 4.16 28.87 -36.27
N THR A 156 3.53 29.48 -37.27
CA THR A 156 2.84 28.73 -38.30
C THR A 156 3.82 27.96 -39.18
N SER A 157 4.95 28.58 -39.55
CA SER A 157 5.86 27.97 -40.51
C SER A 157 6.45 26.65 -40.01
N LEU A 158 6.73 26.56 -38.71
CA LEU A 158 7.32 25.35 -38.13
C LEU A 158 6.35 24.50 -37.33
N TYR A 159 5.43 25.10 -36.58
CA TYR A 159 4.48 24.34 -35.75
C TYR A 159 3.10 24.86 -36.13
N VAL A 160 2.49 24.19 -37.12
CA VAL A 160 1.37 24.78 -37.88
C VAL A 160 0.27 25.30 -36.99
N GLN A 161 0.06 24.67 -35.83
CA GLN A 161 -0.93 25.15 -34.86
C GLN A 161 -0.76 26.65 -34.63
N ALA A 162 -1.90 27.34 -34.48
CA ALA A 162 -1.87 28.76 -34.17
C ALA A 162 -1.22 29.03 -32.82
N SER A 163 -1.46 28.14 -31.84
CA SER A 163 -0.85 28.27 -30.54
C SER A 163 -0.40 26.89 -30.06
N GLY A 164 0.86 26.80 -29.63
CA GLY A 164 1.40 25.53 -29.21
C GLY A 164 1.29 25.32 -27.71
N ARG A 165 1.77 24.17 -27.27
CA ARG A 165 1.76 23.82 -25.86
C ARG A 165 2.68 22.62 -25.66
N VAL A 166 3.30 22.55 -24.48
CA VAL A 166 4.08 21.41 -24.05
C VAL A 166 3.64 21.04 -22.65
N THR A 167 3.52 19.74 -22.38
CA THR A 167 3.11 19.26 -21.07
C THR A 167 3.95 18.04 -20.72
N VAL A 168 4.88 18.22 -19.78
CA VAL A 168 5.78 17.15 -19.34
C VAL A 168 5.26 16.63 -18.01
N SER A 169 4.71 15.42 -18.03
CA SER A 169 3.99 14.88 -16.88
C SER A 169 4.78 13.74 -16.25
N THR A 170 4.54 13.55 -14.95
CA THR A 170 4.81 12.30 -14.24
C THR A 170 3.58 11.94 -13.41
N ARG A 171 3.70 10.86 -12.63
CA ARG A 171 2.66 10.53 -11.66
C ARG A 171 2.67 11.49 -10.48
N ARG A 172 3.76 12.23 -10.28
CA ARG A 172 3.89 13.23 -9.22
C ARG A 172 4.01 14.65 -9.75
N SER A 173 4.55 14.81 -10.96
CA SER A 173 4.84 16.12 -11.54
C SER A 173 3.87 16.44 -12.66
N GLN A 174 3.64 17.74 -12.86
CA GLN A 174 2.96 18.25 -14.03
C GLN A 174 3.44 19.66 -14.30
N GLN A 175 3.86 19.93 -15.54
CA GLN A 175 4.29 21.27 -15.95
C GLN A 175 3.83 21.54 -17.38
N THR A 176 2.95 22.52 -17.54
CA THR A 176 2.43 22.92 -18.84
C THR A 176 2.86 24.34 -19.13
N ILE A 177 3.71 24.51 -20.15
CA ILE A 177 4.24 25.82 -20.52
C ILE A 177 3.70 26.17 -21.91
N ILE A 178 3.46 27.46 -22.13
CA ILE A 178 2.92 27.97 -23.38
C ILE A 178 3.91 28.97 -23.95
N PRO A 179 4.21 28.89 -25.24
CA PRO A 179 5.18 29.83 -25.80
C PRO A 179 4.49 31.16 -26.07
N ASN A 180 5.03 32.22 -25.48
CA ASN A 180 4.54 33.57 -25.77
C ASN A 180 5.32 34.08 -26.97
N ILE A 181 4.60 34.44 -28.02
CA ILE A 181 5.24 34.83 -29.27
C ILE A 181 5.66 36.28 -29.19
N GLY A 182 6.94 36.53 -29.45
CA GLY A 182 7.47 37.87 -29.43
C GLY A 182 8.84 37.90 -30.07
N SER A 183 9.16 38.99 -30.75
CA SER A 183 10.46 39.14 -31.38
C SER A 183 11.36 39.87 -30.40
N ARG A 184 12.24 39.12 -29.76
CA ARG A 184 13.20 39.70 -28.83
C ARG A 184 14.28 40.39 -29.61
N PRO A 185 15.14 41.19 -28.96
CA PRO A 185 16.29 41.75 -29.66
C PRO A 185 17.27 40.64 -30.03
N TRP A 186 18.20 40.98 -30.92
CA TRP A 186 19.14 40.00 -31.42
C TRP A 186 20.16 39.60 -30.35
N VAL A 187 20.30 38.28 -30.14
CA VAL A 187 21.39 37.69 -29.38
C VAL A 187 21.96 36.56 -30.23
N ARG A 188 23.22 36.71 -30.66
CA ARG A 188 23.81 35.80 -31.63
C ARG A 188 22.89 35.69 -32.84
N GLY A 189 22.38 36.82 -33.25
CA GLY A 189 21.36 36.87 -34.30
C GLY A 189 19.96 36.75 -33.71
N LEU A 190 19.36 35.58 -33.85
CA LEU A 190 17.94 35.32 -33.62
C LEU A 190 17.17 36.18 -32.61
N SER A 191 15.91 36.46 -32.96
CA SER A 191 14.97 37.09 -32.05
C SER A 191 14.06 36.09 -31.36
N SER A 192 14.04 34.85 -31.79
CA SER A 192 13.35 33.79 -31.07
C SER A 192 14.19 33.34 -29.89
N ARG A 193 13.59 32.60 -28.97
CA ARG A 193 14.31 32.16 -27.79
C ARG A 193 13.93 30.74 -27.41
N ILE A 194 14.65 30.23 -26.41
CA ILE A 194 14.40 28.92 -25.83
C ILE A 194 14.45 29.05 -24.32
N SER A 195 13.44 28.53 -23.63
CA SER A 195 13.45 28.50 -22.17
C SER A 195 13.51 27.05 -21.68
N ILE A 196 14.37 26.81 -20.70
CA ILE A 196 14.75 25.46 -20.29
C ILE A 196 14.06 25.12 -18.98
N TYR A 197 13.39 23.97 -18.95
CA TYR A 197 12.81 23.44 -17.72
C TYR A 197 13.21 21.97 -17.59
N TRP A 198 13.18 21.46 -16.36
CA TRP A 198 13.69 20.12 -16.08
C TRP A 198 12.69 19.33 -15.24
N THR A 199 12.80 18.01 -15.35
CA THR A 199 11.88 17.06 -14.71
C THR A 199 12.67 15.87 -14.21
N ILE A 200 12.82 15.76 -12.90
CA ILE A 200 13.41 14.58 -12.26
C ILE A 200 12.37 13.47 -12.16
N VAL A 201 12.81 12.23 -12.33
CA VAL A 201 11.97 11.04 -12.20
C VAL A 201 12.55 10.13 -11.13
N LYS A 202 11.71 9.69 -10.16
CA LYS A 202 12.32 8.71 -9.27
C LYS A 202 11.86 7.28 -9.63
N PRO A 203 12.52 6.24 -9.09
CA PRO A 203 12.32 4.87 -9.62
C PRO A 203 10.87 4.43 -9.69
N GLY A 204 10.54 3.73 -10.77
CA GLY A 204 9.21 3.24 -11.00
C GLY A 204 8.32 4.24 -11.71
N ASP A 205 8.56 5.53 -11.50
CA ASP A 205 7.70 6.56 -12.05
C ASP A 205 7.93 6.67 -13.56
N VAL A 206 7.02 7.39 -14.21
CA VAL A 206 6.95 7.47 -15.68
C VAL A 206 6.89 8.94 -16.09
N LEU A 207 7.53 9.26 -17.22
CA LEU A 207 7.51 10.61 -17.77
C LEU A 207 6.79 10.59 -19.11
N VAL A 208 5.71 11.37 -19.22
CA VAL A 208 4.95 11.51 -20.45
C VAL A 208 4.93 12.98 -20.85
N ILE A 209 4.91 13.22 -22.16
CA ILE A 209 5.05 14.55 -22.75
C ILE A 209 3.95 14.74 -23.79
N ASN A 210 3.00 15.62 -23.51
CA ASN A 210 1.93 15.97 -24.44
C ASN A 210 2.20 17.35 -25.01
N SER A 211 2.05 17.50 -26.32
CA SER A 211 2.47 18.74 -26.95
C SER A 211 1.81 18.91 -28.32
N ASN A 212 1.24 20.10 -28.55
CA ASN A 212 0.74 20.48 -29.86
C ASN A 212 1.70 21.41 -30.60
N GLY A 213 2.87 21.68 -30.06
CA GLY A 213 3.82 22.50 -30.78
C GLY A 213 4.83 23.12 -29.84
N ASN A 214 5.86 23.71 -30.47
CA ASN A 214 6.93 24.46 -29.81
C ASN A 214 7.80 23.61 -28.91
N LEU A 215 7.70 22.29 -28.99
CA LEU A 215 8.44 21.41 -28.09
C LEU A 215 9.90 21.30 -28.52
N ILE A 216 10.79 21.41 -27.55
CA ILE A 216 12.22 21.10 -27.70
C ILE A 216 12.45 19.80 -26.94
N ALA A 217 12.52 18.69 -27.67
CA ALA A 217 12.48 17.38 -27.07
C ALA A 217 13.79 17.01 -26.39
N PRO A 218 13.75 16.13 -25.41
CA PRO A 218 14.97 15.54 -24.86
C PRO A 218 15.36 14.27 -25.60
N ARG A 219 16.65 13.94 -25.50
CA ARG A 219 17.15 12.71 -26.11
C ARG A 219 17.32 11.58 -25.12
N GLY A 220 17.46 11.87 -23.83
CA GLY A 220 17.73 10.85 -22.85
C GLY A 220 17.64 11.39 -21.43
N TYR A 221 18.63 11.04 -20.60
CA TYR A 221 18.62 11.44 -19.20
C TYR A 221 20.04 11.45 -18.67
N PHE A 222 20.23 12.18 -17.57
CA PHE A 222 21.48 12.22 -16.83
C PHE A 222 21.33 11.36 -15.58
N LYS A 223 22.20 10.37 -15.42
CA LYS A 223 22.17 9.57 -14.21
C LYS A 223 22.60 10.42 -13.03
N MET A 224 21.83 10.38 -11.95
CA MET A 224 22.02 11.27 -10.82
C MET A 224 22.50 10.47 -9.61
N ARG A 225 23.51 11.01 -8.93
CA ARG A 225 24.10 10.41 -7.74
C ARG A 225 24.14 11.45 -6.63
N THR A 226 24.59 11.02 -5.46
CA THR A 226 24.68 11.87 -4.27
C THR A 226 26.11 11.83 -3.76
N GLY A 227 26.78 12.96 -3.79
CA GLY A 227 28.17 12.98 -3.37
C GLY A 227 28.67 14.35 -2.94
N LYS A 228 30.00 14.45 -2.88
CA LYS A 228 30.71 15.62 -2.38
C LYS A 228 30.98 16.66 -3.47
N SER A 229 30.49 16.44 -4.67
CA SER A 229 30.74 17.36 -5.78
C SER A 229 30.12 18.73 -5.52
N SER A 230 30.62 19.71 -6.25
CA SER A 230 30.08 21.08 -6.24
C SER A 230 30.65 21.81 -7.45
N ILE A 231 30.49 23.13 -7.47
CA ILE A 231 30.94 23.97 -8.57
C ILE A 231 31.50 25.26 -7.95
N MET A 232 32.34 25.96 -8.73
CA MET A 232 32.96 27.17 -8.24
C MET A 232 33.19 28.12 -9.40
N ARG A 233 32.95 29.41 -9.14
CA ARG A 233 33.27 30.47 -10.09
C ARG A 233 34.61 31.04 -9.67
N SER A 234 35.59 30.99 -10.58
CA SER A 234 36.93 31.41 -10.21
C SER A 234 37.77 31.58 -11.46
N ASP A 235 38.79 32.43 -11.35
CA ASP A 235 39.80 32.60 -12.38
C ASP A 235 41.19 32.20 -11.89
N ALA A 236 41.28 31.44 -10.81
CA ALA A 236 42.56 31.00 -10.29
C ALA A 236 43.09 29.85 -11.15
N PRO A 237 44.36 29.88 -11.56
CA PRO A 237 44.87 28.82 -12.45
C PRO A 237 44.98 27.49 -11.72
N ILE A 238 45.04 26.43 -12.51
CA ILE A 238 45.10 25.07 -12.00
C ILE A 238 46.52 24.53 -12.18
N ASP A 239 47.07 23.98 -11.09
CA ASP A 239 48.41 23.42 -11.06
C ASP A 239 48.30 22.03 -10.45
N THR A 240 49.32 21.21 -10.67
CA THR A 240 49.35 19.87 -10.07
C THR A 240 50.08 19.98 -8.75
N CYS A 241 49.33 19.88 -7.66
CA CYS A 241 49.84 20.12 -6.31
C CYS A 241 48.83 19.54 -5.33
N ILE A 242 49.04 19.79 -4.04
CA ILE A 242 48.23 19.21 -2.99
C ILE A 242 47.67 20.32 -2.11
N SER A 243 46.36 20.29 -1.89
CA SER A 243 45.69 21.12 -0.90
C SER A 243 44.31 20.55 -0.75
N GLU A 244 43.81 20.46 0.48
CA GLU A 244 42.60 19.67 0.64
C GLU A 244 41.34 20.55 0.52
N CYS A 245 41.44 21.88 0.72
CA CYS A 245 40.34 22.81 0.45
C CYS A 245 40.74 23.89 -0.56
N ILE A 246 39.76 24.34 -1.36
CA ILE A 246 39.93 25.31 -2.43
C ILE A 246 38.97 26.49 -2.27
N THR A 247 39.48 27.70 -2.48
CA THR A 247 38.73 28.95 -2.51
C THR A 247 38.71 29.53 -3.92
N PRO A 248 37.81 30.48 -4.22
CA PRO A 248 37.91 31.22 -5.48
C PRO A 248 39.24 31.92 -5.67
N ASN A 249 39.99 32.16 -4.60
CA ASN A 249 41.31 32.76 -4.68
C ASN A 249 42.41 31.72 -4.80
N GLY A 250 42.09 30.50 -5.21
CA GLY A 250 43.05 29.43 -5.17
C GLY A 250 43.02 28.68 -3.85
N SER A 251 43.76 27.58 -3.82
CA SER A 251 43.73 26.63 -2.71
C SER A 251 44.20 27.28 -1.42
N ILE A 252 43.89 26.62 -0.30
CA ILE A 252 44.25 27.12 1.01
C ILE A 252 45.01 26.01 1.72
N PRO A 253 45.95 26.34 2.61
CA PRO A 253 46.41 25.33 3.56
C PRO A 253 45.37 25.18 4.65
N ASN A 254 45.18 23.95 5.13
CA ASN A 254 44.18 23.65 6.14
C ASN A 254 44.83 23.61 7.51
N ASP A 255 45.93 24.35 7.63
CA ASP A 255 46.83 24.39 8.76
C ASP A 255 46.23 25.06 9.99
N LYS A 256 45.64 26.12 9.80
CA LYS A 256 45.04 27.11 10.67
C LYS A 256 43.56 26.84 10.85
N PRO A 257 43.03 27.12 12.05
CA PRO A 257 41.61 26.86 12.29
C PRO A 257 40.68 27.87 11.65
N PHE A 258 41.17 29.06 11.28
CA PHE A 258 40.36 30.08 10.65
C PHE A 258 41.03 30.57 9.37
N GLN A 259 40.22 31.26 8.56
CA GLN A 259 40.66 31.74 7.25
C GLN A 259 40.00 33.07 6.93
N ASN A 260 40.73 33.92 6.22
CA ASN A 260 40.22 35.25 5.90
C ASN A 260 39.93 35.46 4.42
N VAL A 261 40.43 34.60 3.54
CA VAL A 261 40.49 34.97 2.13
C VAL A 261 39.09 35.02 1.52
N ASN A 262 38.27 34.01 1.76
CA ASN A 262 36.94 34.02 1.14
C ASN A 262 35.95 33.15 1.90
N LYS A 263 34.67 33.56 1.86
CA LYS A 263 33.61 32.75 2.47
C LYS A 263 33.35 31.48 1.67
N ILE A 264 33.59 31.52 0.36
CA ILE A 264 33.32 30.37 -0.50
C ILE A 264 34.52 29.43 -0.43
N THR A 265 34.26 28.18 -0.07
CA THR A 265 35.30 27.16 0.10
C THR A 265 34.78 25.81 -0.40
N TYR A 266 35.65 24.81 -0.42
CA TYR A 266 35.26 23.46 -0.83
C TYR A 266 36.11 22.42 -0.12
N GLY A 267 35.47 21.47 0.55
CA GLY A 267 36.25 20.52 1.33
C GLY A 267 36.42 20.92 2.79
N ALA A 268 37.28 20.17 3.47
CA ALA A 268 37.60 20.49 4.85
C ALA A 268 38.47 21.73 4.86
N CYS A 269 37.91 22.85 5.27
CA CYS A 269 38.61 24.13 5.30
C CYS A 269 38.46 24.76 6.66
N PRO A 270 39.19 25.84 6.92
CA PRO A 270 38.92 26.60 8.14
C PRO A 270 37.61 27.34 7.95
N LYS A 271 37.11 27.91 9.05
CA LYS A 271 35.81 28.56 9.00
C LYS A 271 36.03 30.00 8.57
N TYR A 272 35.15 30.50 7.70
CA TYR A 272 35.35 31.88 7.26
C TYR A 272 35.24 32.79 8.46
N VAL A 273 36.11 33.80 8.48
CA VAL A 273 36.10 34.79 9.53
C VAL A 273 36.41 36.15 8.94
N LYS A 274 35.94 37.18 9.66
CA LYS A 274 36.14 38.57 9.28
C LYS A 274 37.49 39.11 9.74
N GLN A 275 38.14 38.43 10.68
CA GLN A 275 39.36 38.93 11.28
C GLN A 275 40.44 39.16 10.24
N ASN A 276 41.35 40.08 10.54
CA ASN A 276 42.51 40.31 9.71
C ASN A 276 43.80 39.74 10.29
N THR A 277 43.79 39.29 11.55
CA THR A 277 44.96 38.79 12.28
C THR A 277 44.51 38.29 13.65
N LEU A 278 45.11 37.19 14.11
CA LEU A 278 44.84 36.69 15.47
C LEU A 278 46.03 35.86 15.95
N LYS A 279 46.86 36.44 16.82
CA LYS A 279 48.05 35.77 17.33
C LYS A 279 47.81 35.23 18.73
N LEU A 280 47.89 33.91 18.88
CA LEU A 280 47.84 33.24 20.18
C LEU A 280 49.24 33.06 20.73
N ALA A 281 49.45 33.45 21.99
CA ALA A 281 50.79 33.45 22.57
C ALA A 281 51.27 32.03 22.89
N THR A 282 52.49 31.71 22.48
CA THR A 282 53.10 30.42 22.79
C THR A 282 54.40 30.58 23.57
N THR B 1 -41.61 27.59 -36.15
CA THR B 1 -40.19 27.72 -36.45
C THR B 1 -39.45 26.41 -36.19
N ASN B 2 -38.94 26.28 -34.96
CA ASN B 2 -38.22 25.11 -34.50
C ASN B 2 -38.69 24.77 -33.10
N ALA B 3 -38.24 23.64 -32.58
CA ALA B 3 -38.62 23.26 -31.22
C ALA B 3 -37.61 22.27 -30.67
N THR B 4 -37.31 22.42 -29.37
CA THR B 4 -36.50 21.47 -28.62
C THR B 4 -37.37 20.86 -27.54
N GLU B 5 -37.41 19.53 -27.51
CA GLU B 5 -38.07 18.79 -26.45
C GLU B 5 -37.15 18.55 -25.28
N LEU B 6 -37.72 18.62 -24.07
CA LEU B 6 -36.95 18.66 -22.83
C LEU B 6 -37.14 17.43 -21.96
N VAL B 7 -38.08 16.56 -22.31
CA VAL B 7 -38.34 15.33 -21.57
C VAL B 7 -37.70 14.16 -22.31
N GLN B 8 -36.75 13.53 -21.64
CA GLN B 8 -36.02 12.37 -22.15
C GLN B 8 -36.90 11.12 -22.02
N SER B 9 -37.51 10.71 -23.11
CA SER B 9 -38.43 9.57 -23.16
C SER B 9 -37.77 8.30 -23.70
N SER B 10 -36.46 8.31 -23.91
CA SER B 10 -35.79 7.28 -24.68
C SER B 10 -34.71 6.61 -23.84
N SER B 11 -34.55 5.30 -24.03
CA SER B 11 -33.56 4.51 -23.33
C SER B 11 -32.55 3.89 -24.30
N THR B 12 -31.42 3.43 -23.76
CA THR B 12 -30.51 2.65 -24.59
C THR B 12 -30.93 1.19 -24.65
N GLY B 13 -31.62 0.73 -23.62
CA GLY B 13 -31.93 -0.67 -23.49
C GLY B 13 -30.81 -1.48 -22.90
N LYS B 14 -29.60 -0.90 -22.84
CA LYS B 14 -28.41 -1.57 -22.37
C LYS B 14 -27.70 -0.69 -21.35
N ILE B 15 -27.06 -1.33 -20.36
CA ILE B 15 -26.27 -0.61 -19.37
C ILE B 15 -24.84 -0.53 -19.88
N CYS B 16 -24.25 0.66 -19.84
CA CYS B 16 -22.94 0.94 -20.40
C CYS B 16 -21.92 1.15 -19.30
N ASN B 17 -20.86 0.35 -19.34
CA ASN B 17 -19.81 0.25 -18.32
C ASN B 17 -18.92 1.48 -18.24
N ASN B 18 -19.23 2.58 -18.93
CA ASN B 18 -18.44 3.81 -18.81
C ASN B 18 -19.34 5.03 -18.70
N PRO B 19 -18.95 6.03 -17.90
CA PRO B 19 -17.67 6.05 -17.15
C PRO B 19 -17.74 5.38 -15.78
N HIS B 20 -18.79 4.62 -15.51
CA HIS B 20 -19.00 4.03 -14.20
C HIS B 20 -18.59 2.56 -14.22
N ARG B 21 -17.73 2.17 -13.28
CA ARG B 21 -17.46 0.75 -13.10
C ARG B 21 -18.72 0.09 -12.56
N ILE B 22 -19.37 -0.73 -13.38
CA ILE B 22 -20.66 -1.34 -13.05
C ILE B 22 -20.39 -2.82 -12.82
N LEU B 23 -20.79 -3.32 -11.66
CA LEU B 23 -20.55 -4.70 -11.26
C LEU B 23 -21.84 -5.49 -11.45
N ASP B 24 -21.81 -6.45 -12.37
CA ASP B 24 -22.95 -7.31 -12.64
C ASP B 24 -22.98 -8.44 -11.62
N GLY B 25 -23.91 -8.36 -10.67
CA GLY B 25 -24.14 -9.45 -9.76
C GLY B 25 -25.04 -10.49 -10.37
N ILE B 26 -24.48 -11.33 -11.24
CA ILE B 26 -25.29 -12.10 -12.17
C ILE B 26 -26.26 -13.03 -11.44
N ASP B 27 -25.74 -13.98 -10.66
CA ASP B 27 -26.57 -14.97 -9.99
C ASP B 27 -26.67 -14.74 -8.48
N CYS B 28 -26.10 -13.66 -7.95
CA CYS B 28 -26.20 -13.40 -6.53
C CYS B 28 -26.68 -11.99 -6.26
N THR B 29 -27.17 -11.82 -5.04
CA THR B 29 -27.44 -10.51 -4.48
C THR B 29 -26.18 -9.93 -3.81
N LEU B 30 -26.32 -8.69 -3.36
CA LEU B 30 -25.23 -8.04 -2.62
C LEU B 30 -25.05 -8.65 -1.23
N ILE B 31 -26.12 -9.15 -0.62
CA ILE B 31 -25.94 -9.81 0.67
C ILE B 31 -25.30 -11.17 0.47
N ASP B 32 -25.75 -11.91 -0.54
CA ASP B 32 -25.12 -13.19 -0.85
C ASP B 32 -23.63 -13.00 -1.14
N ALA B 33 -23.29 -11.98 -1.93
CA ALA B 33 -21.89 -11.70 -2.18
C ALA B 33 -21.16 -11.27 -0.92
N LEU B 34 -21.86 -10.60 0.01
CA LEU B 34 -21.24 -10.17 1.26
C LEU B 34 -21.10 -11.31 2.26
N LEU B 35 -22.10 -12.19 2.33
CA LEU B 35 -22.04 -13.32 3.27
C LEU B 35 -21.05 -14.38 2.81
N GLY B 36 -20.93 -14.58 1.50
CA GLY B 36 -20.03 -15.61 0.99
C GLY B 36 -20.71 -16.89 0.56
N ASP B 37 -21.76 -16.77 -0.23
CA ASP B 37 -22.41 -17.93 -0.82
C ASP B 37 -21.44 -18.63 -1.76
N PRO B 38 -21.27 -19.96 -1.67
CA PRO B 38 -20.21 -20.62 -2.45
C PRO B 38 -20.31 -20.41 -3.94
N HIS B 39 -21.52 -20.28 -4.50
CA HIS B 39 -21.62 -20.06 -5.93
C HIS B 39 -21.33 -18.62 -6.32
N CYS B 40 -21.08 -17.73 -5.36
CA CYS B 40 -20.73 -16.35 -5.68
C CYS B 40 -19.53 -15.84 -4.90
N ASP B 41 -18.66 -16.72 -4.42
CA ASP B 41 -17.40 -16.28 -3.85
C ASP B 41 -16.47 -15.73 -4.91
N VAL B 42 -16.93 -15.69 -6.16
CA VAL B 42 -16.28 -14.95 -7.22
C VAL B 42 -16.13 -13.49 -6.87
N PHE B 43 -17.11 -12.98 -6.13
CA PHE B 43 -17.21 -11.58 -5.77
C PHE B 43 -16.44 -11.22 -4.51
N GLN B 44 -15.56 -12.10 -4.03
CA GLN B 44 -14.76 -11.78 -2.88
C GLN B 44 -13.88 -10.58 -3.15
N ASN B 45 -13.82 -9.67 -2.18
CA ASN B 45 -12.96 -8.49 -2.27
C ASN B 45 -13.20 -7.71 -3.57
N GLU B 46 -14.48 -7.48 -3.91
CA GLU B 46 -14.85 -6.74 -5.11
C GLU B 46 -15.25 -5.31 -4.77
N THR B 47 -15.00 -4.40 -5.72
CA THR B 47 -15.42 -3.00 -5.62
C THR B 47 -16.20 -2.63 -6.87
N TRP B 48 -16.99 -1.55 -6.76
CA TRP B 48 -17.88 -1.14 -7.85
C TRP B 48 -18.31 0.31 -7.62
N ASP B 49 -18.98 0.87 -8.65
CA ASP B 49 -19.73 2.12 -8.52
C ASP B 49 -21.23 1.89 -8.47
N LEU B 50 -21.75 0.90 -9.19
CA LEU B 50 -23.15 0.53 -9.14
C LEU B 50 -23.23 -0.97 -9.29
N PHE B 51 -23.75 -1.64 -8.27
CA PHE B 51 -23.99 -3.07 -8.30
C PHE B 51 -25.33 -3.34 -8.96
N VAL B 52 -25.37 -4.38 -9.78
CA VAL B 52 -26.55 -4.76 -10.53
C VAL B 52 -27.08 -6.06 -9.97
N GLU B 53 -28.26 -6.00 -9.34
CA GLU B 53 -28.94 -7.22 -8.90
C GLU B 53 -29.91 -7.64 -9.99
N ARG B 54 -29.80 -8.90 -10.41
CA ARG B 54 -30.58 -9.44 -11.51
C ARG B 54 -31.86 -10.13 -11.02
N SER B 55 -32.79 -10.31 -11.96
CA SER B 55 -34.03 -11.00 -11.62
C SER B 55 -33.79 -12.47 -11.32
N LYS B 56 -32.82 -13.09 -11.99
CA LYS B 56 -32.54 -14.50 -11.78
C LYS B 56 -31.70 -14.77 -10.53
N ALA B 57 -31.57 -13.78 -9.66
CA ALA B 57 -30.77 -13.92 -8.46
C ALA B 57 -31.38 -14.97 -7.52
N PHE B 58 -30.52 -15.62 -6.77
CA PHE B 58 -30.92 -16.69 -5.86
C PHE B 58 -29.82 -16.91 -4.83
N SER B 59 -30.15 -17.66 -3.79
CA SER B 59 -29.18 -18.05 -2.76
C SER B 59 -29.14 -19.57 -2.64
N ASN B 60 -27.93 -20.11 -2.52
CA ASN B 60 -27.74 -21.56 -2.44
C ASN B 60 -27.14 -22.03 -1.12
N CYS B 61 -26.89 -21.14 -0.18
CA CYS B 61 -26.33 -21.48 1.11
C CYS B 61 -27.41 -21.45 2.20
N TYR B 62 -26.97 -21.57 3.45
CA TYR B 62 -27.81 -21.90 4.59
C TYR B 62 -29.03 -20.96 4.64
N PRO B 63 -30.22 -21.49 4.93
CA PRO B 63 -31.41 -20.63 4.96
C PRO B 63 -31.30 -19.60 6.07
N TYR B 64 -31.53 -18.35 5.71
CA TYR B 64 -31.30 -17.25 6.63
C TYR B 64 -32.28 -16.13 6.33
N ASP B 65 -32.20 -15.09 7.15
CA ASP B 65 -33.00 -13.89 7.00
C ASP B 65 -32.27 -12.76 7.67
N VAL B 66 -32.46 -11.56 7.14
CA VAL B 66 -31.81 -10.37 7.67
C VAL B 66 -32.88 -9.40 8.13
N PRO B 67 -33.15 -9.33 9.44
CA PRO B 67 -33.92 -8.20 9.95
C PRO B 67 -33.15 -6.92 9.68
N ASP B 68 -33.86 -5.91 9.18
CA ASP B 68 -33.24 -4.68 8.67
C ASP B 68 -32.37 -4.99 7.44
N TYR B 69 -32.94 -5.79 6.53
CA TYR B 69 -32.22 -6.23 5.34
C TYR B 69 -31.88 -5.04 4.43
N ALA B 70 -32.89 -4.22 4.12
CA ALA B 70 -32.69 -3.16 3.14
C ALA B 70 -31.65 -2.13 3.59
N SER B 71 -31.51 -1.94 4.90
CA SER B 71 -30.51 -1.00 5.38
C SER B 71 -29.10 -1.56 5.19
N LEU B 72 -28.92 -2.84 5.48
CA LEU B 72 -27.64 -3.50 5.24
C LEU B 72 -27.28 -3.48 3.75
N ARG B 73 -28.20 -3.91 2.88
CA ARG B 73 -27.86 -4.03 1.47
C ARG B 73 -27.43 -2.71 0.87
N SER B 74 -28.07 -1.59 1.24
CA SER B 74 -27.66 -0.35 0.60
C SER B 74 -26.56 0.40 1.33
N LEU B 75 -26.35 0.14 2.63
CA LEU B 75 -25.16 0.71 3.25
C LEU B 75 -23.92 0.04 2.70
N VAL B 76 -24.01 -1.25 2.41
CA VAL B 76 -22.90 -1.91 1.74
C VAL B 76 -22.82 -1.41 0.30
N ALA B 77 -23.98 -1.09 -0.29
CA ALA B 77 -23.99 -0.53 -1.63
C ALA B 77 -23.40 0.86 -1.69
N SER B 78 -23.39 1.58 -0.58
CA SER B 78 -22.84 2.94 -0.55
C SER B 78 -21.35 2.96 -0.22
N SER B 79 -20.83 1.95 0.46
CA SER B 79 -19.38 1.85 0.61
C SER B 79 -18.73 1.28 -0.63
N GLY B 80 -19.44 0.44 -1.38
CA GLY B 80 -18.97 -0.01 -2.68
C GLY B 80 -17.79 -0.94 -2.66
N THR B 81 -17.64 -1.76 -1.63
CA THR B 81 -16.55 -2.73 -1.61
C THR B 81 -16.91 -3.87 -0.69
N LEU B 82 -16.42 -5.06 -1.05
CA LEU B 82 -16.53 -6.26 -0.23
C LEU B 82 -15.19 -6.64 0.36
N GLU B 83 -14.33 -5.65 0.61
CA GLU B 83 -12.99 -5.91 1.09
C GLU B 83 -13.04 -6.58 2.45
N PHE B 84 -12.79 -7.87 2.50
CA PHE B 84 -12.84 -8.63 3.75
C PHE B 84 -11.42 -8.83 4.24
N ILE B 85 -11.22 -8.59 5.54
CA ILE B 85 -9.91 -8.74 6.16
C ILE B 85 -10.14 -9.62 7.37
N THR B 86 -9.77 -10.90 7.26
CA THR B 86 -9.86 -11.81 8.39
C THR B 86 -9.00 -11.27 9.53
N GLU B 87 -9.49 -11.43 10.75
CA GLU B 87 -8.84 -10.83 11.90
C GLU B 87 -8.34 -11.88 12.89
N GLY B 88 -8.55 -13.15 12.61
CA GLY B 88 -7.98 -14.21 13.41
C GLY B 88 -8.43 -14.15 14.85
N PHE B 89 -9.71 -14.43 15.08
CA PHE B 89 -10.21 -14.41 16.44
C PHE B 89 -9.80 -15.68 17.17
N THR B 90 -9.94 -15.63 18.49
CA THR B 90 -9.64 -16.75 19.35
C THR B 90 -10.96 -17.25 19.92
N TRP B 91 -11.31 -18.48 19.59
CA TRP B 91 -12.56 -19.08 20.03
C TRP B 91 -12.19 -20.32 20.84
N THR B 92 -12.19 -20.18 22.16
CA THR B 92 -11.73 -21.22 23.07
C THR B 92 -12.86 -22.17 23.42
N GLY B 93 -12.68 -23.45 23.10
CA GLY B 93 -13.62 -24.47 23.52
C GLY B 93 -14.82 -24.60 22.62
N VAL B 94 -14.71 -24.13 21.40
CA VAL B 94 -15.83 -24.15 20.46
C VAL B 94 -15.45 -24.82 19.16
N THR B 95 -14.20 -24.66 18.76
CA THR B 95 -13.70 -25.24 17.52
C THR B 95 -14.55 -24.93 16.29
N GLN B 96 -14.34 -23.73 15.75
CA GLN B 96 -15.15 -23.14 14.69
C GLN B 96 -15.09 -23.97 13.40
N ASN B 97 -15.76 -23.44 12.37
CA ASN B 97 -15.98 -24.03 11.05
C ASN B 97 -16.90 -25.25 11.05
N GLY B 98 -18.17 -25.05 11.40
CA GLY B 98 -19.20 -26.07 11.20
C GLY B 98 -19.98 -25.78 9.93
N GLY B 99 -20.29 -26.84 9.19
CA GLY B 99 -21.00 -26.69 7.94
C GLY B 99 -21.99 -27.83 7.71
N SER B 100 -22.83 -27.65 6.71
CA SER B 100 -23.80 -28.66 6.33
C SER B 100 -24.04 -28.60 4.83
N ASN B 101 -24.75 -29.62 4.34
CA ASN B 101 -24.92 -29.91 2.93
C ASN B 101 -25.86 -28.96 2.19
N ALA B 102 -26.65 -28.14 2.91
CA ALA B 102 -27.42 -27.11 2.22
C ALA B 102 -26.49 -26.14 1.53
N CYS B 103 -25.42 -25.78 2.22
CA CYS B 103 -24.36 -24.94 1.71
C CYS B 103 -23.13 -25.77 1.35
N LYS B 104 -23.22 -26.73 0.41
CA LYS B 104 -22.01 -27.50 0.11
C LYS B 104 -21.05 -26.59 -0.62
N ARG B 105 -19.93 -26.29 0.00
CA ARG B 105 -18.87 -25.51 -0.62
C ARG B 105 -17.87 -26.52 -1.17
N GLY B 106 -17.73 -26.55 -2.49
CA GLY B 106 -16.87 -27.52 -3.13
C GLY B 106 -17.43 -28.92 -3.01
N PRO B 107 -16.64 -29.84 -2.47
CA PRO B 107 -17.03 -31.26 -2.47
C PRO B 107 -18.11 -31.62 -1.47
N GLY B 108 -18.11 -31.00 -0.29
CA GLY B 108 -19.02 -31.41 0.75
C GLY B 108 -19.46 -30.32 1.70
N SER B 109 -19.46 -30.63 2.99
CA SER B 109 -19.95 -29.69 4.00
C SER B 109 -19.31 -28.32 3.83
N GLY B 110 -20.14 -27.28 3.88
CA GLY B 110 -19.64 -25.92 3.84
C GLY B 110 -20.59 -24.94 4.50
N PHE B 111 -20.20 -23.68 4.44
CA PHE B 111 -20.96 -22.58 5.04
C PHE B 111 -20.61 -21.29 4.30
N PHE B 112 -21.24 -20.19 4.72
CA PHE B 112 -20.88 -18.88 4.19
C PHE B 112 -19.39 -18.64 4.40
N SER B 113 -18.73 -18.11 3.37
CA SER B 113 -17.28 -17.94 3.43
C SER B 113 -16.88 -16.97 4.53
N ARG B 114 -17.66 -15.92 4.73
CA ARG B 114 -17.28 -14.87 5.67
C ARG B 114 -17.88 -15.08 7.05
N LEU B 115 -18.60 -16.16 7.27
CA LEU B 115 -19.26 -16.41 8.55
C LEU B 115 -18.84 -17.77 9.09
N ASN B 116 -18.78 -17.85 10.42
CA ASN B 116 -18.17 -18.95 11.15
C ASN B 116 -19.20 -19.61 12.05
N TRP B 117 -19.75 -20.75 11.61
CA TRP B 117 -20.74 -21.46 12.40
C TRP B 117 -20.05 -22.30 13.47
N LEU B 118 -20.24 -21.94 14.74
CA LEU B 118 -19.69 -22.66 15.87
C LEU B 118 -20.73 -23.63 16.41
N THR B 119 -20.27 -24.77 16.92
CA THR B 119 -21.12 -25.77 17.54
C THR B 119 -20.47 -26.09 18.88
N LYS B 120 -20.90 -27.19 19.50
CA LYS B 120 -20.28 -27.57 20.76
C LYS B 120 -19.02 -28.38 20.54
N SER B 121 -18.10 -28.27 21.49
CA SER B 121 -16.85 -29.02 21.52
C SER B 121 -16.76 -29.85 22.78
N GLY B 122 -16.47 -31.14 22.63
CA GLY B 122 -16.53 -32.06 23.75
C GLY B 122 -17.94 -32.49 24.10
N SER B 123 -18.40 -32.14 25.30
CA SER B 123 -19.81 -32.33 25.65
C SER B 123 -20.34 -31.19 26.50
N THR B 124 -19.78 -30.00 26.32
CA THR B 124 -20.22 -28.78 27.01
C THR B 124 -19.96 -27.64 26.04
N TYR B 125 -20.51 -26.46 26.34
CA TYR B 125 -20.23 -25.28 25.53
C TYR B 125 -20.23 -24.06 26.44
N PRO B 126 -19.04 -23.64 26.87
CA PRO B 126 -18.89 -22.48 27.74
C PRO B 126 -19.12 -21.16 27.00
N VAL B 127 -19.30 -20.10 27.78
CA VAL B 127 -19.58 -18.76 27.24
C VAL B 127 -18.28 -18.12 26.78
N LEU B 128 -18.32 -17.48 25.61
CA LEU B 128 -17.09 -17.05 24.93
C LEU B 128 -16.52 -15.74 25.47
N ASN B 129 -17.23 -14.64 25.26
CA ASN B 129 -16.83 -13.32 25.76
C ASN B 129 -15.46 -12.89 25.24
N VAL B 130 -15.27 -12.97 23.91
CA VAL B 130 -14.06 -12.55 23.21
C VAL B 130 -14.11 -11.04 22.94
N THR B 131 -12.99 -10.47 22.48
CA THR B 131 -12.94 -9.05 22.12
C THR B 131 -11.98 -8.82 20.96
N MET B 132 -12.23 -7.73 20.23
CA MET B 132 -11.41 -7.31 19.09
C MET B 132 -11.42 -5.80 18.97
N PRO B 133 -10.29 -5.13 19.20
CA PRO B 133 -10.28 -3.66 19.18
C PRO B 133 -10.04 -3.11 17.77
N ASN B 134 -10.76 -2.05 17.44
CA ASN B 134 -10.53 -1.32 16.19
C ASN B 134 -9.57 -0.19 16.50
N ASN B 135 -8.29 -0.42 16.21
CA ASN B 135 -7.24 0.57 16.35
C ASN B 135 -6.86 1.19 15.02
N ASP B 136 -7.58 0.86 13.94
CA ASP B 136 -7.28 1.38 12.61
C ASP B 136 -7.80 2.81 12.48
N ASN B 137 -7.79 3.32 11.25
CA ASN B 137 -8.20 4.69 10.96
C ASN B 137 -9.52 4.77 10.18
N PHE B 138 -10.31 3.72 10.19
CA PHE B 138 -11.51 3.66 9.36
C PHE B 138 -12.58 2.83 10.07
N ASP B 139 -13.82 2.95 9.59
CA ASP B 139 -14.91 2.27 10.25
C ASP B 139 -14.93 0.80 9.84
N LYS B 140 -15.06 -0.07 10.84
CA LYS B 140 -15.07 -1.52 10.64
C LYS B 140 -16.49 -2.03 10.82
N LEU B 141 -16.98 -2.77 9.83
CA LEU B 141 -18.29 -3.40 9.86
C LEU B 141 -18.12 -4.89 10.05
N TYR B 142 -18.71 -5.43 11.13
CA TYR B 142 -18.64 -6.85 11.42
C TYR B 142 -19.99 -7.50 11.16
N ILE B 143 -19.99 -8.54 10.35
CA ILE B 143 -21.19 -9.29 10.02
C ILE B 143 -21.21 -10.57 10.84
N TRP B 144 -22.22 -10.71 11.69
CA TRP B 144 -22.35 -11.86 12.57
C TRP B 144 -23.78 -12.37 12.52
N GLY B 145 -23.98 -13.58 13.05
CA GLY B 145 -25.28 -14.20 13.00
C GLY B 145 -25.58 -14.97 14.27
N ILE B 146 -26.82 -15.45 14.34
CA ILE B 146 -27.28 -16.32 15.43
C ILE B 146 -28.10 -17.43 14.79
N HIS B 147 -28.05 -18.61 15.39
CA HIS B 147 -28.70 -19.79 14.83
C HIS B 147 -30.06 -20.00 15.48
N HIS B 148 -31.10 -20.12 14.63
CA HIS B 148 -32.43 -20.47 15.10
C HIS B 148 -32.67 -21.95 14.81
N PRO B 149 -32.44 -22.86 15.76
CA PRO B 149 -32.58 -24.30 15.50
C PRO B 149 -34.01 -24.71 15.19
N SER B 150 -34.22 -25.98 14.88
CA SER B 150 -35.54 -26.47 14.51
C SER B 150 -36.22 -27.27 15.62
N THR B 151 -35.47 -27.67 16.65
CA THR B 151 -36.05 -28.39 17.78
C THR B 151 -35.12 -28.18 18.97
N ASP B 152 -35.67 -28.41 20.17
CA ASP B 152 -34.86 -28.23 21.37
C ASP B 152 -33.72 -29.24 21.45
N GLN B 153 -33.89 -30.43 20.90
CA GLN B 153 -32.78 -31.39 20.89
C GLN B 153 -31.66 -30.93 19.97
N GLU B 154 -32.01 -30.30 18.84
CA GLU B 154 -30.98 -29.72 17.98
C GLU B 154 -30.22 -28.62 18.72
N GLN B 155 -30.92 -27.84 19.54
CA GLN B 155 -30.25 -26.81 20.33
C GLN B 155 -29.23 -27.43 21.27
N THR B 156 -29.65 -28.46 22.02
CA THR B 156 -28.75 -29.14 22.94
C THR B 156 -27.65 -29.88 22.19
N SER B 157 -27.99 -30.54 21.08
CA SER B 157 -27.01 -31.33 20.34
C SER B 157 -25.89 -30.44 19.79
N LEU B 158 -26.21 -29.19 19.43
CA LEU B 158 -25.22 -28.25 18.91
C LEU B 158 -24.68 -27.29 19.95
N TYR B 159 -25.54 -26.80 20.84
CA TYR B 159 -25.15 -25.89 21.92
C TYR B 159 -25.79 -26.46 23.17
N VAL B 160 -25.02 -27.20 23.97
CA VAL B 160 -25.59 -28.11 24.97
C VAL B 160 -26.64 -27.43 25.83
N GLN B 161 -26.53 -26.11 26.06
CA GLN B 161 -27.56 -25.35 26.75
C GLN B 161 -28.94 -25.66 26.23
N ALA B 162 -29.91 -25.67 27.15
CA ALA B 162 -31.29 -25.68 26.71
C ALA B 162 -31.62 -24.40 25.95
N SER B 163 -31.01 -23.28 26.36
CA SER B 163 -31.22 -22.01 25.67
C SER B 163 -29.94 -21.18 25.58
N GLY B 164 -29.65 -20.70 24.37
CA GLY B 164 -28.48 -19.88 24.11
C GLY B 164 -28.78 -18.37 24.11
N ARG B 165 -27.73 -17.61 23.82
CA ARG B 165 -27.81 -16.15 23.75
C ARG B 165 -26.55 -15.64 23.06
N VAL B 166 -26.69 -14.51 22.35
CA VAL B 166 -25.54 -13.79 21.79
C VAL B 166 -25.71 -12.31 22.09
N THR B 167 -24.60 -11.66 22.44
CA THR B 167 -24.58 -10.22 22.69
C THR B 167 -23.31 -9.64 22.13
N VAL B 168 -23.42 -8.94 21.01
CA VAL B 168 -22.26 -8.30 20.38
C VAL B 168 -22.32 -6.83 20.76
N SER B 169 -21.42 -6.44 21.65
CA SER B 169 -21.47 -5.16 22.32
C SER B 169 -20.36 -4.25 21.80
N THR B 170 -20.58 -2.95 21.92
CA THR B 170 -19.50 -1.98 21.90
C THR B 170 -19.62 -1.06 23.11
N ARG B 171 -18.68 -0.11 23.17
CA ARG B 171 -18.69 0.89 24.21
C ARG B 171 -19.80 1.92 24.03
N ARG B 172 -20.40 1.99 22.85
CA ARG B 172 -21.54 2.87 22.61
C ARG B 172 -22.81 2.12 22.25
N SER B 173 -22.70 1.05 21.47
CA SER B 173 -23.82 0.28 20.99
C SER B 173 -23.86 -1.06 21.71
N GLN B 174 -25.05 -1.64 21.79
CA GLN B 174 -25.19 -2.99 22.34
C GLN B 174 -26.37 -3.67 21.66
N GLN B 175 -26.15 -4.92 21.24
CA GLN B 175 -27.17 -5.73 20.61
C GLN B 175 -27.11 -7.11 21.24
N THR B 176 -28.21 -7.49 21.90
CA THR B 176 -28.36 -8.79 22.52
C THR B 176 -29.42 -9.49 21.70
N ILE B 177 -29.02 -10.53 20.98
CA ILE B 177 -29.91 -11.22 20.06
C ILE B 177 -30.19 -12.60 20.62
N ILE B 178 -31.43 -13.03 20.43
CA ILE B 178 -32.00 -14.19 21.09
C ILE B 178 -32.63 -15.11 20.05
N PRO B 179 -32.29 -16.41 20.02
CA PRO B 179 -32.89 -17.32 19.02
C PRO B 179 -34.20 -17.97 19.45
N ASN B 180 -35.23 -17.92 18.61
CA ASN B 180 -36.46 -18.68 18.87
C ASN B 180 -36.37 -20.04 18.20
N ILE B 181 -36.50 -21.11 18.98
CA ILE B 181 -36.43 -22.45 18.42
C ILE B 181 -37.82 -22.76 17.86
N GLY B 182 -37.88 -23.14 16.60
CA GLY B 182 -39.16 -23.31 15.94
C GLY B 182 -39.06 -24.12 14.67
N SER B 183 -40.17 -24.78 14.32
CA SER B 183 -40.21 -25.62 13.13
C SER B 183 -40.61 -24.74 11.94
N ARG B 184 -39.61 -24.36 11.15
CA ARG B 184 -39.83 -23.64 9.91
C ARG B 184 -40.11 -24.60 8.76
N PRO B 185 -40.66 -24.11 7.66
CA PRO B 185 -40.77 -24.94 6.45
C PRO B 185 -39.38 -25.19 5.87
N TRP B 186 -39.33 -26.13 4.94
CA TRP B 186 -38.06 -26.46 4.31
C TRP B 186 -37.61 -25.33 3.41
N VAL B 187 -36.38 -24.87 3.60
CA VAL B 187 -35.73 -23.99 2.64
C VAL B 187 -34.40 -24.61 2.29
N ARG B 188 -34.27 -25.08 1.04
CA ARG B 188 -33.13 -25.90 0.59
C ARG B 188 -32.82 -27.04 1.56
N GLY B 189 -33.89 -27.65 2.11
CA GLY B 189 -33.77 -28.82 2.98
C GLY B 189 -33.52 -28.65 4.46
N LEU B 190 -33.93 -27.54 5.06
CA LEU B 190 -33.70 -27.37 6.48
C LEU B 190 -34.81 -26.53 7.11
N SER B 191 -35.14 -26.86 8.36
CA SER B 191 -36.08 -26.07 9.14
C SER B 191 -35.40 -25.13 10.11
N SER B 192 -34.09 -25.24 10.29
CA SER B 192 -33.38 -24.24 11.07
C SER B 192 -33.16 -22.99 10.23
N ARG B 193 -32.87 -21.88 10.92
CA ARG B 193 -32.62 -20.62 10.26
C ARG B 193 -31.51 -19.89 11.01
N ILE B 194 -31.04 -18.81 10.40
CA ILE B 194 -30.02 -17.95 11.00
C ILE B 194 -30.39 -16.51 10.69
N SER B 195 -30.34 -15.64 11.69
CA SER B 195 -30.62 -14.23 11.50
C SER B 195 -29.33 -13.44 11.56
N ILE B 196 -29.21 -12.49 10.66
CA ILE B 196 -27.95 -11.79 10.41
C ILE B 196 -28.03 -10.41 11.02
N TYR B 197 -27.04 -10.06 11.83
CA TYR B 197 -26.93 -8.72 12.37
C TYR B 197 -25.50 -8.23 12.17
N TRP B 198 -25.34 -6.91 12.19
CA TRP B 198 -24.06 -6.29 11.93
C TRP B 198 -23.76 -5.27 13.00
N THR B 199 -22.47 -5.00 13.17
CA THR B 199 -21.98 -4.12 14.23
C THR B 199 -20.87 -3.28 13.62
N ILE B 200 -21.15 -2.02 13.36
CA ILE B 200 -20.11 -1.12 12.91
C ILE B 200 -19.32 -0.67 14.12
N VAL B 201 -18.01 -0.65 13.98
CA VAL B 201 -17.11 -0.17 15.01
C VAL B 201 -16.27 0.91 14.39
N LYS B 202 -16.26 2.05 14.99
CA LYS B 202 -15.43 3.09 14.42
C LYS B 202 -14.13 3.19 15.21
N PRO B 203 -13.08 3.79 14.62
CA PRO B 203 -11.74 3.68 15.20
C PRO B 203 -11.67 4.05 16.67
N GLY B 204 -10.89 3.29 17.43
CA GLY B 204 -10.74 3.46 18.85
C GLY B 204 -11.71 2.65 19.69
N ASP B 205 -12.89 2.36 19.16
CA ASP B 205 -13.90 1.61 19.89
C ASP B 205 -13.52 0.14 19.97
N VAL B 206 -14.27 -0.62 20.77
CA VAL B 206 -13.97 -2.01 21.06
C VAL B 206 -15.21 -2.85 20.78
N LEU B 207 -14.98 -4.07 20.29
CA LEU B 207 -16.05 -5.00 19.97
C LEU B 207 -15.96 -6.16 20.93
N VAL B 208 -17.06 -6.43 21.64
CA VAL B 208 -17.14 -7.53 22.59
C VAL B 208 -18.25 -8.46 22.13
N ILE B 209 -18.03 -9.76 22.29
CA ILE B 209 -19.02 -10.75 21.88
C ILE B 209 -19.13 -11.79 22.98
N ASN B 210 -20.21 -11.71 23.74
CA ASN B 210 -20.49 -12.67 24.80
C ASN B 210 -21.66 -13.53 24.37
N SER B 211 -21.49 -14.85 24.48
CA SER B 211 -22.48 -15.77 23.97
C SER B 211 -22.26 -17.15 24.56
N ASN B 212 -23.33 -17.77 25.05
CA ASN B 212 -23.28 -19.15 25.52
C ASN B 212 -23.79 -20.14 24.48
N GLY B 213 -24.08 -19.68 23.27
CA GLY B 213 -24.51 -20.61 22.24
C GLY B 213 -25.22 -19.88 21.12
N ASN B 214 -25.47 -20.64 20.05
CA ASN B 214 -26.21 -20.23 18.86
C ASN B 214 -25.51 -19.14 18.07
N LEU B 215 -24.26 -18.80 18.40
CA LEU B 215 -23.54 -17.74 17.72
C LEU B 215 -22.94 -18.24 16.41
N ILE B 216 -23.10 -17.43 15.36
CA ILE B 216 -22.38 -17.62 14.10
C ILE B 216 -21.34 -16.51 14.04
N ALA B 217 -20.10 -16.84 14.38
CA ALA B 217 -19.10 -15.84 14.63
C ALA B 217 -18.61 -15.22 13.32
N PRO B 218 -18.12 -14.00 13.36
CA PRO B 218 -17.45 -13.43 12.19
C PRO B 218 -15.96 -13.78 12.16
N ARG B 219 -15.41 -13.75 10.95
CA ARG B 219 -14.00 -14.04 10.74
C ARG B 219 -13.16 -12.78 10.59
N GLY B 220 -13.77 -11.65 10.25
CA GLY B 220 -13.05 -10.42 10.02
C GLY B 220 -13.98 -9.22 9.90
N TYR B 221 -13.73 -8.35 8.93
CA TYR B 221 -14.52 -7.15 8.78
C TYR B 221 -14.46 -6.67 7.34
N PHE B 222 -15.47 -5.91 6.94
CA PHE B 222 -15.48 -5.27 5.63
C PHE B 222 -15.13 -3.81 5.83
N LYS B 223 -14.05 -3.38 5.18
CA LYS B 223 -13.67 -1.97 5.23
C LYS B 223 -14.72 -1.14 4.52
N MET B 224 -15.13 -0.05 5.16
CA MET B 224 -16.23 0.76 4.67
C MET B 224 -15.68 2.06 4.11
N ARG B 225 -16.23 2.50 2.99
CA ARG B 225 -15.79 3.73 2.34
C ARG B 225 -16.97 4.67 2.20
N THR B 226 -16.65 5.91 1.79
CA THR B 226 -17.66 6.94 1.58
C THR B 226 -17.45 7.53 0.19
N GLY B 227 -18.40 7.28 -0.71
CA GLY B 227 -18.33 7.75 -2.08
C GLY B 227 -19.70 7.69 -2.73
N LYS B 228 -19.72 7.73 -4.06
CA LYS B 228 -20.90 7.64 -4.92
C LYS B 228 -21.36 6.22 -5.22
N SER B 229 -20.94 5.25 -4.44
CA SER B 229 -21.40 3.89 -4.64
C SER B 229 -22.93 3.81 -4.55
N SER B 230 -23.48 2.77 -5.15
CA SER B 230 -24.91 2.48 -5.07
C SER B 230 -25.17 1.06 -5.59
N ILE B 231 -26.45 0.73 -5.74
CA ILE B 231 -26.88 -0.57 -6.24
C ILE B 231 -28.13 -0.34 -7.08
N MET B 232 -28.42 -1.29 -7.95
CA MET B 232 -29.60 -1.21 -8.79
C MET B 232 -30.05 -2.62 -9.10
N ARG B 233 -31.38 -2.85 -9.02
CA ARG B 233 -31.99 -4.08 -9.50
C ARG B 233 -32.65 -3.81 -10.85
N SER B 234 -32.21 -4.56 -11.87
CA SER B 234 -32.60 -4.36 -13.25
C SER B 234 -32.16 -5.56 -14.06
N ASP B 235 -32.80 -5.75 -15.22
CA ASP B 235 -32.43 -6.80 -16.16
C ASP B 235 -31.84 -6.24 -17.44
N ALA B 236 -31.39 -5.00 -17.42
CA ALA B 236 -30.81 -4.41 -18.62
C ALA B 236 -29.43 -4.98 -18.85
N PRO B 237 -29.11 -5.40 -20.08
CA PRO B 237 -27.80 -6.00 -20.33
C PRO B 237 -26.69 -4.96 -20.21
N ILE B 238 -25.47 -5.44 -20.00
CA ILE B 238 -24.33 -4.56 -19.85
C ILE B 238 -23.53 -4.62 -21.14
N ASP B 239 -23.20 -3.44 -21.67
CA ASP B 239 -22.57 -3.28 -22.97
C ASP B 239 -21.37 -2.35 -22.83
N THR B 240 -20.54 -2.34 -23.87
CA THR B 240 -19.36 -1.48 -23.93
C THR B 240 -19.75 -0.18 -24.63
N CYS B 241 -19.92 0.87 -23.84
CA CYS B 241 -20.39 2.19 -24.28
C CYS B 241 -20.18 3.18 -23.14
N ILE B 242 -20.58 4.43 -23.36
CA ILE B 242 -20.34 5.53 -22.42
C ILE B 242 -21.67 6.19 -22.12
N SER B 243 -21.97 6.37 -20.82
CA SER B 243 -23.11 7.19 -20.42
C SER B 243 -22.98 7.51 -18.94
N GLU B 244 -23.31 8.75 -18.58
CA GLU B 244 -23.14 9.16 -17.20
C GLU B 244 -24.35 8.81 -16.38
N CYS B 245 -25.46 8.62 -17.07
CA CYS B 245 -26.73 8.30 -16.44
C CYS B 245 -27.07 6.84 -16.65
N ILE B 246 -27.48 6.17 -15.57
CA ILE B 246 -27.92 4.79 -15.67
C ILE B 246 -29.25 4.66 -14.94
N THR B 247 -30.24 4.10 -15.63
CA THR B 247 -31.55 3.80 -15.08
C THR B 247 -31.71 2.29 -15.05
N PRO B 248 -32.65 1.76 -14.24
CA PRO B 248 -32.98 0.34 -14.35
C PRO B 248 -33.44 -0.09 -15.74
N ASN B 249 -33.89 0.85 -16.57
CA ASN B 249 -34.29 0.54 -17.93
C ASN B 249 -33.13 0.66 -18.90
N GLY B 250 -31.91 0.62 -18.37
CA GLY B 250 -30.72 0.94 -19.11
C GLY B 250 -30.42 2.41 -19.08
N SER B 251 -29.17 2.75 -19.38
CA SER B 251 -28.72 4.12 -19.33
C SER B 251 -29.42 4.94 -20.41
N ILE B 252 -29.52 6.25 -20.20
CA ILE B 252 -30.22 7.11 -21.17
C ILE B 252 -29.36 8.35 -21.42
N PRO B 253 -29.55 9.01 -22.57
CA PRO B 253 -28.83 10.26 -22.82
C PRO B 253 -29.28 11.35 -21.87
N ASN B 254 -28.31 12.18 -21.49
CA ASN B 254 -28.45 13.13 -20.40
C ASN B 254 -28.56 14.60 -20.81
N ASP B 255 -28.80 14.89 -22.09
CA ASP B 255 -28.85 16.29 -22.53
C ASP B 255 -30.18 16.99 -22.23
N LYS B 256 -31.27 16.23 -21.99
CA LYS B 256 -32.52 16.97 -21.80
C LYS B 256 -32.71 17.30 -20.32
N PRO B 257 -33.35 18.43 -19.99
CA PRO B 257 -33.39 18.86 -18.57
C PRO B 257 -34.31 18.03 -17.70
N PHE B 258 -35.26 17.29 -18.27
CA PHE B 258 -36.14 16.39 -17.53
C PHE B 258 -36.12 15.04 -18.23
N GLN B 259 -36.61 14.02 -17.52
CA GLN B 259 -36.59 12.67 -18.08
C GLN B 259 -37.85 11.91 -17.67
N ASN B 260 -38.26 10.99 -18.54
CA ASN B 260 -39.50 10.24 -18.41
C ASN B 260 -39.29 8.77 -18.08
N VAL B 261 -38.09 8.23 -18.28
CA VAL B 261 -37.93 6.79 -18.32
C VAL B 261 -38.13 6.18 -16.94
N ASN B 262 -37.49 6.73 -15.92
CA ASN B 262 -37.54 6.03 -14.66
C ASN B 262 -37.32 6.96 -13.47
N LYS B 263 -37.94 6.57 -12.36
CA LYS B 263 -37.78 7.28 -11.10
C LYS B 263 -36.39 7.07 -10.51
N ILE B 264 -35.83 5.88 -10.71
CA ILE B 264 -34.54 5.48 -10.20
C ILE B 264 -33.46 5.81 -11.22
N THR B 265 -32.39 6.47 -10.78
CA THR B 265 -31.29 6.81 -11.67
C THR B 265 -29.97 6.57 -10.94
N TYR B 266 -28.88 6.65 -11.70
CA TYR B 266 -27.53 6.55 -11.15
C TYR B 266 -26.63 7.39 -12.03
N GLY B 267 -25.85 8.25 -11.39
CA GLY B 267 -25.08 9.27 -12.05
C GLY B 267 -25.93 10.52 -12.15
N ALA B 268 -25.31 11.60 -12.60
CA ALA B 268 -26.03 12.86 -12.74
C ALA B 268 -26.92 12.75 -13.96
N CYS B 269 -28.23 12.69 -13.75
CA CYS B 269 -29.19 12.61 -14.85
C CYS B 269 -30.25 13.68 -14.62
N PRO B 270 -31.12 13.95 -15.58
CA PRO B 270 -32.16 14.96 -15.32
C PRO B 270 -33.20 14.48 -14.33
N LYS B 271 -34.08 15.41 -14.00
CA LYS B 271 -35.04 15.24 -12.94
C LYS B 271 -36.29 14.53 -13.46
N TYR B 272 -36.81 13.61 -12.66
CA TYR B 272 -37.96 12.82 -13.08
C TYR B 272 -39.19 13.69 -13.27
N VAL B 273 -39.97 13.34 -14.28
CA VAL B 273 -41.27 13.96 -14.57
C VAL B 273 -42.15 12.83 -15.10
N LYS B 274 -43.47 12.96 -14.91
CA LYS B 274 -44.40 11.95 -15.41
C LYS B 274 -44.80 12.13 -16.85
N GLN B 275 -44.92 13.38 -17.32
CA GLN B 275 -45.35 13.63 -18.68
C GLN B 275 -44.22 13.32 -19.66
N ASN B 276 -44.61 13.11 -20.91
CA ASN B 276 -43.67 12.77 -21.98
C ASN B 276 -43.25 13.94 -22.86
N THR B 277 -43.76 15.16 -22.64
CA THR B 277 -43.51 16.28 -23.55
C THR B 277 -43.41 17.62 -22.81
N LEU B 278 -42.40 18.44 -23.22
CA LEU B 278 -42.29 19.82 -22.75
C LEU B 278 -41.51 20.56 -23.84
N LYS B 279 -42.23 21.20 -24.75
CA LYS B 279 -41.65 21.63 -26.03
C LYS B 279 -41.20 23.09 -25.97
N LEU B 280 -39.94 23.34 -26.31
CA LEU B 280 -39.34 24.66 -26.18
C LEU B 280 -39.08 25.22 -27.57
N ALA B 281 -39.69 26.36 -27.88
CA ALA B 281 -39.63 26.95 -29.20
C ALA B 281 -38.32 27.69 -29.37
N THR B 282 -37.46 27.19 -30.26
CA THR B 282 -36.20 27.86 -30.58
C THR B 282 -36.34 28.72 -31.83
N ALA C 3 47.00 -27.75 70.29
CA ALA C 3 47.16 -27.66 68.85
C ALA C 3 46.22 -26.63 68.26
N THR C 4 46.68 -25.92 67.23
CA THR C 4 45.86 -24.93 66.53
C THR C 4 45.58 -25.39 65.11
N GLU C 5 44.31 -25.33 64.72
CA GLU C 5 43.90 -25.64 63.36
C GLU C 5 44.14 -24.46 62.44
N LEU C 6 44.56 -24.73 61.21
CA LEU C 6 45.07 -23.67 60.35
C LEU C 6 44.23 -23.42 59.10
N VAL C 7 43.40 -24.35 58.66
CA VAL C 7 42.53 -24.15 57.51
C VAL C 7 41.07 -24.06 57.94
N GLN C 8 40.43 -22.95 57.61
CA GLN C 8 39.02 -22.72 57.95
C GLN C 8 38.17 -23.59 57.04
N SER C 9 37.60 -24.66 57.59
CA SER C 9 36.90 -25.66 56.78
C SER C 9 35.39 -25.47 56.69
N SER C 10 34.84 -24.45 57.35
CA SER C 10 33.39 -24.29 57.45
C SER C 10 32.98 -22.83 57.38
N SER C 11 31.82 -22.57 56.79
CA SER C 11 31.29 -21.23 56.59
C SER C 11 30.07 -21.01 57.47
N THR C 12 29.64 -19.75 57.55
CA THR C 12 28.40 -19.45 58.29
C THR C 12 27.15 -19.68 57.46
N GLY C 13 27.25 -19.64 56.13
CA GLY C 13 26.09 -19.71 55.29
C GLY C 13 25.39 -18.39 55.04
N LYS C 14 25.74 -17.33 55.77
CA LYS C 14 25.10 -16.05 55.61
C LYS C 14 26.14 -14.96 55.41
N ILE C 15 25.82 -14.01 54.55
CA ILE C 15 26.71 -12.89 54.21
C ILE C 15 26.39 -11.69 55.08
N CYS C 16 27.42 -11.03 55.58
CA CYS C 16 27.29 -9.94 56.55
C CYS C 16 27.48 -8.60 55.85
N ASN C 17 26.52 -7.71 56.02
CA ASN C 17 26.47 -6.45 55.28
C ASN C 17 27.54 -5.45 55.69
N ASN C 18 28.43 -5.79 56.61
CA ASN C 18 29.58 -4.97 56.94
C ASN C 18 30.76 -5.87 57.26
N PRO C 19 32.00 -5.44 56.98
CA PRO C 19 32.40 -4.10 56.51
C PRO C 19 32.26 -3.86 55.01
N HIS C 20 31.59 -4.76 54.31
CA HIS C 20 31.44 -4.67 52.86
C HIS C 20 30.00 -4.28 52.55
N ARG C 21 29.82 -3.18 51.81
CA ARG C 21 28.50 -2.83 51.28
C ARG C 21 28.13 -3.81 50.18
N ILE C 22 27.12 -4.63 50.42
CA ILE C 22 26.73 -5.71 49.52
C ILE C 22 25.38 -5.39 48.89
N LEU C 23 25.33 -5.43 47.55
CA LEU C 23 24.13 -5.13 46.78
C LEU C 23 23.51 -6.44 46.29
N ASP C 24 22.31 -6.75 46.76
CA ASP C 24 21.63 -7.96 46.32
C ASP C 24 20.88 -7.66 45.03
N GLY C 25 21.38 -8.19 43.91
CA GLY C 25 20.63 -8.07 42.68
C GLY C 25 19.57 -9.13 42.62
N ILE C 26 18.50 -8.89 43.38
CA ILE C 26 17.53 -9.94 43.67
C ILE C 26 16.98 -10.52 42.38
N ASP C 27 16.38 -9.68 41.56
CA ASP C 27 15.72 -10.10 40.33
C ASP C 27 16.63 -9.96 39.14
N CYS C 28 17.89 -9.61 39.37
CA CYS C 28 18.65 -8.94 38.33
C CYS C 28 20.00 -9.60 38.08
N THR C 29 20.50 -9.33 36.88
CA THR C 29 21.91 -9.46 36.56
C THR C 29 22.56 -8.14 36.94
N LEU C 30 23.87 -8.06 36.79
CA LEU C 30 24.45 -6.73 36.78
C LEU C 30 24.24 -6.06 35.43
N ILE C 31 24.20 -6.86 34.35
CA ILE C 31 24.00 -6.30 33.01
C ILE C 31 22.59 -5.76 32.85
N ASP C 32 21.58 -6.50 33.31
CA ASP C 32 20.22 -5.98 33.28
C ASP C 32 20.13 -4.68 34.07
N ALA C 33 20.76 -4.64 35.24
CA ALA C 33 20.80 -3.39 36.00
C ALA C 33 21.63 -2.33 35.27
N LEU C 34 22.66 -2.75 34.54
CA LEU C 34 23.43 -1.78 33.75
C LEU C 34 22.69 -1.39 32.49
N LEU C 35 22.03 -2.34 31.83
CA LEU C 35 21.26 -2.02 30.63
C LEU C 35 19.99 -1.27 30.98
N GLY C 36 19.34 -1.63 32.08
CA GLY C 36 18.08 -1.00 32.43
C GLY C 36 16.85 -1.82 32.11
N ASP C 37 16.85 -3.09 32.51
CA ASP C 37 15.68 -3.93 32.39
C ASP C 37 14.56 -3.38 33.28
N PRO C 38 13.31 -3.32 32.78
CA PRO C 38 12.26 -2.64 33.55
C PRO C 38 12.05 -3.16 34.95
N HIS C 39 12.26 -4.46 35.19
CA HIS C 39 12.19 -5.00 36.54
C HIS C 39 13.47 -4.75 37.31
N CYS C 40 14.42 -4.05 36.70
CA CYS C 40 15.69 -3.68 37.31
C CYS C 40 15.92 -2.18 37.30
N ASP C 41 14.85 -1.38 37.15
CA ASP C 41 14.99 0.05 37.32
C ASP C 41 15.11 0.46 38.79
N VAL C 42 14.93 -0.47 39.72
CA VAL C 42 15.23 -0.22 41.12
C VAL C 42 16.73 -0.04 41.36
N PHE C 43 17.59 -0.70 40.58
CA PHE C 43 19.02 -0.58 40.79
C PHE C 43 19.64 0.61 40.07
N GLN C 44 18.82 1.53 39.55
CA GLN C 44 19.36 2.70 38.86
C GLN C 44 20.22 3.53 39.80
N ASN C 45 21.38 3.95 39.29
CA ASN C 45 22.33 4.77 40.04
C ASN C 45 22.69 4.14 41.39
N GLU C 46 23.00 2.84 41.36
CA GLU C 46 23.38 2.10 42.55
C GLU C 46 24.90 1.94 42.64
N THR C 47 25.39 1.85 43.87
CA THR C 47 26.80 1.61 44.15
C THR C 47 26.92 0.38 45.04
N TRP C 48 28.13 -0.18 45.09
CA TRP C 48 28.36 -1.37 45.88
C TRP C 48 29.85 -1.53 46.14
N ASP C 49 30.17 -2.46 47.03
CA ASP C 49 31.52 -2.99 47.16
C ASP C 49 31.66 -4.39 46.59
N LEU C 50 30.61 -5.20 46.69
CA LEU C 50 30.55 -6.50 46.03
C LEU C 50 29.11 -6.72 45.63
N PHE C 51 28.85 -6.81 44.32
CA PHE C 51 27.55 -7.19 43.83
C PHE C 51 27.46 -8.71 43.81
N VAL C 52 26.34 -9.24 44.28
CA VAL C 52 26.12 -10.69 44.32
C VAL C 52 24.93 -10.99 43.42
N GLU C 53 25.17 -11.75 42.36
CA GLU C 53 24.11 -12.16 41.44
C GLU C 53 23.46 -13.45 41.94
N ARG C 54 22.14 -13.46 41.97
CA ARG C 54 21.41 -14.60 42.47
C ARG C 54 21.11 -15.56 41.31
N SER C 55 20.84 -16.83 41.67
CA SER C 55 20.56 -17.81 40.64
C SER C 55 19.24 -17.51 39.93
N LYS C 56 18.30 -16.92 40.66
CA LYS C 56 16.97 -16.64 40.12
C LYS C 56 16.96 -15.41 39.23
N ALA C 57 18.14 -14.90 38.89
CA ALA C 57 18.28 -13.70 38.07
C ALA C 57 17.78 -13.93 36.66
N PHE C 58 17.25 -12.87 36.07
CA PHE C 58 16.70 -12.96 34.73
C PHE C 58 16.51 -11.56 34.14
N SER C 59 16.25 -11.54 32.84
CA SER C 59 15.93 -10.32 32.13
C SER C 59 14.55 -10.46 31.51
N ASN C 60 13.78 -9.39 31.59
CA ASN C 60 12.39 -9.36 31.16
C ASN C 60 12.22 -8.53 29.91
N CYS C 61 13.31 -8.05 29.34
CA CYS C 61 13.32 -7.20 28.18
C CYS C 61 13.74 -7.97 26.92
N TYR C 62 13.94 -7.20 25.86
CA TYR C 62 14.13 -7.68 24.50
C TYR C 62 15.27 -8.71 24.43
N PRO C 63 15.10 -9.81 23.70
CA PRO C 63 16.16 -10.81 23.63
C PRO C 63 17.41 -10.25 22.96
N TYR C 64 18.55 -10.47 23.59
CA TYR C 64 19.79 -9.82 23.17
C TYR C 64 20.97 -10.73 23.48
N ASP C 65 22.17 -10.24 23.12
CA ASP C 65 23.41 -10.94 23.40
C ASP C 65 24.53 -9.93 23.48
N VAL C 66 25.55 -10.25 24.26
CA VAL C 66 26.69 -9.37 24.47
C VAL C 66 27.96 -10.06 24.00
N PRO C 67 28.53 -9.67 22.87
CA PRO C 67 29.88 -10.11 22.53
C PRO C 67 30.90 -9.59 23.55
N ASP C 68 31.81 -10.46 23.96
CA ASP C 68 32.81 -10.15 24.99
C ASP C 68 32.13 -9.74 26.29
N TYR C 69 31.11 -10.52 26.68
CA TYR C 69 30.26 -10.16 27.82
C TYR C 69 31.02 -10.17 29.14
N ALA C 70 31.72 -11.26 29.43
CA ALA C 70 32.29 -11.46 30.77
C ALA C 70 33.24 -10.34 31.15
N SER C 71 33.89 -9.71 30.17
CA SER C 71 34.76 -8.60 30.50
C SER C 71 33.96 -7.36 30.88
N LEU C 72 32.90 -7.07 30.11
CA LEU C 72 32.03 -5.94 30.44
C LEU C 72 31.39 -6.09 31.81
N ARG C 73 30.76 -7.25 32.07
CA ARG C 73 30.12 -7.44 33.38
C ARG C 73 31.15 -7.28 34.48
N SER C 74 32.39 -7.71 34.22
CA SER C 74 33.46 -7.56 35.20
C SER C 74 34.16 -6.21 35.10
N LEU C 75 33.95 -5.45 34.03
CA LEU C 75 34.55 -4.12 33.96
C LEU C 75 33.90 -3.16 34.94
N VAL C 76 32.56 -3.13 35.00
CA VAL C 76 31.87 -2.32 35.99
C VAL C 76 31.78 -2.99 37.35
N ALA C 77 32.04 -4.31 37.43
CA ALA C 77 32.04 -4.95 38.74
C ALA C 77 33.09 -4.35 39.66
N SER C 78 34.18 -3.82 39.09
CA SER C 78 35.19 -3.11 39.86
C SER C 78 34.92 -1.61 39.90
N SER C 79 34.14 -1.10 38.94
CA SER C 79 33.76 0.31 38.99
C SER C 79 32.77 0.54 40.11
N GLY C 80 32.00 -0.48 40.47
CA GLY C 80 31.19 -0.44 41.67
C GLY C 80 30.08 0.56 41.66
N THR C 81 29.61 0.98 40.50
CA THR C 81 28.50 1.91 40.42
C THR C 81 27.87 1.85 39.04
N LEU C 82 26.57 2.13 39.00
CA LEU C 82 25.84 2.27 37.75
C LEU C 82 25.49 3.73 37.48
N GLU C 83 26.34 4.64 37.94
CA GLU C 83 26.04 6.07 37.84
C GLU C 83 25.96 6.51 36.39
N PHE C 84 24.74 6.75 35.92
CA PHE C 84 24.47 7.11 34.53
C PHE C 84 24.26 8.61 34.42
N ILE C 85 24.83 9.21 33.38
CA ILE C 85 24.74 10.64 33.15
C ILE C 85 24.26 10.86 31.73
N THR C 86 23.00 11.27 31.58
CA THR C 86 22.46 11.59 30.27
C THR C 86 23.29 12.69 29.62
N GLU C 87 23.49 12.59 28.30
CA GLU C 87 24.37 13.52 27.59
C GLU C 87 23.72 14.32 26.47
N GLY C 88 22.46 14.08 26.15
CA GLY C 88 21.77 14.89 25.17
C GLY C 88 22.32 14.93 23.75
N PHE C 89 22.26 13.79 23.05
CA PHE C 89 22.65 13.78 21.64
C PHE C 89 21.50 14.32 20.78
N THR C 90 21.82 14.68 19.54
CA THR C 90 20.83 15.11 18.56
C THR C 90 20.85 14.19 17.35
N TRP C 91 19.71 13.56 17.04
CA TRP C 91 19.58 12.55 15.99
C TRP C 91 18.65 13.03 14.87
N THR C 92 19.21 13.33 13.71
CA THR C 92 18.46 13.93 12.62
C THR C 92 17.70 12.87 11.83
N GLY C 93 16.37 12.97 11.82
CA GLY C 93 15.55 12.18 10.92
C GLY C 93 15.20 10.78 11.38
N VAL C 94 15.28 10.47 12.67
CA VAL C 94 14.93 9.15 13.18
C VAL C 94 13.95 9.27 14.35
N THR C 95 14.28 10.15 15.30
CA THR C 95 13.46 10.41 16.49
C THR C 95 13.27 9.18 17.39
N GLN C 96 14.19 9.08 18.33
CA GLN C 96 14.43 8.04 19.31
C GLN C 96 13.23 7.60 20.14
N ASN C 97 13.43 6.60 21.02
CA ASN C 97 12.41 5.95 21.85
C ASN C 97 11.41 5.07 21.11
N GLY C 98 11.92 3.94 20.60
CA GLY C 98 11.11 2.83 20.15
C GLY C 98 11.07 1.76 21.22
N GLY C 99 9.93 1.08 21.34
CA GLY C 99 9.76 0.05 22.36
C GLY C 99 9.01 -1.14 21.82
N SER C 100 8.97 -2.21 22.61
CA SER C 100 8.25 -3.42 22.23
C SER C 100 7.63 -4.11 23.43
N ASN C 101 6.72 -5.04 23.14
CA ASN C 101 5.90 -5.69 24.15
C ASN C 101 6.69 -6.73 24.93
N ALA C 102 7.83 -7.18 24.39
CA ALA C 102 8.72 -8.05 25.14
C ALA C 102 9.27 -7.32 26.36
N CYS C 103 9.58 -6.04 26.20
CA CYS C 103 10.11 -5.18 27.25
C CYS C 103 8.99 -4.33 27.84
N LYS C 104 8.03 -4.99 28.49
CA LYS C 104 6.92 -4.22 29.01
C LYS C 104 7.41 -3.45 30.24
N ARG C 105 7.50 -2.13 30.09
CA ARG C 105 7.81 -1.22 31.19
C ARG C 105 6.49 -0.58 31.60
N GLY C 106 6.03 -0.88 32.81
CA GLY C 106 4.75 -0.42 33.24
C GLY C 106 3.61 -1.06 32.48
N PRO C 107 2.75 -0.26 31.86
CA PRO C 107 1.55 -0.82 31.25
C PRO C 107 1.79 -1.57 29.95
N GLY C 108 2.69 -1.10 29.09
CA GLY C 108 2.87 -1.70 27.77
C GLY C 108 4.27 -1.57 27.24
N SER C 109 4.36 -1.21 25.96
CA SER C 109 5.66 -1.14 25.28
C SER C 109 6.65 -0.31 26.07
N GLY C 110 7.86 -0.84 26.20
CA GLY C 110 8.97 -0.14 26.82
C GLY C 110 10.30 -0.63 26.28
N PHE C 111 11.40 -0.14 26.83
CA PHE C 111 12.71 -0.52 26.32
C PHE C 111 13.74 -0.40 27.43
N PHE C 112 14.98 -0.76 27.11
CA PHE C 112 16.09 -0.60 28.03
C PHE C 112 16.19 0.85 28.48
N SER C 113 16.40 1.04 29.78
CA SER C 113 16.42 2.39 30.32
C SER C 113 17.56 3.21 29.74
N ARG C 114 18.72 2.57 29.53
CA ARG C 114 19.92 3.28 29.11
C ARG C 114 20.20 3.18 27.61
N LEU C 115 19.29 2.59 26.83
CA LEU C 115 19.50 2.39 25.41
C LEU C 115 18.37 3.03 24.60
N ASN C 116 18.71 3.47 23.40
CA ASN C 116 17.84 4.31 22.58
C ASN C 116 17.53 3.58 21.27
N TRP C 117 16.37 2.93 21.20
CA TRP C 117 16.01 2.20 19.99
C TRP C 117 15.49 3.17 18.96
N LEU C 118 16.22 3.27 17.85
CA LEU C 118 15.88 4.17 16.77
C LEU C 118 15.05 3.44 15.72
N THR C 119 14.14 4.17 15.08
CA THR C 119 13.26 3.62 14.05
C THR C 119 13.36 4.52 12.81
N LYS C 120 12.45 4.37 11.86
CA LYS C 120 12.47 5.35 10.78
C LYS C 120 11.49 6.49 11.09
N SER C 121 11.81 7.68 10.60
CA SER C 121 10.94 8.84 10.68
C SER C 121 10.66 9.27 9.24
N GLY C 122 9.39 9.38 8.89
CA GLY C 122 9.00 9.48 7.51
C GLY C 122 9.08 8.07 6.97
N SER C 123 9.85 7.89 5.90
CA SER C 123 10.21 6.55 5.45
C SER C 123 11.60 6.54 4.84
N THR C 124 12.54 7.17 5.51
CA THR C 124 13.94 7.18 5.11
C THR C 124 14.75 7.18 6.39
N TYR C 125 16.04 6.89 6.26
CA TYR C 125 16.93 6.85 7.42
C TYR C 125 18.29 7.32 6.93
N PRO C 126 18.56 8.61 7.05
CA PRO C 126 19.87 9.12 6.59
C PRO C 126 20.96 8.69 7.55
N VAL C 127 22.19 8.73 7.06
CA VAL C 127 23.32 8.29 7.85
C VAL C 127 23.78 9.45 8.73
N LEU C 128 23.76 9.22 10.03
CA LEU C 128 24.03 10.29 10.98
C LEU C 128 25.54 10.34 11.22
N ASN C 129 26.07 11.54 11.37
CA ASN C 129 27.47 11.65 11.69
C ASN C 129 27.63 12.50 12.95
N VAL C 130 26.95 12.08 14.02
CA VAL C 130 26.95 12.78 15.28
C VAL C 130 28.32 12.64 15.95
N THR C 131 28.56 13.47 16.96
CA THR C 131 29.82 13.46 17.69
C THR C 131 29.54 13.92 19.11
N MET C 132 30.35 13.43 20.06
CA MET C 132 30.19 13.81 21.46
C MET C 132 31.52 13.80 22.20
N PRO C 133 31.98 14.97 22.65
CA PRO C 133 33.30 15.07 23.28
C PRO C 133 33.30 14.83 24.78
N ASN C 134 34.35 14.14 25.24
CA ASN C 134 34.63 13.98 26.66
C ASN C 134 35.64 15.06 27.04
N ASN C 135 35.15 16.13 27.64
CA ASN C 135 36.00 17.20 28.16
C ASN C 135 36.16 17.09 29.66
N ASP C 136 35.61 16.05 30.28
CA ASP C 136 35.72 15.85 31.71
C ASP C 136 37.10 15.28 32.03
N ASN C 137 37.33 14.91 33.29
CA ASN C 137 38.61 14.37 33.71
C ASN C 137 38.52 12.89 34.03
N PHE C 138 37.55 12.19 33.47
CA PHE C 138 37.28 10.80 33.83
C PHE C 138 36.84 10.02 32.60
N ASP C 139 36.92 8.71 32.72
CA ASP C 139 36.58 7.84 31.60
C ASP C 139 35.07 7.64 31.51
N LYS C 140 34.56 7.68 30.28
CA LYS C 140 33.14 7.53 30.00
C LYS C 140 32.87 6.14 29.44
N LEU C 141 31.88 5.45 30.01
CA LEU C 141 31.46 4.15 29.51
C LEU C 141 30.17 4.30 28.73
N TYR C 142 30.23 3.96 27.45
CA TYR C 142 29.05 3.98 26.59
C TYR C 142 28.65 2.56 26.27
N ILE C 143 27.41 2.21 26.57
CA ILE C 143 26.85 0.93 26.20
C ILE C 143 25.88 1.18 25.05
N TRP C 144 26.21 0.64 23.87
CA TRP C 144 25.40 0.83 22.69
C TRP C 144 25.22 -0.50 21.99
N GLY C 145 24.23 -0.58 21.10
CA GLY C 145 23.87 -1.84 20.51
C GLY C 145 23.52 -1.71 19.05
N ILE C 146 23.29 -2.88 18.44
CA ILE C 146 22.88 -3.01 17.05
C ILE C 146 21.73 -4.00 16.98
N HIS C 147 20.84 -3.80 16.01
CA HIS C 147 19.66 -4.63 15.84
C HIS C 147 19.90 -5.64 14.73
N HIS C 148 19.67 -6.92 15.03
CA HIS C 148 19.68 -7.96 14.03
C HIS C 148 18.25 -8.30 13.68
N PRO C 149 17.67 -7.76 12.61
CA PRO C 149 16.26 -8.04 12.30
C PRO C 149 16.06 -9.51 11.98
N SER C 150 14.80 -9.88 11.80
CA SER C 150 14.45 -11.28 11.58
C SER C 150 14.06 -11.59 10.14
N THR C 151 13.85 -10.58 9.30
CA THR C 151 13.53 -10.80 7.91
C THR C 151 13.94 -9.56 7.13
N ASP C 152 14.13 -9.74 5.83
CA ASP C 152 14.48 -8.58 5.01
C ASP C 152 13.37 -7.54 5.04
N GLN C 153 12.12 -7.97 5.21
CA GLN C 153 11.02 -7.02 5.30
C GLN C 153 11.10 -6.19 6.58
N GLU C 154 11.48 -6.81 7.70
CA GLU C 154 11.67 -6.06 8.93
C GLU C 154 12.79 -5.04 8.78
N GLN C 155 13.89 -5.42 8.15
CA GLN C 155 15.02 -4.50 8.01
C GLN C 155 14.63 -3.28 7.16
N THR C 156 14.02 -3.52 6.00
CA THR C 156 13.70 -2.41 5.11
C THR C 156 12.67 -1.47 5.71
N SER C 157 11.56 -2.01 6.19
CA SER C 157 10.50 -1.14 6.70
C SER C 157 10.94 -0.43 7.97
N LEU C 158 11.83 -1.03 8.75
CA LEU C 158 12.27 -0.36 9.97
C LEU C 158 13.44 0.58 9.66
N TYR C 159 14.35 0.16 8.79
CA TYR C 159 15.50 0.97 8.34
C TYR C 159 15.64 0.80 6.84
N VAL C 160 15.32 1.86 6.08
CA VAL C 160 15.08 1.72 4.65
C VAL C 160 16.21 0.99 3.92
N GLN C 161 17.45 1.23 4.34
CA GLN C 161 18.59 0.50 3.78
C GLN C 161 18.34 -1.00 3.79
N ALA C 162 18.81 -1.69 2.74
CA ALA C 162 18.65 -3.14 2.68
C ALA C 162 19.40 -3.83 3.81
N SER C 163 20.61 -3.36 4.12
CA SER C 163 21.34 -3.79 5.30
C SER C 163 22.16 -2.60 5.76
N GLY C 164 22.07 -2.28 7.04
CA GLY C 164 22.73 -1.13 7.60
C GLY C 164 24.09 -1.47 8.16
N ARG C 165 24.66 -0.50 8.85
CA ARG C 165 25.96 -0.66 9.49
C ARG C 165 26.05 0.41 10.57
N VAL C 166 26.87 0.13 11.56
CA VAL C 166 27.16 1.08 12.62
C VAL C 166 28.68 1.23 12.69
N THR C 167 29.13 2.46 12.91
CA THR C 167 30.57 2.74 12.99
C THR C 167 30.75 3.70 14.16
N VAL C 168 31.15 3.17 15.31
CA VAL C 168 31.37 3.95 16.52
C VAL C 168 32.88 4.02 16.77
N SER C 169 33.46 5.19 16.49
CA SER C 169 34.88 5.42 16.52
C SER C 169 35.23 6.41 17.63
N THR C 170 36.50 6.40 18.00
CA THR C 170 37.17 7.53 18.63
C THR C 170 38.40 7.84 17.79
N ARG C 171 39.18 8.82 18.22
CA ARG C 171 40.35 9.24 17.41
C ARG C 171 41.44 8.16 17.43
N ARG C 172 41.37 7.20 18.35
CA ARG C 172 42.37 6.12 18.43
C ARG C 172 41.66 4.76 18.45
N SER C 173 40.33 4.75 18.42
CA SER C 173 39.52 3.50 18.47
C SER C 173 38.53 3.48 17.32
N GLN C 174 37.99 2.31 16.98
CA GLN C 174 36.98 2.24 15.93
C GLN C 174 36.29 0.88 15.96
N GLN C 175 34.96 0.89 15.79
CA GLN C 175 34.16 -0.34 15.76
C GLN C 175 33.13 -0.20 14.65
N THR C 176 33.23 -1.02 13.60
CA THR C 176 32.26 -1.03 12.52
C THR C 176 31.58 -2.40 12.48
N ILE C 177 30.29 -2.44 12.79
CA ILE C 177 29.54 -3.68 12.89
C ILE C 177 28.46 -3.72 11.82
N ILE C 178 28.20 -4.91 11.29
CA ILE C 178 27.24 -5.14 10.22
C ILE C 178 26.21 -6.13 10.72
N PRO C 179 24.91 -5.84 10.62
CA PRO C 179 23.88 -6.78 11.10
C PRO C 179 23.51 -7.86 10.09
N ASN C 180 23.55 -9.12 10.53
CA ASN C 180 23.10 -10.24 9.72
C ASN C 180 21.62 -10.50 9.96
N ILE C 181 20.84 -10.53 8.88
CA ILE C 181 19.40 -10.76 8.99
C ILE C 181 19.13 -12.26 9.09
N GLY C 182 18.38 -12.65 10.12
CA GLY C 182 18.00 -14.04 10.29
C GLY C 182 16.88 -14.17 11.33
N SER C 183 15.98 -15.14 11.17
CA SER C 183 14.90 -15.34 12.14
C SER C 183 15.39 -16.36 13.18
N ARG C 184 15.75 -15.87 14.36
CA ARG C 184 16.22 -16.71 15.46
C ARG C 184 15.03 -17.40 16.09
N PRO C 185 15.23 -18.37 16.97
CA PRO C 185 14.09 -18.95 17.68
C PRO C 185 13.40 -17.94 18.56
N TRP C 186 12.19 -18.27 18.99
CA TRP C 186 11.44 -17.36 19.84
C TRP C 186 12.08 -17.28 21.22
N VAL C 187 12.39 -16.07 21.67
CA VAL C 187 12.79 -15.81 23.06
C VAL C 187 11.99 -14.64 23.56
N ARG C 188 11.11 -14.89 24.55
CA ARG C 188 10.12 -13.93 25.02
C ARG C 188 9.31 -13.36 23.87
N GLY C 189 9.07 -14.18 22.86
CA GLY C 189 8.22 -13.76 21.76
C GLY C 189 8.86 -12.88 20.70
N LEU C 190 10.10 -13.16 20.32
CA LEU C 190 10.73 -12.34 19.29
C LEU C 190 11.70 -13.20 18.48
N SER C 191 11.77 -12.91 17.18
CA SER C 191 12.75 -13.50 16.29
C SER C 191 13.94 -12.59 16.08
N SER C 192 13.85 -11.35 16.56
CA SER C 192 14.91 -10.36 16.52
C SER C 192 15.92 -10.60 17.64
N ARG C 193 17.06 -9.91 17.53
CA ARG C 193 18.09 -9.91 18.56
C ARG C 193 18.71 -8.52 18.64
N ILE C 194 19.52 -8.32 19.68
CA ILE C 194 20.27 -7.09 19.87
C ILE C 194 21.68 -7.47 20.34
N SER C 195 22.69 -6.88 19.71
CA SER C 195 24.07 -7.13 20.10
C SER C 195 24.61 -5.90 20.81
N ILE C 196 25.30 -6.13 21.92
CA ILE C 196 25.72 -5.08 22.83
C ILE C 196 27.22 -4.88 22.71
N TYR C 197 27.64 -3.64 22.46
CA TYR C 197 29.05 -3.28 22.44
C TYR C 197 29.24 -2.04 23.30
N TRP C 198 30.48 -1.82 23.75
CA TRP C 198 30.77 -0.73 24.65
C TRP C 198 31.98 0.05 24.16
N THR C 199 32.04 1.31 24.59
CA THR C 199 33.06 2.25 24.10
C THR C 199 33.53 3.12 25.25
N ILE C 200 34.77 2.91 25.68
CA ILE C 200 35.39 3.78 26.67
C ILE C 200 35.88 5.05 25.97
N VAL C 201 35.71 6.19 26.61
CA VAL C 201 36.22 7.46 26.13
C VAL C 201 37.08 8.04 27.24
N LYS C 202 38.32 8.39 26.92
CA LYS C 202 39.19 8.95 27.93
C LYS C 202 39.19 10.47 27.82
N PRO C 203 39.60 11.17 28.88
CA PRO C 203 39.48 12.63 28.88
C PRO C 203 40.20 13.24 27.68
N GLY C 204 39.55 14.23 27.06
CA GLY C 204 40.05 14.88 25.89
C GLY C 204 39.63 14.23 24.59
N ASP C 205 39.43 12.91 24.57
CA ASP C 205 39.02 12.24 23.34
C ASP C 205 37.53 12.51 23.08
N VAL C 206 37.10 12.20 21.85
CA VAL C 206 35.75 12.50 21.39
C VAL C 206 35.16 11.26 20.72
N LEU C 207 33.84 11.12 20.81
CA LEU C 207 33.11 9.94 20.34
C LEU C 207 32.35 10.24 19.05
N VAL C 208 32.55 9.40 18.04
CA VAL C 208 31.90 9.51 16.75
C VAL C 208 31.02 8.29 16.52
N ILE C 209 29.86 8.50 15.90
CA ILE C 209 28.92 7.42 15.59
C ILE C 209 28.35 7.65 14.19
N ASN C 210 28.80 6.85 13.22
CA ASN C 210 28.26 6.90 11.86
C ASN C 210 27.50 5.61 11.57
N SER C 211 26.27 5.73 11.09
CA SER C 211 25.42 4.56 10.89
C SER C 211 24.26 4.91 9.97
N ASN C 212 24.00 4.04 8.99
CA ASN C 212 22.84 4.18 8.10
C ASN C 212 21.66 3.35 8.54
N GLY C 213 21.73 2.71 9.70
CA GLY C 213 20.60 1.93 10.18
C GLY C 213 21.06 0.93 11.21
N ASN C 214 20.06 0.29 11.81
CA ASN C 214 20.22 -0.80 12.77
C ASN C 214 20.87 -0.35 14.08
N LEU C 215 21.01 0.96 14.30
CA LEU C 215 21.66 1.46 15.50
C LEU C 215 20.70 1.47 16.68
N ILE C 216 21.20 1.00 17.83
CA ILE C 216 20.54 1.17 19.12
C ILE C 216 21.40 2.14 19.90
N ALA C 217 21.01 3.41 19.91
CA ALA C 217 21.87 4.48 20.41
C ALA C 217 21.94 4.48 21.94
N PRO C 218 23.00 5.03 22.50
CA PRO C 218 23.04 5.27 23.94
C PRO C 218 22.47 6.64 24.30
N ARG C 219 22.08 6.77 25.57
CA ARG C 219 21.53 8.02 26.07
C ARG C 219 22.56 8.88 26.78
N GLY C 220 23.64 8.29 27.28
CA GLY C 220 24.63 9.00 28.05
C GLY C 220 25.85 8.13 28.30
N TYR C 221 26.34 8.12 29.53
CA TYR C 221 27.55 7.39 29.85
C TYR C 221 27.55 7.02 31.32
N PHE C 222 28.32 6.00 31.66
CA PHE C 222 28.51 5.59 33.04
C PHE C 222 29.85 6.11 33.51
N LYS C 223 29.85 6.93 34.57
CA LYS C 223 31.11 7.37 35.14
C LYS C 223 31.78 6.20 35.83
N MET C 224 33.04 5.96 35.50
CA MET C 224 33.77 4.78 35.93
C MET C 224 34.88 5.19 36.90
N ARG C 225 35.05 4.39 37.95
CA ARG C 225 36.08 4.63 38.95
C ARG C 225 36.95 3.39 39.10
N THR C 226 38.00 3.52 39.90
CA THR C 226 38.99 2.46 40.08
C THR C 226 39.10 2.14 41.56
N GLY C 227 38.65 0.95 41.93
CA GLY C 227 38.64 0.57 43.31
C GLY C 227 38.59 -0.93 43.53
N LYS C 228 38.25 -1.31 44.75
CA LYS C 228 38.27 -2.69 45.22
C LYS C 228 36.97 -3.41 44.96
N SER C 229 36.04 -2.79 44.22
CA SER C 229 34.75 -3.40 43.97
C SER C 229 34.91 -4.71 43.21
N SER C 230 33.88 -5.55 43.26
CA SER C 230 33.87 -6.82 42.54
C SER C 230 32.43 -7.32 42.46
N ILE C 231 32.28 -8.57 42.02
CA ILE C 231 30.98 -9.22 41.86
C ILE C 231 31.13 -10.69 42.21
N MET C 232 30.02 -11.34 42.54
CA MET C 232 30.05 -12.72 43.00
C MET C 232 28.77 -13.45 42.66
N ARG C 233 28.89 -14.72 42.30
CA ARG C 233 27.74 -15.60 42.03
C ARG C 233 27.44 -16.44 43.27
N SER C 234 26.23 -16.29 43.81
CA SER C 234 25.87 -17.03 45.02
C SER C 234 24.39 -16.88 45.33
N ASP C 235 23.87 -17.84 46.10
CA ASP C 235 22.53 -17.79 46.68
C ASP C 235 22.57 -17.73 48.21
N ALA C 236 23.70 -17.34 48.80
CA ALA C 236 23.80 -17.26 50.24
C ALA C 236 23.06 -16.02 50.75
N PRO C 237 22.20 -16.15 51.77
CA PRO C 237 21.44 -14.99 52.23
C PRO C 237 22.32 -13.98 52.94
N ILE C 238 21.83 -12.74 52.99
CA ILE C 238 22.55 -11.63 53.59
C ILE C 238 21.88 -11.25 54.91
N ASP C 239 22.68 -11.12 55.97
CA ASP C 239 22.21 -10.79 57.31
C ASP C 239 23.07 -9.65 57.86
N THR C 240 22.61 -9.06 58.95
CA THR C 240 23.32 -7.96 59.59
C THR C 240 24.30 -8.52 60.63
N CYS C 241 25.59 -8.49 60.29
CA CYS C 241 26.65 -9.05 61.11
C CYS C 241 27.98 -8.50 60.58
N ILE C 242 29.09 -9.00 61.15
CA ILE C 242 30.43 -8.55 60.79
C ILE C 242 31.29 -9.76 60.45
N SER C 243 31.91 -9.71 59.28
CA SER C 243 32.94 -10.66 58.89
C SER C 243 33.67 -10.07 57.71
N GLU C 244 35.00 -10.21 57.69
CA GLU C 244 35.82 -9.45 56.76
C GLU C 244 36.03 -10.19 55.43
N CYS C 245 35.79 -11.52 55.39
CA CYS C 245 35.82 -12.32 54.17
C CYS C 245 34.45 -12.76 53.75
N ILE C 246 34.22 -12.77 52.45
CA ILE C 246 32.95 -13.13 51.87
C ILE C 246 33.18 -14.27 50.90
N THR C 247 32.32 -15.23 50.97
CA THR C 247 32.25 -16.43 50.18
C THR C 247 31.03 -16.40 49.29
N PRO C 248 30.99 -17.27 48.28
CA PRO C 248 29.67 -17.65 47.73
C PRO C 248 28.81 -18.39 48.75
N ASN C 249 29.42 -19.02 49.76
CA ASN C 249 28.72 -19.82 50.76
C ASN C 249 28.41 -19.09 52.08
N GLY C 250 28.45 -17.76 52.09
CA GLY C 250 28.28 -16.96 53.30
C GLY C 250 29.61 -16.79 54.04
N SER C 251 29.70 -15.70 54.82
CA SER C 251 31.00 -15.23 55.29
C SER C 251 31.71 -16.24 56.17
N ILE C 252 33.03 -16.08 56.27
CA ILE C 252 33.88 -16.94 57.11
C ILE C 252 34.85 -16.08 57.93
N PRO C 253 35.29 -16.56 59.10
CA PRO C 253 36.36 -15.86 59.83
C PRO C 253 37.74 -16.03 59.19
N ASN C 254 38.54 -14.97 59.31
CA ASN C 254 39.86 -14.89 58.70
C ASN C 254 40.99 -15.12 59.69
N ASP C 255 40.70 -15.78 60.82
CA ASP C 255 41.69 -16.00 61.86
C ASP C 255 42.73 -17.04 61.48
N LYS C 256 42.35 -18.05 60.66
CA LYS C 256 43.25 -19.15 60.33
C LYS C 256 44.09 -18.83 59.09
N PRO C 257 45.31 -19.36 59.03
CA PRO C 257 46.20 -19.03 57.91
C PRO C 257 45.82 -19.69 56.59
N PHE C 258 44.95 -20.71 56.61
CA PHE C 258 44.48 -21.34 55.39
C PHE C 258 42.96 -21.39 55.39
N GLN C 259 42.39 -21.67 54.22
CA GLN C 259 40.95 -21.77 54.05
C GLN C 259 40.65 -22.84 53.01
N ASN C 260 39.54 -23.56 53.19
CA ASN C 260 39.12 -24.60 52.28
C ASN C 260 37.79 -24.31 51.59
N VAL C 261 37.05 -23.29 52.03
CA VAL C 261 35.64 -23.20 51.68
C VAL C 261 35.48 -22.98 50.18
N ASN C 262 36.17 -21.99 49.63
CA ASN C 262 36.10 -21.76 48.19
C ASN C 262 37.30 -20.92 47.76
N LYS C 263 37.72 -21.12 46.52
CA LYS C 263 38.79 -20.33 45.95
C LYS C 263 38.33 -18.90 45.68
N ILE C 264 37.05 -18.70 45.40
CA ILE C 264 36.52 -17.37 45.13
C ILE C 264 36.23 -16.71 46.48
N THR C 265 36.89 -15.58 46.76
CA THR C 265 36.70 -14.89 48.03
C THR C 265 36.72 -13.38 47.80
N TYR C 266 36.39 -12.66 48.87
CA TYR C 266 36.36 -11.20 48.85
C TYR C 266 36.67 -10.69 50.25
N GLY C 267 37.62 -9.76 50.36
CA GLY C 267 38.13 -9.31 51.64
C GLY C 267 39.40 -10.04 52.05
N ALA C 268 39.95 -9.63 53.19
CA ALA C 268 41.21 -10.17 53.72
C ALA C 268 41.01 -11.56 54.33
N CYS C 269 41.42 -12.59 53.59
CA CYS C 269 41.27 -13.99 53.99
C CYS C 269 42.54 -14.78 53.75
N PRO C 270 42.60 -15.99 54.27
CA PRO C 270 43.76 -16.86 54.03
C PRO C 270 43.76 -17.41 52.62
N LYS C 271 44.80 -18.20 52.35
CA LYS C 271 45.08 -18.74 51.03
C LYS C 271 44.35 -20.09 50.90
N TYR C 272 43.71 -20.29 49.75
CA TYR C 272 42.93 -21.50 49.52
C TYR C 272 43.82 -22.75 49.47
N VAL C 273 43.26 -23.87 49.96
CA VAL C 273 43.90 -25.18 49.93
C VAL C 273 42.81 -26.22 49.64
N LYS C 274 43.23 -27.40 49.17
CA LYS C 274 42.26 -28.45 48.84
C LYS C 274 41.85 -29.26 50.06
N GLN C 275 42.79 -29.41 50.97
CA GLN C 275 42.70 -30.16 52.19
C GLN C 275 41.94 -29.39 53.28
N ASN C 276 41.15 -30.11 54.12
CA ASN C 276 40.35 -29.54 55.21
C ASN C 276 40.96 -29.73 56.58
N THR C 277 42.10 -30.42 56.66
CA THR C 277 42.74 -30.76 57.90
C THR C 277 44.15 -30.16 57.92
N LEU C 278 44.47 -29.45 58.99
CA LEU C 278 45.84 -28.97 59.21
C LEU C 278 46.01 -28.59 60.68
N LYS C 279 46.75 -29.38 61.45
CA LYS C 279 46.95 -29.05 62.86
C LYS C 279 48.34 -28.45 63.10
N ASP D 3 15.93 -25.94 42.26
CA ASP D 3 15.42 -27.18 41.71
C ASP D 3 14.13 -26.92 40.93
N VAL D 4 14.19 -27.13 39.62
CA VAL D 4 13.03 -26.91 38.77
C VAL D 4 12.17 -28.15 38.76
N LYS D 5 10.85 -27.96 38.83
CA LYS D 5 9.90 -29.05 38.64
C LYS D 5 8.78 -28.56 37.74
N LEU D 6 8.42 -29.40 36.79
CA LEU D 6 7.23 -29.22 35.98
C LEU D 6 6.38 -30.46 36.20
N VAL D 7 5.15 -30.26 36.67
CA VAL D 7 4.24 -31.36 37.00
C VAL D 7 2.95 -31.16 36.23
N GLU D 8 2.56 -32.18 35.46
CA GLU D 8 1.39 -32.09 34.62
C GLU D 8 0.19 -32.68 35.33
N SER D 9 -0.99 -32.38 34.79
CA SER D 9 -2.23 -32.96 35.30
C SER D 9 -3.27 -32.90 34.19
N GLY D 10 -4.35 -33.64 34.40
CA GLY D 10 -5.45 -33.68 33.47
C GLY D 10 -5.54 -34.89 32.57
N GLU D 11 -4.80 -35.95 32.86
CA GLU D 11 -4.83 -37.14 32.02
C GLU D 11 -6.23 -37.76 32.00
N GLY D 12 -6.70 -38.07 30.80
CA GLY D 12 -8.03 -38.63 30.67
C GLY D 12 -8.30 -39.01 29.23
N LEU D 13 -9.27 -39.92 29.08
CA LEU D 13 -9.71 -40.37 27.76
C LEU D 13 -10.72 -39.40 27.17
N VAL D 14 -10.69 -39.26 25.84
CA VAL D 14 -11.55 -38.35 25.11
C VAL D 14 -12.10 -39.06 23.87
N LYS D 15 -13.37 -38.80 23.57
CA LYS D 15 -13.97 -39.31 22.35
C LYS D 15 -13.71 -38.36 21.19
N PRO D 16 -13.77 -38.82 19.93
CA PRO D 16 -13.42 -37.93 18.83
C PRO D 16 -14.38 -36.76 18.76
N GLY D 17 -13.84 -35.57 18.54
CA GLY D 17 -14.59 -34.35 18.71
C GLY D 17 -14.71 -33.91 20.15
N GLY D 18 -14.21 -34.71 21.08
CA GLY D 18 -14.24 -34.38 22.49
C GLY D 18 -13.21 -33.34 22.87
N SER D 19 -12.93 -33.24 24.17
CA SER D 19 -12.01 -32.22 24.62
C SER D 19 -11.35 -32.50 25.96
N LEU D 20 -10.28 -31.72 26.21
CA LEU D 20 -9.39 -31.91 27.35
C LEU D 20 -8.65 -30.61 27.66
N LYS D 21 -8.43 -30.34 28.94
CA LYS D 21 -7.57 -29.25 29.39
C LYS D 21 -6.49 -29.81 30.31
N LEU D 22 -5.29 -29.27 30.20
CA LEU D 22 -4.16 -29.73 31.00
C LEU D 22 -3.50 -28.57 31.71
N SER D 23 -2.90 -28.87 32.87
CA SER D 23 -2.25 -27.88 33.71
C SER D 23 -0.87 -28.39 34.06
N CYS D 24 0.09 -27.46 34.16
CA CYS D 24 1.44 -27.80 34.58
C CYS D 24 1.92 -26.80 35.62
N ALA D 25 2.07 -27.28 36.85
CA ALA D 25 2.45 -26.43 37.98
C ALA D 25 3.96 -26.35 38.04
N ALA D 26 4.50 -25.16 37.84
CA ALA D 26 5.94 -24.98 37.75
C ALA D 26 6.51 -24.63 39.12
N SER D 27 7.66 -25.21 39.43
CA SER D 27 8.27 -25.04 40.75
C SER D 27 9.77 -24.82 40.61
N GLY D 28 10.34 -24.16 41.61
CA GLY D 28 11.77 -23.94 41.68
C GLY D 28 12.27 -22.69 41.01
N PHE D 29 11.38 -21.90 40.41
CA PHE D 29 11.77 -20.64 39.80
C PHE D 29 10.57 -19.70 39.86
N THR D 30 10.84 -18.41 39.62
CA THR D 30 9.91 -17.36 40.00
C THR D 30 8.64 -17.39 39.15
N PHE D 31 8.81 -17.48 37.85
CA PHE D 31 7.75 -17.40 36.86
C PHE D 31 7.13 -18.80 36.72
N SER D 32 6.10 -18.92 35.89
CA SER D 32 5.84 -20.23 35.32
C SER D 32 6.97 -20.62 34.37
N GLY D 33 7.53 -19.65 33.66
CA GLY D 33 8.75 -19.84 32.88
C GLY D 33 9.07 -18.54 32.16
N TYR D 34 10.32 -18.42 31.69
CA TYR D 34 10.64 -17.33 30.79
C TYR D 34 9.76 -17.39 29.55
N ASP D 35 9.93 -18.45 28.78
CA ASP D 35 9.00 -18.89 27.75
C ASP D 35 8.74 -20.36 28.01
N MET D 36 7.54 -20.81 27.66
CA MET D 36 7.23 -22.22 27.87
C MET D 36 6.46 -22.77 26.69
N SER D 37 6.56 -24.09 26.51
CA SER D 37 6.04 -24.75 25.33
C SER D 37 5.49 -26.11 25.70
N TRP D 38 4.64 -26.65 24.83
CA TRP D 38 4.03 -27.96 24.99
C TRP D 38 4.55 -28.89 23.91
N VAL D 39 4.87 -30.11 24.30
CA VAL D 39 5.45 -31.11 23.41
C VAL D 39 4.78 -32.44 23.67
N ARG D 40 4.48 -33.16 22.59
CA ARG D 40 3.79 -34.44 22.65
C ARG D 40 4.72 -35.53 22.14
N GLN D 41 4.60 -36.73 22.72
CA GLN D 41 5.26 -37.92 22.19
C GLN D 41 4.18 -38.93 21.89
N THR D 42 4.02 -39.24 20.62
CA THR D 42 2.96 -40.12 20.15
C THR D 42 3.18 -41.54 20.67
N PRO D 43 2.20 -42.43 20.52
CA PRO D 43 2.49 -43.85 20.73
C PRO D 43 3.56 -44.36 19.79
N GLU D 44 3.69 -43.74 18.62
CA GLU D 44 4.79 -44.02 17.71
C GLU D 44 6.08 -43.33 18.16
N LYS D 45 6.06 -42.72 19.34
CA LYS D 45 7.22 -42.15 20.00
C LYS D 45 7.89 -41.05 19.19
N ARG D 46 7.19 -40.43 18.24
CA ARG D 46 7.69 -39.26 17.52
C ARG D 46 7.29 -38.00 18.27
N LEU D 47 8.16 -37.00 18.25
CA LEU D 47 8.02 -35.79 19.05
C LEU D 47 7.64 -34.57 18.21
N GLU D 48 6.52 -33.95 18.55
CA GLU D 48 6.03 -32.75 17.87
C GLU D 48 5.86 -31.64 18.91
N TRP D 49 6.35 -30.45 18.59
CA TRP D 49 6.09 -29.30 19.42
C TRP D 49 4.66 -28.81 19.18
N VAL D 50 3.97 -28.45 20.27
CA VAL D 50 2.54 -28.18 20.18
C VAL D 50 2.26 -26.68 20.19
N ALA D 51 2.59 -26.01 21.29
CA ALA D 51 2.24 -24.61 21.43
C ALA D 51 3.28 -23.92 22.30
N TYR D 52 3.24 -22.59 22.31
CA TYR D 52 4.25 -21.80 23.01
C TYR D 52 3.64 -20.49 23.47
N ILE D 53 4.16 -19.95 24.58
CA ILE D 53 3.75 -18.63 25.06
C ILE D 53 4.99 -17.88 25.54
N SER D 54 4.95 -16.55 25.47
CA SER D 54 6.01 -15.74 26.06
C SER D 54 5.67 -15.28 27.47
N SER D 55 4.79 -14.27 27.55
CA SER D 55 4.07 -13.88 28.75
C SER D 55 2.73 -13.28 28.35
N GLY D 56 2.17 -13.74 27.24
CA GLY D 56 1.23 -13.01 26.43
C GLY D 56 1.47 -13.37 24.97
N GLY D 57 2.45 -14.25 24.74
CA GLY D 57 2.65 -14.92 23.48
C GLY D 57 3.00 -14.04 22.30
N ASP D 58 4.20 -13.47 22.27
CA ASP D 58 4.54 -12.52 21.21
C ASP D 58 5.11 -13.22 19.97
N TYR D 59 4.59 -12.81 18.81
CA TYR D 59 5.20 -12.87 17.48
C TYR D 59 5.24 -14.26 16.84
N ILE D 60 5.09 -15.36 17.60
CA ILE D 60 4.88 -16.69 17.02
C ILE D 60 4.41 -17.70 18.07
N TYR D 61 3.52 -18.60 17.67
CA TYR D 61 3.08 -19.76 18.45
C TYR D 61 1.97 -20.46 17.66
N TYR D 62 1.55 -21.63 18.15
CA TYR D 62 0.58 -22.48 17.44
C TYR D 62 1.03 -22.97 16.07
N ALA D 63 1.86 -24.02 16.02
CA ALA D 63 2.22 -24.70 14.78
C ALA D 63 1.01 -25.00 13.89
N ASP D 64 1.25 -25.28 12.61
CA ASP D 64 0.15 -25.32 11.65
C ASP D 64 -0.90 -26.38 11.96
N THR D 65 -0.51 -27.50 12.57
CA THR D 65 -1.50 -28.51 12.91
C THR D 65 -2.23 -28.24 14.23
N VAL D 66 -1.87 -27.20 14.99
CA VAL D 66 -2.54 -26.92 16.27
C VAL D 66 -3.38 -25.66 16.21
N LYS D 67 -3.35 -24.92 15.10
CA LYS D 67 -4.13 -23.70 14.95
C LYS D 67 -5.64 -23.97 14.98
N GLY D 68 -6.37 -23.02 15.52
CA GLY D 68 -7.83 -23.03 15.50
C GLY D 68 -8.50 -24.06 16.38
N ARG D 69 -7.75 -25.01 16.94
CA ARG D 69 -8.34 -26.07 17.75
C ARG D 69 -7.90 -26.03 19.20
N PHE D 70 -6.67 -25.61 19.47
CA PHE D 70 -6.10 -25.64 20.81
C PHE D 70 -5.89 -24.22 21.33
N THR D 71 -5.84 -24.11 22.65
CA THR D 71 -5.55 -22.84 23.30
C THR D 71 -4.59 -23.04 24.46
N ILE D 72 -3.56 -22.20 24.53
CA ILE D 72 -2.56 -22.25 25.59
C ILE D 72 -2.67 -20.98 26.45
N SER D 73 -2.56 -21.15 27.77
CA SER D 73 -2.72 -20.05 28.72
C SER D 73 -1.66 -20.08 29.82
N ARG D 74 -1.46 -18.92 30.44
CA ARG D 74 -0.58 -18.76 31.59
C ARG D 74 -1.30 -18.10 32.75
N ASP D 75 -1.11 -18.66 33.94
CA ASP D 75 -1.58 -18.06 35.19
C ASP D 75 -0.36 -17.78 36.06
N ASN D 76 0.10 -16.53 36.04
CA ASN D 76 1.27 -16.15 36.84
C ASN D 76 1.02 -16.28 38.33
N ALA D 77 -0.21 -16.02 38.75
CA ALA D 77 -0.52 -16.08 40.17
C ALA D 77 -0.41 -17.51 40.67
N ARG D 78 -1.10 -18.43 40.00
CA ARG D 78 -1.12 -19.82 40.44
C ARG D 78 0.16 -20.58 40.09
N ASN D 79 1.10 -19.95 39.38
CA ASN D 79 2.36 -20.59 38.95
C ASN D 79 2.09 -21.87 38.16
N THR D 80 1.17 -21.80 37.21
CA THR D 80 0.79 -22.95 36.41
C THR D 80 0.68 -22.56 34.95
N LEU D 81 0.79 -23.57 34.08
CA LEU D 81 0.65 -23.41 32.65
C LEU D 81 -0.57 -24.20 32.18
N TYR D 82 -1.33 -23.66 31.24
CA TYR D 82 -2.55 -24.31 30.80
C TYR D 82 -2.50 -24.56 29.28
N LEU D 83 -3.09 -25.67 28.88
CA LEU D 83 -3.30 -26.02 27.48
C LEU D 83 -4.71 -26.58 27.36
N GLN D 84 -5.55 -25.91 26.59
CA GLN D 84 -6.91 -26.40 26.39
C GLN D 84 -6.99 -27.05 25.03
N MET D 85 -7.26 -28.36 25.03
CA MET D 85 -7.39 -29.14 23.81
C MET D 85 -8.86 -29.47 23.62
N SER D 86 -9.38 -29.10 22.46
CA SER D 86 -10.75 -29.43 22.12
C SER D 86 -10.81 -29.67 20.62
N SER D 87 -11.90 -30.33 20.19
CA SER D 87 -12.00 -30.89 18.84
C SER D 87 -10.88 -31.89 18.61
N LEU D 88 -10.77 -32.82 19.54
CA LEU D 88 -9.65 -33.73 19.49
C LEU D 88 -9.87 -34.72 18.37
N LYS D 89 -8.79 -35.09 17.70
CA LYS D 89 -8.86 -36.10 16.68
C LYS D 89 -7.95 -37.22 17.16
N SER D 90 -8.27 -38.44 16.73
CA SER D 90 -7.44 -39.62 16.95
C SER D 90 -5.96 -39.30 16.83
N GLU D 91 -5.55 -38.54 15.81
CA GLU D 91 -4.14 -38.24 15.62
C GLU D 91 -3.54 -37.40 16.72
N ASP D 92 -4.31 -36.97 17.73
CA ASP D 92 -3.77 -36.16 18.82
C ASP D 92 -3.47 -36.94 20.10
N THR D 93 -3.85 -38.21 20.17
CA THR D 93 -3.54 -39.00 21.37
C THR D 93 -2.04 -39.20 21.51
N ALA D 94 -1.50 -38.70 22.63
CA ALA D 94 -0.08 -38.76 22.92
C ALA D 94 0.07 -38.54 24.43
N MET D 95 1.32 -38.46 24.88
CA MET D 95 1.60 -38.04 26.25
C MET D 95 2.22 -36.66 26.16
N TYR D 96 1.49 -35.64 26.61
CA TYR D 96 1.91 -34.26 26.40
C TYR D 96 2.86 -33.80 27.50
N TYR D 97 3.91 -33.10 27.10
CA TYR D 97 5.00 -32.74 27.99
C TYR D 97 5.03 -31.25 28.22
N CYS D 98 5.39 -30.89 29.44
CA CYS D 98 5.55 -29.50 29.86
C CYS D 98 7.05 -29.19 29.83
N THR D 99 7.46 -28.31 28.91
CA THR D 99 8.88 -28.00 28.71
C THR D 99 9.12 -26.51 28.81
N ARG D 100 10.34 -26.16 29.21
CA ARG D 100 10.74 -24.77 29.38
C ARG D 100 12.13 -24.57 28.79
N ASP D 101 12.24 -23.55 27.94
CA ASP D 101 13.35 -23.31 27.03
C ASP D 101 13.91 -21.91 27.22
N SER D 102 14.94 -21.60 26.40
CA SER D 102 15.60 -20.28 26.37
C SER D 102 16.27 -19.98 27.70
N ASP D 103 17.15 -20.88 28.14
CA ASP D 103 17.74 -20.80 29.47
C ASP D 103 18.41 -19.45 29.71
N TYR D 104 19.37 -19.09 28.87
CA TYR D 104 20.16 -17.88 29.06
C TYR D 104 21.03 -17.71 27.82
N TYR D 105 21.37 -16.46 27.49
CA TYR D 105 22.18 -16.20 26.30
C TYR D 105 23.39 -17.12 26.20
N GLY D 106 24.18 -17.18 27.26
CA GLY D 106 25.34 -18.06 27.24
C GLY D 106 24.93 -19.53 27.13
N SER D 107 23.75 -19.86 27.64
CA SER D 107 23.26 -21.23 27.55
C SER D 107 22.37 -21.36 26.31
N ARG D 108 21.27 -20.61 26.29
CA ARG D 108 20.29 -20.61 25.19
C ARG D 108 20.08 -22.02 24.66
N VAL D 109 19.74 -22.93 25.56
CA VAL D 109 19.41 -24.30 25.20
C VAL D 109 17.90 -24.43 25.32
N TRP D 110 17.25 -24.64 24.20
CA TRP D 110 15.80 -24.80 24.19
C TRP D 110 15.44 -26.23 24.54
N PHE D 111 14.31 -26.39 25.22
CA PHE D 111 13.89 -27.70 25.75
C PHE D 111 14.87 -28.21 26.78
N ALA D 112 15.33 -27.32 27.65
CA ALA D 112 16.23 -27.76 28.71
C ALA D 112 15.49 -28.53 29.78
N TYR D 113 14.36 -28.00 30.24
CA TYR D 113 13.61 -28.55 31.36
C TYR D 113 12.28 -29.13 30.87
N TRP D 114 11.94 -30.31 31.38
CA TRP D 114 10.81 -31.09 30.89
C TRP D 114 9.95 -31.59 32.04
N GLY D 115 8.72 -31.97 31.70
CA GLY D 115 7.80 -32.58 32.64
C GLY D 115 7.75 -34.10 32.51
N GLN D 116 7.08 -34.72 33.49
CA GLN D 116 6.96 -36.18 33.56
C GLN D 116 5.98 -36.75 32.53
N GLY D 117 5.20 -35.91 31.85
CA GLY D 117 4.28 -36.36 30.82
C GLY D 117 2.95 -36.82 31.37
N THR D 118 1.88 -36.53 30.63
CA THR D 118 0.53 -36.92 31.04
C THR D 118 -0.26 -37.42 29.83
N LEU D 119 -1.07 -38.45 30.04
CA LEU D 119 -1.67 -39.20 28.94
C LEU D 119 -3.00 -38.62 28.49
N VAL D 120 -3.10 -38.33 27.19
CA VAL D 120 -4.33 -37.92 26.54
C VAL D 120 -4.65 -38.96 25.49
N THR D 121 -5.80 -39.61 25.62
CA THR D 121 -6.20 -40.70 24.72
C THR D 121 -7.49 -40.32 24.03
N VAL D 122 -7.42 -40.00 22.74
CA VAL D 122 -8.60 -39.65 21.95
C VAL D 122 -9.05 -40.94 21.29
N SER D 123 -10.11 -41.53 21.83
CA SER D 123 -10.56 -42.88 21.57
C SER D 123 -11.96 -42.92 21.00
N GLY D 124 -12.55 -44.10 20.96
CA GLY D 124 -13.89 -44.27 20.44
C GLY D 124 -14.61 -45.45 21.06
N ALA D 125 -15.93 -45.34 21.10
CA ALA D 125 -16.93 -46.40 21.30
C ALA D 125 -17.13 -46.96 22.70
N SER D 126 -16.16 -46.79 23.63
CA SER D 126 -16.39 -46.79 25.09
C SER D 126 -15.09 -46.95 25.88
N THR D 127 -15.18 -46.71 27.19
CA THR D 127 -14.11 -46.91 28.16
C THR D 127 -14.47 -48.10 29.04
N LYS D 128 -13.46 -48.68 29.71
CA LYS D 128 -13.70 -49.76 30.65
C LYS D 128 -12.84 -49.57 31.90
N GLY D 129 -13.39 -49.92 33.06
CA GLY D 129 -12.71 -49.90 34.34
C GLY D 129 -12.08 -51.23 34.66
N PRO D 130 -10.93 -51.21 35.32
CA PRO D 130 -10.19 -52.46 35.57
C PRO D 130 -10.94 -53.40 36.52
N SER D 131 -10.52 -54.66 36.49
CA SER D 131 -10.99 -55.68 37.42
C SER D 131 -9.78 -56.15 38.22
N VAL D 132 -9.71 -55.75 39.48
CA VAL D 132 -8.60 -56.11 40.36
C VAL D 132 -8.76 -57.55 40.84
N PHE D 133 -7.69 -58.33 40.72
CA PHE D 133 -7.59 -59.66 41.29
C PHE D 133 -6.28 -59.78 42.07
N PRO D 134 -6.32 -60.42 43.25
CA PRO D 134 -5.11 -60.55 44.06
C PRO D 134 -4.27 -61.77 43.69
N LEU D 135 -2.96 -61.58 43.74
CA LEU D 135 -2.00 -62.64 43.46
C LEU D 135 -1.47 -63.12 44.80
N ALA D 136 -2.12 -64.14 45.35
CA ALA D 136 -1.89 -64.55 46.72
C ALA D 136 -0.46 -65.03 46.91
N PRO D 137 0.09 -64.91 48.11
CA PRO D 137 1.49 -65.30 48.31
C PRO D 137 1.69 -66.81 48.21
N SER D 138 2.89 -67.17 47.76
CA SER D 138 3.27 -68.57 47.66
C SER D 138 3.27 -69.21 49.04
N SER D 139 2.74 -70.43 49.13
CA SER D 139 2.75 -71.12 50.41
C SER D 139 4.03 -71.91 50.66
N LYS D 140 4.36 -72.83 49.76
CA LYS D 140 5.44 -73.76 50.05
C LYS D 140 6.81 -73.13 49.86
N SER D 141 7.79 -73.77 50.48
CA SER D 141 9.11 -73.18 50.59
C SER D 141 9.82 -73.08 49.25
N THR D 142 10.55 -71.97 49.11
CA THR D 142 11.33 -71.59 47.94
C THR D 142 12.75 -71.36 48.45
N SER D 143 13.54 -70.55 47.72
CA SER D 143 14.85 -70.16 48.23
C SER D 143 14.79 -69.61 49.66
N GLY D 144 13.65 -69.04 50.11
CA GLY D 144 13.41 -68.82 51.53
C GLY D 144 13.57 -67.41 52.05
N GLY D 145 14.28 -66.54 51.34
CA GLY D 145 14.51 -65.20 51.87
C GLY D 145 13.23 -64.41 52.08
N THR D 146 12.42 -64.28 51.04
CA THR D 146 11.17 -63.52 51.07
C THR D 146 10.04 -64.30 50.41
N ALA D 147 8.82 -63.77 50.52
CA ALA D 147 7.65 -64.24 49.79
C ALA D 147 7.13 -63.12 48.88
N ALA D 148 6.62 -63.48 47.70
CA ALA D 148 6.23 -62.51 46.69
C ALA D 148 4.72 -62.57 46.46
N LEU D 149 4.09 -61.39 46.40
CA LEU D 149 2.65 -61.26 46.23
C LEU D 149 2.34 -59.96 45.49
N GLY D 150 1.18 -59.94 44.82
CA GLY D 150 0.83 -58.77 44.04
C GLY D 150 -0.64 -58.75 43.66
N CYS D 151 -0.98 -57.82 42.78
CA CYS D 151 -2.32 -57.69 42.23
C CYS D 151 -2.27 -57.63 40.71
N LEU D 152 -3.32 -58.18 40.08
CA LEU D 152 -3.47 -58.18 38.63
C LEU D 152 -4.52 -57.14 38.25
N VAL D 153 -4.09 -56.11 37.53
CA VAL D 153 -5.00 -55.08 37.01
C VAL D 153 -5.40 -55.55 35.61
N LYS D 154 -6.48 -56.33 35.55
CA LYS D 154 -6.87 -57.05 34.35
C LYS D 154 -7.96 -56.32 33.58
N ASP D 155 -7.81 -56.27 32.26
CA ASP D 155 -8.85 -55.83 31.34
C ASP D 155 -9.37 -54.44 31.69
N TYR D 156 -8.47 -53.47 31.51
CA TYR D 156 -8.75 -52.06 31.70
C TYR D 156 -8.45 -51.30 30.41
N PHE D 157 -9.06 -50.12 30.27
CA PHE D 157 -8.77 -49.25 29.13
C PHE D 157 -9.16 -47.83 29.50
N PRO D 158 -8.33 -46.83 29.16
CA PRO D 158 -6.98 -46.97 28.63
C PRO D 158 -5.95 -46.90 29.74
N GLU D 159 -4.68 -46.77 29.39
CA GLU D 159 -3.65 -46.48 30.35
C GLU D 159 -3.70 -45.00 30.74
N PRO D 160 -3.16 -44.63 31.92
CA PRO D 160 -2.51 -45.52 32.88
C PRO D 160 -3.36 -45.81 34.11
N VAL D 161 -2.98 -46.86 34.83
CA VAL D 161 -3.48 -47.12 36.17
C VAL D 161 -2.32 -46.89 37.14
N THR D 162 -2.63 -46.28 38.28
CA THR D 162 -1.62 -46.00 39.30
C THR D 162 -1.84 -46.98 40.44
N VAL D 163 -0.85 -47.83 40.69
CA VAL D 163 -0.92 -48.84 41.74
C VAL D 163 0.18 -48.55 42.75
N SER D 164 -0.18 -48.62 44.02
CA SER D 164 0.75 -48.58 45.14
C SER D 164 0.40 -49.71 46.09
N TRP D 165 1.13 -49.75 47.20
CA TRP D 165 0.91 -50.72 48.27
C TRP D 165 0.89 -49.94 49.57
N ASN D 166 -0.29 -49.83 50.16
CA ASN D 166 -0.52 -49.03 51.36
C ASN D 166 -0.19 -47.56 51.11
N SER D 167 -0.18 -47.16 49.84
CA SER D 167 0.02 -45.78 49.39
C SER D 167 1.32 -45.19 49.93
N GLY D 168 2.43 -45.85 49.60
CA GLY D 168 3.73 -45.45 50.08
C GLY D 168 4.08 -45.91 51.48
N ALA D 169 3.13 -46.45 52.25
CA ALA D 169 3.53 -47.11 53.49
C ALA D 169 4.37 -48.34 53.19
N LEU D 170 4.23 -48.92 51.99
CA LEU D 170 5.08 -49.99 51.50
C LEU D 170 5.66 -49.52 50.17
N THR D 171 6.83 -48.90 50.25
CA THR D 171 7.59 -48.41 49.11
C THR D 171 8.77 -49.31 48.78
N SER D 172 8.97 -50.38 49.54
CA SER D 172 10.13 -51.23 49.34
C SER D 172 9.71 -52.53 48.69
N GLY D 173 10.64 -53.15 47.96
CA GLY D 173 10.35 -54.35 47.22
C GLY D 173 9.31 -54.27 46.11
N VAL D 174 8.81 -53.07 45.81
CA VAL D 174 7.71 -52.91 44.86
C VAL D 174 8.27 -52.74 43.46
N HIS D 175 7.65 -53.44 42.52
CA HIS D 175 7.97 -53.33 41.09
C HIS D 175 6.64 -53.32 40.35
N THR D 176 6.29 -52.16 39.78
CA THR D 176 5.07 -52.02 39.02
C THR D 176 5.40 -52.25 37.56
N PHE D 177 4.78 -53.26 36.98
CA PHE D 177 5.24 -53.62 35.65
C PHE D 177 4.41 -52.93 34.59
N PRO D 178 4.96 -52.73 33.40
CA PRO D 178 4.17 -52.14 32.32
C PRO D 178 3.00 -53.05 31.96
N ALA D 179 2.06 -52.50 31.22
CA ALA D 179 0.88 -53.26 30.86
C ALA D 179 1.11 -54.00 29.54
N VAL D 180 0.19 -54.92 29.25
CA VAL D 180 0.18 -55.60 27.96
C VAL D 180 -1.07 -55.17 27.22
N LEU D 181 -0.90 -54.72 25.98
CA LEU D 181 -2.04 -54.47 25.12
C LEU D 181 -2.48 -55.81 24.59
N GLN D 182 -3.48 -56.42 25.23
CA GLN D 182 -3.91 -57.70 24.72
C GLN D 182 -4.64 -57.49 23.40
N SER D 183 -4.89 -58.59 22.72
CA SER D 183 -5.82 -58.51 21.61
C SER D 183 -7.19 -58.27 22.20
N SER D 184 -8.02 -57.54 21.45
CA SER D 184 -9.22 -56.83 21.89
C SER D 184 -8.89 -55.45 22.45
N GLY D 185 -7.68 -54.95 22.21
CA GLY D 185 -7.37 -53.57 22.59
C GLY D 185 -7.47 -53.26 24.06
N LEU D 186 -7.42 -54.26 24.93
CA LEU D 186 -7.55 -54.07 26.35
C LEU D 186 -6.19 -54.25 27.01
N TYR D 187 -5.98 -53.55 28.12
CA TYR D 187 -4.68 -53.58 28.77
C TYR D 187 -4.78 -54.40 30.05
N SER D 188 -3.62 -54.91 30.46
CA SER D 188 -3.51 -55.65 31.72
C SER D 188 -2.10 -55.48 32.24
N LEU D 189 -1.96 -55.15 33.53
CA LEU D 189 -0.66 -54.99 34.14
C LEU D 189 -0.68 -55.67 35.50
N SER D 190 0.46 -55.61 36.18
CA SER D 190 0.56 -56.17 37.51
C SER D 190 1.62 -55.42 38.30
N SER D 191 1.56 -55.56 39.62
CA SER D 191 2.57 -55.02 40.51
C SER D 191 2.73 -55.98 41.67
N VAL D 192 3.98 -56.22 42.05
CA VAL D 192 4.35 -57.23 43.04
C VAL D 192 5.31 -56.60 44.03
N VAL D 193 5.20 -57.00 45.30
CA VAL D 193 6.15 -56.61 46.35
C VAL D 193 6.69 -57.86 47.03
N THR D 194 7.86 -57.69 47.64
CA THR D 194 8.63 -58.77 48.24
C THR D 194 8.76 -58.52 49.74
N VAL D 195 8.24 -59.44 50.55
CA VAL D 195 8.17 -59.27 52.00
C VAL D 195 8.67 -60.54 52.69
N PRO D 196 9.08 -60.42 53.96
CA PRO D 196 9.59 -61.59 54.72
C PRO D 196 8.62 -62.77 54.82
N SER D 197 9.23 -63.97 54.91
CA SER D 197 8.46 -65.21 54.97
C SER D 197 7.69 -65.37 56.28
N SER D 198 8.27 -64.97 57.40
CA SER D 198 7.56 -64.94 58.68
C SER D 198 6.29 -64.08 58.61
N SER D 199 6.44 -62.87 58.07
CA SER D 199 5.39 -61.84 58.08
C SER D 199 4.37 -62.16 56.99
N LEU D 200 3.50 -63.13 57.29
CA LEU D 200 2.43 -63.49 56.36
C LEU D 200 1.02 -63.36 56.96
N GLY D 201 0.88 -63.41 58.28
CA GLY D 201 -0.39 -63.14 58.93
C GLY D 201 -0.30 -61.93 59.82
N THR D 202 0.90 -61.35 59.92
CA THR D 202 1.18 -60.29 60.87
C THR D 202 0.87 -58.89 60.35
N GLN D 203 1.06 -58.63 59.06
CA GLN D 203 0.81 -57.31 58.48
C GLN D 203 -0.13 -57.42 57.29
N THR D 204 -0.81 -56.31 57.02
CA THR D 204 -1.90 -56.26 56.05
C THR D 204 -1.39 -55.64 54.75
N TYR D 205 -1.64 -56.33 53.63
CA TYR D 205 -1.16 -55.92 52.31
C TYR D 205 -2.37 -55.66 51.43
N ILE D 206 -2.50 -54.42 50.94
CA ILE D 206 -3.65 -54.00 50.15
C ILE D 206 -3.17 -53.21 48.95
N CYS D 207 -3.76 -53.49 47.78
CA CYS D 207 -3.39 -52.84 46.53
C CYS D 207 -4.21 -51.57 46.35
N ASN D 208 -3.55 -50.41 46.35
CA ASN D 208 -4.21 -49.14 46.19
C ASN D 208 -4.22 -48.72 44.72
N VAL D 209 -4.97 -49.49 43.94
CA VAL D 209 -5.06 -49.29 42.50
C VAL D 209 -6.04 -48.16 42.21
N ASN D 210 -5.69 -47.28 41.29
CA ASN D 210 -6.64 -46.33 40.73
C ASN D 210 -6.32 -46.07 39.26
N HIS D 211 -7.38 -46.01 38.45
CA HIS D 211 -7.32 -45.82 37.01
C HIS D 211 -8.11 -44.57 36.67
N LYS D 212 -7.45 -43.41 36.72
CA LYS D 212 -8.18 -42.14 36.63
C LYS D 212 -8.81 -41.83 35.27
N PRO D 213 -8.33 -42.37 34.14
CA PRO D 213 -9.13 -42.26 32.90
C PRO D 213 -10.59 -42.64 33.09
N SER D 214 -10.87 -43.55 34.01
CA SER D 214 -12.18 -43.74 34.59
C SER D 214 -12.15 -43.26 36.03
N ASN D 215 -13.31 -43.12 36.65
CA ASN D 215 -13.33 -42.72 38.06
C ASN D 215 -13.36 -44.00 38.90
N THR D 216 -12.19 -44.63 38.95
CA THR D 216 -11.98 -45.94 39.56
C THR D 216 -10.90 -45.86 40.62
N LYS D 217 -11.13 -46.50 41.77
CA LYS D 217 -10.07 -46.75 42.76
C LYS D 217 -10.51 -47.91 43.62
N VAL D 218 -9.79 -49.02 43.52
CA VAL D 218 -10.18 -50.29 44.12
C VAL D 218 -9.06 -50.74 45.04
N ASP D 219 -9.32 -50.78 46.34
CA ASP D 219 -8.44 -51.51 47.25
C ASP D 219 -8.82 -52.98 47.23
N LYS D 220 -7.82 -53.82 47.45
CA LYS D 220 -8.06 -55.25 47.58
C LYS D 220 -6.91 -55.82 48.38
N ARG D 221 -7.24 -56.64 49.37
CA ARG D 221 -6.21 -57.23 50.19
C ARG D 221 -5.75 -58.54 49.59
N VAL D 222 -4.50 -58.89 49.90
CA VAL D 222 -3.91 -60.15 49.47
C VAL D 222 -3.74 -61.00 50.73
N GLU D 223 -4.21 -62.24 50.67
CA GLU D 223 -4.14 -63.17 51.79
C GLU D 223 -4.10 -64.58 51.26
N PRO D 224 -3.33 -65.49 51.88
CA PRO D 224 -3.27 -66.88 51.44
C PRO D 224 -4.65 -67.52 51.65
N LYS D 225 -5.17 -68.24 50.65
CA LYS D 225 -6.54 -68.81 50.76
C LYS D 225 -6.54 -70.35 50.87
N SER D 226 -5.36 -70.98 50.84
CA SER D 226 -5.18 -72.44 51.09
C SER D 226 -5.75 -73.37 50.00
N CYS D 227 -5.84 -74.67 50.29
CA CYS D 227 -6.33 -75.68 49.36
C CYS D 227 -7.41 -76.60 49.94
N ASP E 3 38.06 42.85 -17.64
CA ASP E 3 38.59 44.10 -18.17
C ASP E 3 38.51 44.18 -19.70
N VAL E 4 37.34 44.52 -20.21
CA VAL E 4 37.09 44.65 -21.64
C VAL E 4 37.45 46.05 -22.10
N LYS E 5 38.08 46.15 -23.27
CA LYS E 5 38.36 47.44 -23.90
C LYS E 5 38.14 47.38 -25.40
N LEU E 6 37.53 48.43 -25.94
CA LEU E 6 37.37 48.63 -27.39
C LEU E 6 38.05 49.93 -27.79
N VAL E 7 38.98 49.85 -28.75
CA VAL E 7 39.78 50.99 -29.19
C VAL E 7 39.56 51.18 -30.68
N GLU E 8 39.16 52.39 -31.07
CA GLU E 8 38.80 52.71 -32.45
C GLU E 8 39.93 53.43 -33.18
N SER E 9 39.77 53.48 -34.51
CA SER E 9 40.68 54.20 -35.39
C SER E 9 39.97 54.51 -36.69
N GLY E 10 40.59 55.37 -37.49
CA GLY E 10 40.12 55.70 -38.81
C GLY E 10 39.41 57.03 -38.96
N GLU E 11 39.46 57.90 -37.97
CA GLU E 11 38.82 59.21 -38.12
C GLU E 11 39.50 60.00 -39.22
N GLY E 12 38.70 60.59 -40.09
CA GLY E 12 39.23 61.36 -41.21
C GLY E 12 38.11 62.06 -41.94
N LEU E 13 38.49 63.14 -42.62
CA LEU E 13 37.54 63.96 -43.36
C LEU E 13 37.28 63.41 -44.76
N VAL E 14 36.02 63.52 -45.20
CA VAL E 14 35.55 62.98 -46.46
C VAL E 14 34.61 63.98 -47.13
N LYS E 15 34.64 64.02 -48.47
CA LYS E 15 33.75 64.83 -49.28
C LYS E 15 32.41 64.12 -49.55
N PRO E 16 31.36 64.87 -49.91
CA PRO E 16 30.04 64.25 -50.10
C PRO E 16 30.05 63.23 -51.23
N GLY E 17 29.37 62.11 -50.99
CA GLY E 17 29.42 60.95 -51.87
C GLY E 17 30.70 60.16 -51.74
N GLY E 18 31.66 60.66 -50.97
CA GLY E 18 32.92 60.01 -50.70
C GLY E 18 32.78 58.88 -49.71
N SER E 19 33.92 58.46 -49.16
CA SER E 19 33.84 57.29 -48.29
C SER E 19 35.01 57.10 -47.34
N LEU E 20 34.79 56.20 -46.38
CA LEU E 20 35.70 55.95 -45.27
C LEU E 20 35.49 54.53 -44.76
N LYS E 21 36.58 53.94 -44.26
CA LYS E 21 36.56 52.67 -43.57
C LYS E 21 37.07 52.89 -42.15
N LEU E 22 36.45 52.22 -41.18
CA LEU E 22 36.82 52.40 -39.78
C LEU E 22 37.09 51.04 -39.14
N SER E 23 37.99 51.03 -38.18
CA SER E 23 38.38 49.82 -37.47
C SER E 23 38.37 50.09 -35.99
N CYS E 24 37.95 49.09 -35.21
CA CYS E 24 37.97 49.18 -33.74
C CYS E 24 38.61 47.92 -33.21
N ALA E 25 39.76 48.08 -32.56
CA ALA E 25 40.57 46.95 -32.10
C ALA E 25 40.05 46.52 -30.74
N ALA E 26 39.56 45.30 -30.66
CA ALA E 26 38.92 44.79 -29.46
C ALA E 26 39.92 44.03 -28.59
N SER E 27 39.86 44.24 -27.28
CA SER E 27 40.81 43.63 -26.37
C SER E 27 40.15 43.24 -25.06
N GLY E 28 40.73 42.25 -24.38
CA GLY E 28 40.32 41.86 -23.05
C GLY E 28 39.23 40.82 -22.95
N PHE E 29 38.78 40.26 -24.08
CA PHE E 29 37.70 39.30 -24.08
C PHE E 29 37.92 38.31 -25.22
N THR E 30 37.17 37.21 -25.19
CA THR E 30 37.54 36.04 -25.99
C THR E 30 37.32 36.26 -27.48
N PHE E 31 36.25 36.95 -27.87
CA PHE E 31 36.03 37.16 -29.29
C PHE E 31 36.70 38.45 -29.76
N SER E 32 36.51 38.75 -31.04
CA SER E 32 36.51 40.14 -31.48
C SER E 32 35.26 40.84 -30.94
N GLY E 33 34.18 40.07 -30.80
CA GLY E 33 33.00 40.41 -30.03
C GLY E 33 32.02 39.25 -30.08
N TYR E 34 31.22 39.06 -29.03
CA TYR E 34 30.14 38.08 -29.09
C TYR E 34 29.15 38.47 -30.19
N ASP E 35 28.55 39.63 -30.01
CA ASP E 35 27.89 40.39 -31.06
C ASP E 35 28.51 41.77 -30.98
N MET E 36 28.57 42.47 -32.11
CA MET E 36 29.09 43.83 -32.08
C MET E 36 28.24 44.70 -33.00
N SER E 37 28.24 45.99 -32.71
CA SER E 37 27.39 46.92 -33.43
C SER E 37 28.06 48.28 -33.51
N TRP E 38 27.65 49.05 -34.52
CA TRP E 38 28.15 50.39 -34.75
C TRP E 38 27.02 51.36 -34.48
N VAL E 39 27.30 52.38 -33.69
CA VAL E 39 26.32 53.40 -33.33
C VAL E 39 27.02 54.74 -33.39
N ARG E 40 26.38 55.71 -34.02
CA ARG E 40 26.93 57.05 -34.17
C ARG E 40 26.04 58.05 -33.48
N GLN E 41 26.65 59.14 -33.04
CA GLN E 41 25.94 60.27 -32.44
C GLN E 41 26.16 61.49 -33.31
N THR E 42 25.08 62.08 -33.82
CA THR E 42 25.14 63.22 -34.72
C THR E 42 25.75 64.42 -33.99
N PRO E 43 26.13 65.48 -34.69
CA PRO E 43 26.53 66.71 -33.98
C PRO E 43 25.46 67.26 -33.07
N GLU E 44 24.19 66.99 -33.35
CA GLU E 44 23.08 67.32 -32.47
C GLU E 44 22.97 66.35 -31.31
N LYS E 45 23.98 65.51 -31.13
CA LYS E 45 24.14 64.60 -30.01
C LYS E 45 22.99 63.60 -29.89
N ARG E 46 22.33 63.33 -31.01
CA ARG E 46 21.32 62.28 -31.11
C ARG E 46 22.00 60.97 -31.48
N LEU E 47 21.49 59.87 -30.92
CA LEU E 47 22.11 58.56 -31.04
C LEU E 47 21.33 57.70 -32.01
N GLU E 48 22.00 57.24 -33.07
CA GLU E 48 21.39 56.36 -34.06
C GLU E 48 22.23 55.10 -34.18
N TRP E 49 21.59 53.94 -34.07
CA TRP E 49 22.26 52.67 -34.29
C TRP E 49 22.43 52.41 -35.78
N VAL E 50 23.62 51.93 -36.17
CA VAL E 50 24.00 51.80 -37.57
C VAL E 50 23.96 50.33 -38.04
N ALA E 51 24.78 49.47 -37.41
CA ALA E 51 24.95 48.10 -37.89
C ALA E 51 25.14 47.18 -36.70
N TYR E 52 25.07 45.88 -36.97
CA TYR E 52 25.14 44.84 -35.94
C TYR E 52 25.77 43.59 -36.53
N ILE E 53 26.47 42.80 -35.71
CA ILE E 53 27.05 41.55 -36.20
C ILE E 53 26.84 40.43 -35.19
N SER E 54 26.83 39.20 -35.73
CA SER E 54 26.85 37.95 -34.97
C SER E 54 28.30 37.51 -34.80
N SER E 55 28.49 36.21 -34.61
CA SER E 55 29.82 35.65 -34.86
C SER E 55 30.11 35.67 -36.36
N GLY E 56 29.06 35.50 -37.19
CA GLY E 56 29.15 35.57 -38.63
C GLY E 56 27.95 36.25 -39.27
N GLY E 57 27.38 37.25 -38.59
CA GLY E 57 26.35 38.11 -39.14
C GLY E 57 24.99 37.50 -39.40
N ASP E 58 24.39 36.89 -38.40
CA ASP E 58 23.10 36.21 -38.52
C ASP E 58 21.97 37.18 -38.17
N TYR E 59 20.89 37.19 -38.98
CA TYR E 59 19.64 37.81 -38.50
C TYR E 59 19.63 39.31 -38.30
N ILE E 60 18.68 39.97 -38.97
CA ILE E 60 18.57 41.40 -39.29
C ILE E 60 19.48 42.31 -38.47
N TYR E 61 20.21 43.17 -39.18
CA TYR E 61 21.20 44.08 -38.61
C TYR E 61 21.25 45.39 -39.38
N TYR E 62 20.11 45.87 -39.87
CA TYR E 62 20.07 46.93 -40.86
C TYR E 62 19.50 48.24 -40.34
N ALA E 63 20.29 49.30 -40.40
CA ALA E 63 19.72 50.65 -40.25
C ALA E 63 19.22 51.03 -41.63
N ASP E 64 17.90 51.13 -41.80
CA ASP E 64 17.33 51.29 -43.13
C ASP E 64 17.80 52.57 -43.81
N THR E 65 18.22 53.57 -43.05
CA THR E 65 18.75 54.80 -43.62
C THR E 65 20.17 54.66 -44.15
N VAL E 66 20.88 53.59 -43.81
CA VAL E 66 22.24 53.35 -44.30
C VAL E 66 22.33 52.11 -45.17
N LYS E 67 21.21 51.42 -45.39
CA LYS E 67 21.21 50.19 -46.18
C LYS E 67 21.74 50.50 -47.57
N GLY E 68 22.48 49.55 -48.14
CA GLY E 68 23.07 49.72 -49.46
C GLY E 68 24.30 50.62 -49.50
N ARG E 69 24.63 51.30 -48.41
CA ARG E 69 25.76 52.23 -48.38
C ARG E 69 26.90 51.79 -47.49
N PHE E 70 26.61 51.07 -46.40
CA PHE E 70 27.61 50.63 -45.44
C PHE E 70 27.74 49.12 -45.48
N THR E 71 28.89 48.63 -45.01
CA THR E 71 29.09 47.21 -44.80
C THR E 71 29.90 47.04 -43.53
N ILE E 72 29.47 46.13 -42.66
CA ILE E 72 30.16 45.85 -41.41
C ILE E 72 30.83 44.49 -41.51
N SER E 73 32.08 44.41 -41.06
CA SER E 73 32.86 43.19 -41.12
C SER E 73 33.60 43.00 -39.81
N ARG E 74 33.95 41.75 -39.53
CA ARG E 74 34.78 41.41 -38.38
C ARG E 74 35.90 40.48 -38.83
N ASP E 75 37.09 40.68 -38.29
CA ASP E 75 38.22 39.82 -38.59
C ASP E 75 38.44 38.94 -37.35
N ASN E 76 37.90 37.73 -37.42
CA ASN E 76 37.96 36.79 -36.31
C ASN E 76 39.40 36.45 -35.93
N ALA E 77 40.32 36.46 -36.90
CA ALA E 77 41.71 36.15 -36.61
C ALA E 77 42.38 37.27 -35.84
N ARG E 78 42.45 38.45 -36.44
CA ARG E 78 43.15 39.60 -35.85
C ARG E 78 42.33 40.31 -34.78
N ASN E 79 41.10 39.84 -34.51
CA ASN E 79 40.22 40.44 -33.51
C ASN E 79 39.91 41.92 -33.82
N THR E 80 39.39 42.15 -35.01
CA THR E 80 39.11 43.51 -35.46
C THR E 80 37.69 43.59 -35.99
N LEU E 81 37.10 44.78 -35.82
CA LEU E 81 35.78 45.10 -36.34
C LEU E 81 35.93 46.23 -37.34
N TYR E 82 35.21 46.13 -38.45
CA TYR E 82 35.33 47.11 -39.52
C TYR E 82 33.97 47.67 -39.89
N LEU E 83 33.96 48.93 -40.32
CA LEU E 83 32.80 49.53 -40.95
C LEU E 83 33.32 50.42 -42.07
N GLN E 84 33.02 50.05 -43.32
CA GLN E 84 33.33 50.91 -44.45
C GLN E 84 32.03 51.45 -45.01
N MET E 85 31.89 52.77 -44.98
CA MET E 85 30.71 53.48 -45.46
C MET E 85 31.08 54.16 -46.78
N SER E 86 30.24 54.01 -47.81
CA SER E 86 30.51 54.72 -49.06
C SER E 86 29.24 55.36 -49.63
N SER E 87 29.47 56.33 -50.52
CA SER E 87 28.45 57.29 -50.99
C SER E 87 27.91 58.11 -49.82
N LEU E 88 28.84 58.73 -49.12
CA LEU E 88 28.56 59.39 -47.85
C LEU E 88 27.71 60.64 -48.04
N LYS E 89 26.87 60.91 -47.04
CA LYS E 89 26.00 62.08 -47.03
C LYS E 89 26.32 62.97 -45.84
N SER E 90 25.98 64.25 -45.99
CA SER E 90 26.00 65.22 -44.89
C SER E 90 25.50 64.63 -43.57
N GLU E 91 24.37 63.91 -43.63
CA GLU E 91 23.70 63.31 -42.49
C GLU E 91 24.48 62.18 -41.82
N ASP E 92 25.64 61.80 -42.33
CA ASP E 92 26.45 60.76 -41.70
C ASP E 92 27.59 61.34 -40.88
N THR E 93 27.78 62.65 -40.92
CA THR E 93 28.82 63.30 -40.12
C THR E 93 28.52 63.08 -38.64
N ALA E 94 29.37 62.31 -37.96
CA ALA E 94 29.16 61.97 -36.57
C ALA E 94 30.45 61.41 -36.01
N MET E 95 30.42 61.00 -34.75
CA MET E 95 31.48 60.25 -34.11
C MET E 95 30.94 58.84 -33.89
N TYR E 96 31.50 57.88 -34.61
CA TYR E 96 30.96 56.53 -34.59
C TYR E 96 31.56 55.75 -33.44
N TYR E 97 30.71 55.01 -32.74
CA TYR E 97 31.10 54.32 -31.54
C TYR E 97 31.10 52.82 -31.80
N CYS E 98 32.09 52.17 -31.23
CA CYS E 98 32.27 50.73 -31.33
C CYS E 98 31.67 50.12 -30.08
N THR E 99 30.60 49.38 -30.26
CA THR E 99 29.87 48.81 -29.13
C THR E 99 29.88 47.31 -29.26
N ARG E 100 30.03 46.65 -28.13
CA ARG E 100 29.82 45.19 -28.08
C ARG E 100 28.63 45.03 -27.15
N ASP E 101 27.59 44.38 -27.61
CA ASP E 101 26.35 44.28 -26.80
C ASP E 101 26.63 43.46 -25.54
N SER E 102 25.87 43.73 -24.50
CA SER E 102 26.10 43.21 -23.13
C SER E 102 25.87 41.71 -22.98
N ASP E 103 26.09 41.22 -21.77
CA ASP E 103 26.41 39.85 -21.31
C ASP E 103 25.38 38.72 -21.42
N TYR E 104 25.44 37.75 -20.52
CA TYR E 104 24.63 36.50 -20.65
C TYR E 104 23.18 36.66 -20.22
N TYR E 105 22.53 35.52 -19.93
CA TYR E 105 21.10 35.49 -19.51
C TYR E 105 20.93 36.43 -18.31
N GLY E 106 21.82 36.37 -17.32
CA GLY E 106 21.66 37.22 -16.13
C GLY E 106 21.72 38.69 -16.45
N SER E 107 22.59 39.10 -17.35
CA SER E 107 22.69 40.52 -17.65
C SER E 107 21.84 40.92 -18.85
N ARG E 108 22.19 40.42 -20.04
CA ARG E 108 21.51 40.74 -21.31
C ARG E 108 21.06 42.20 -21.33
N VAL E 109 22.04 43.07 -21.17
CA VAL E 109 21.90 44.52 -21.25
C VAL E 109 22.50 44.89 -22.59
N TRP E 110 21.75 45.59 -23.45
CA TRP E 110 22.40 45.91 -24.70
C TRP E 110 23.23 47.18 -24.57
N PHE E 111 24.37 47.19 -25.26
CA PHE E 111 25.33 48.31 -25.28
C PHE E 111 25.96 48.63 -23.93
N ALA E 112 26.42 47.63 -23.19
CA ALA E 112 27.15 47.98 -21.97
C ALA E 112 28.57 48.46 -22.27
N TYR E 113 29.27 47.77 -23.17
CA TYR E 113 30.67 48.06 -23.44
C TYR E 113 30.76 48.86 -24.72
N TRP E 114 31.52 49.95 -24.68
CA TRP E 114 31.57 50.93 -25.74
C TRP E 114 33.03 51.25 -26.07
N GLY E 115 33.25 51.80 -27.25
CA GLY E 115 34.53 52.35 -27.60
C GLY E 115 34.51 53.84 -27.37
N GLN E 116 35.68 54.46 -27.32
CA GLN E 116 35.75 55.88 -27.05
C GLN E 116 35.35 56.73 -28.25
N GLY E 117 35.09 56.11 -29.39
CA GLY E 117 34.58 56.86 -30.53
C GLY E 117 35.66 57.50 -31.36
N THR E 118 35.39 57.58 -32.67
CA THR E 118 36.28 58.21 -33.63
C THR E 118 35.43 59.04 -34.59
N LEU E 119 35.94 60.20 -34.99
CA LEU E 119 35.11 61.23 -35.62
C LEU E 119 35.07 61.05 -37.14
N VAL E 120 33.86 61.03 -37.69
CA VAL E 120 33.62 60.97 -39.13
C VAL E 120 32.94 62.26 -39.56
N THR E 121 33.59 62.99 -40.46
CA THR E 121 33.13 64.30 -40.95
C THR E 121 32.93 64.25 -42.45
N VAL E 122 31.68 64.35 -42.91
CA VAL E 122 31.39 64.38 -44.34
C VAL E 122 31.40 65.86 -44.71
N SER E 123 32.46 66.26 -45.41
CA SER E 123 32.84 67.65 -45.59
C SER E 123 32.51 68.19 -46.98
N GLY E 124 33.05 69.36 -47.26
CA GLY E 124 32.94 69.98 -48.57
C GLY E 124 34.00 71.05 -48.79
N ALA E 125 34.43 71.19 -50.04
CA ALA E 125 35.11 72.34 -50.62
C ALA E 125 36.58 72.56 -50.25
N SER E 126 37.07 72.01 -49.12
CA SER E 126 38.49 71.77 -48.86
C SER E 126 38.77 71.40 -47.41
N THR E 127 39.97 70.90 -47.16
CA THR E 127 40.52 70.68 -45.83
C THR E 127 41.64 71.68 -45.61
N LYS E 128 42.01 71.91 -44.36
CA LYS E 128 43.14 72.77 -44.06
C LYS E 128 43.99 72.16 -42.96
N GLY E 129 45.31 72.31 -43.11
CA GLY E 129 46.25 71.87 -42.11
C GLY E 129 46.60 72.97 -41.12
N PRO E 130 46.74 72.62 -39.86
CA PRO E 130 47.00 73.64 -38.83
C PRO E 130 48.40 74.21 -38.93
N SER E 131 48.57 75.39 -38.32
CA SER E 131 49.88 76.01 -38.11
C SER E 131 50.03 76.22 -36.61
N VAL E 132 50.90 75.45 -35.98
CA VAL E 132 51.17 75.56 -34.54
C VAL E 132 52.11 76.72 -34.26
N PHE E 133 51.81 77.48 -33.20
CA PHE E 133 52.64 78.55 -32.65
C PHE E 133 52.89 78.31 -31.17
N PRO E 134 54.09 78.58 -30.67
CA PRO E 134 54.40 78.33 -29.25
C PRO E 134 54.00 79.49 -28.34
N LEU E 135 53.55 79.14 -27.14
CA LEU E 135 53.11 80.12 -26.14
C LEU E 135 54.21 80.24 -25.09
N ALA E 136 55.09 81.21 -25.29
CA ALA E 136 56.33 81.32 -24.52
C ALA E 136 56.08 81.69 -23.04
N PRO E 137 56.98 81.28 -22.16
CA PRO E 137 56.88 81.61 -20.73
C PRO E 137 57.20 83.06 -20.39
N SER E 138 56.61 83.51 -19.28
CA SER E 138 56.78 84.85 -18.73
C SER E 138 58.22 85.14 -18.30
N SER E 139 58.61 86.40 -18.40
CA SER E 139 59.92 86.81 -17.93
C SER E 139 59.95 86.93 -16.42
N LYS E 140 58.91 87.51 -15.84
CA LYS E 140 58.87 87.70 -14.39
C LYS E 140 58.31 86.48 -13.68
N SER E 141 58.92 86.12 -12.56
CA SER E 141 58.48 84.97 -11.80
C SER E 141 57.45 85.44 -10.77
N THR E 142 56.18 85.12 -11.01
CA THR E 142 55.12 85.36 -10.04
C THR E 142 54.97 84.12 -9.18
N SER E 143 55.25 84.29 -7.89
CA SER E 143 55.26 83.30 -6.83
C SER E 143 56.39 82.30 -7.03
N GLY E 144 57.34 82.59 -7.92
CA GLY E 144 58.49 81.70 -8.07
C GLY E 144 57.95 80.39 -8.58
N GLY E 145 58.37 79.28 -7.96
CA GLY E 145 57.78 78.00 -8.28
C GLY E 145 57.85 77.51 -9.71
N THR E 146 56.72 77.53 -10.39
CA THR E 146 56.58 76.94 -11.71
C THR E 146 56.28 77.99 -12.77
N ALA E 147 56.50 77.58 -14.02
CA ALA E 147 56.17 78.33 -15.22
C ALA E 147 55.22 77.53 -16.11
N ALA E 148 54.36 78.24 -16.84
CA ALA E 148 53.36 77.63 -17.70
C ALA E 148 53.64 78.01 -19.16
N LEU E 149 53.54 77.03 -20.05
CA LEU E 149 53.83 77.22 -21.47
C LEU E 149 52.95 76.29 -22.30
N GLY E 150 52.77 76.65 -23.57
CA GLY E 150 51.95 75.82 -24.43
C GLY E 150 52.15 76.13 -25.90
N CYS E 151 51.28 75.54 -26.71
CA CYS E 151 51.24 75.76 -28.16
C CYS E 151 49.82 76.11 -28.56
N LEU E 152 49.71 76.94 -29.60
CA LEU E 152 48.41 77.33 -30.15
C LEU E 152 48.19 76.56 -31.44
N VAL E 153 47.16 75.70 -31.44
CA VAL E 153 46.79 74.93 -32.63
C VAL E 153 45.72 75.75 -33.34
N LYS E 154 46.17 76.63 -34.24
CA LYS E 154 45.33 77.64 -34.87
C LYS E 154 44.90 77.22 -36.27
N ASP E 155 43.65 77.51 -36.60
CA ASP E 155 43.13 77.40 -37.97
C ASP E 155 43.32 75.99 -38.52
N TYR E 156 42.61 75.06 -37.90
CA TYR E 156 42.59 73.67 -38.33
C TYR E 156 41.16 73.24 -38.61
N PHE E 157 41.00 72.24 -39.47
CA PHE E 157 39.67 71.73 -39.75
C PHE E 157 39.77 70.31 -40.27
N PRO E 158 38.91 69.39 -39.82
CA PRO E 158 38.00 69.59 -38.70
C PRO E 158 38.66 69.10 -37.44
N GLU E 159 37.86 68.89 -36.39
CA GLU E 159 38.38 68.24 -35.21
C GLU E 159 38.64 66.77 -35.52
N PRO E 160 39.52 66.11 -34.75
CA PRO E 160 40.31 66.65 -33.64
C PRO E 160 41.79 66.78 -33.98
N VAL E 161 42.52 67.53 -33.16
CA VAL E 161 43.97 67.49 -33.14
C VAL E 161 44.36 66.81 -31.84
N THR E 162 45.34 65.92 -31.92
CA THR E 162 45.82 65.17 -30.77
C THR E 162 47.20 65.70 -30.40
N VAL E 163 47.33 66.26 -29.21
CA VAL E 163 48.57 66.85 -28.75
C VAL E 163 49.07 66.09 -27.53
N SER E 164 50.36 65.81 -27.52
CA SER E 164 51.06 65.33 -26.35
C SER E 164 52.30 66.21 -26.19
N TRP E 165 53.11 65.92 -25.19
CA TRP E 165 54.26 66.75 -24.90
C TRP E 165 55.50 65.89 -24.71
N ASN E 166 56.46 66.00 -25.64
CA ASN E 166 57.72 65.27 -25.55
C ASN E 166 57.57 63.75 -25.58
N SER E 167 56.61 63.25 -26.36
CA SER E 167 56.37 61.81 -26.58
C SER E 167 55.91 61.11 -25.31
N GLY E 168 54.90 61.67 -24.68
CA GLY E 168 54.39 61.05 -23.48
C GLY E 168 55.32 61.18 -22.30
N ALA E 169 56.51 61.74 -22.51
CA ALA E 169 57.43 62.01 -21.42
C ALA E 169 56.84 63.00 -20.44
N LEU E 170 55.82 63.75 -20.84
CA LEU E 170 55.11 64.66 -19.96
C LEU E 170 53.63 64.30 -19.98
N THR E 171 53.19 63.51 -19.00
CA THR E 171 51.79 63.12 -18.95
C THR E 171 50.97 63.86 -17.88
N SER E 172 51.59 64.45 -16.87
CA SER E 172 50.87 65.14 -15.81
C SER E 172 51.21 66.63 -15.80
N GLY E 173 50.29 67.42 -15.24
CA GLY E 173 50.31 68.86 -15.39
C GLY E 173 50.02 69.37 -16.79
N VAL E 174 49.78 68.48 -17.75
CA VAL E 174 49.43 68.85 -19.11
C VAL E 174 47.92 68.85 -19.22
N HIS E 175 47.35 69.89 -19.81
CA HIS E 175 45.91 69.96 -20.02
C HIS E 175 45.67 70.54 -21.41
N THR E 176 45.13 69.72 -22.31
CA THR E 176 44.81 70.14 -23.66
C THR E 176 43.34 70.53 -23.70
N PHE E 177 43.07 71.76 -24.09
CA PHE E 177 41.73 72.29 -23.94
C PHE E 177 40.94 72.05 -25.22
N PRO E 178 39.61 72.05 -25.17
CA PRO E 178 38.82 71.85 -26.40
C PRO E 178 39.06 72.96 -27.41
N ALA E 179 38.54 72.72 -28.62
CA ALA E 179 38.71 73.66 -29.72
C ALA E 179 37.56 74.66 -29.77
N VAL E 180 37.77 75.73 -30.54
CA VAL E 180 36.76 76.76 -30.77
C VAL E 180 36.38 76.71 -32.25
N LEU E 181 35.09 76.63 -32.55
CA LEU E 181 34.73 76.76 -33.97
C LEU E 181 34.74 78.27 -34.18
N GLN E 182 35.67 78.78 -34.96
CA GLN E 182 35.81 80.22 -35.19
C GLN E 182 34.83 80.72 -36.23
N SER E 183 34.65 82.03 -36.35
CA SER E 183 33.77 82.53 -37.44
C SER E 183 34.70 82.59 -38.63
N SER E 184 34.55 81.59 -39.50
CA SER E 184 35.29 81.15 -40.70
C SER E 184 35.04 79.67 -40.86
N GLY E 185 34.39 79.02 -39.90
CA GLY E 185 34.10 77.58 -40.01
C GLY E 185 35.29 76.71 -39.67
N LEU E 186 36.29 77.31 -39.06
CA LEU E 186 37.54 76.64 -38.69
C LEU E 186 37.63 76.51 -37.20
N TYR E 187 38.42 75.55 -36.75
CA TYR E 187 38.67 75.34 -35.33
C TYR E 187 40.06 75.83 -35.01
N SER E 188 40.28 76.12 -33.73
CA SER E 188 41.59 76.50 -33.22
C SER E 188 41.63 76.04 -31.77
N LEU E 189 42.75 75.43 -31.38
CA LEU E 189 42.86 74.84 -30.06
C LEU E 189 44.18 75.23 -29.42
N SER E 190 44.36 74.88 -28.15
CA SER E 190 45.60 75.10 -27.43
C SER E 190 45.75 74.06 -26.35
N SER E 191 46.99 73.88 -25.89
CA SER E 191 47.30 72.99 -24.78
C SER E 191 48.43 73.60 -23.97
N VAL E 192 48.32 73.49 -22.66
CA VAL E 192 49.25 74.15 -21.75
C VAL E 192 49.72 73.15 -20.72
N VAL E 193 51.00 73.22 -20.36
CA VAL E 193 51.55 72.44 -19.26
C VAL E 193 52.29 73.40 -18.33
N THR E 194 52.37 73.01 -17.06
CA THR E 194 52.96 73.83 -16.01
C THR E 194 54.19 73.12 -15.47
N VAL E 195 55.35 73.75 -15.56
CA VAL E 195 56.60 73.11 -15.16
C VAL E 195 57.40 73.99 -14.21
N PRO E 196 58.24 73.42 -13.36
CA PRO E 196 59.06 74.22 -12.43
C PRO E 196 59.95 75.24 -13.12
N SER E 197 60.19 76.36 -12.43
CA SER E 197 60.94 77.49 -13.00
C SER E 197 62.42 77.19 -13.25
N SER E 198 63.07 76.37 -12.42
CA SER E 198 64.45 76.00 -12.70
C SER E 198 64.59 75.34 -14.06
N SER E 199 63.76 74.33 -14.34
CA SER E 199 63.88 73.50 -15.55
C SER E 199 63.18 74.16 -16.73
N LEU E 200 63.80 75.23 -17.24
CA LEU E 200 63.32 75.86 -18.48
C LEU E 200 64.38 75.95 -19.56
N GLY E 201 65.66 75.87 -19.21
CA GLY E 201 66.68 75.77 -20.24
C GLY E 201 67.38 74.43 -20.19
N THR E 202 67.15 73.66 -19.13
CA THR E 202 67.79 72.35 -19.00
C THR E 202 66.95 71.25 -19.62
N GLN E 203 65.63 71.43 -19.65
CA GLN E 203 64.74 70.51 -20.33
C GLN E 203 63.94 71.31 -21.35
N THR E 204 63.83 70.75 -22.55
CA THR E 204 63.24 71.41 -23.69
C THR E 204 61.85 70.82 -23.94
N TYR E 205 60.88 71.68 -24.22
CA TYR E 205 59.48 71.31 -24.28
C TYR E 205 58.95 71.43 -25.70
N ILE E 206 58.38 70.33 -26.20
CA ILE E 206 57.96 70.22 -27.60
C ILE E 206 56.52 69.72 -27.66
N CYS E 207 55.74 70.33 -28.55
CA CYS E 207 54.33 70.00 -28.74
C CYS E 207 54.22 68.88 -29.77
N ASN E 208 53.76 67.71 -29.33
CA ASN E 208 53.56 66.61 -30.27
C ASN E 208 52.13 66.61 -30.79
N VAL E 209 51.78 67.70 -31.44
CA VAL E 209 50.46 67.90 -31.99
C VAL E 209 50.39 67.23 -33.36
N ASN E 210 49.30 66.53 -33.62
CA ASN E 210 49.00 66.05 -34.95
C ASN E 210 47.51 66.13 -35.20
N HIS E 211 47.15 66.53 -36.41
CA HIS E 211 45.75 66.69 -36.82
C HIS E 211 45.57 65.69 -37.96
N LYS E 212 45.23 64.47 -37.59
CA LYS E 212 45.20 63.29 -38.44
C LYS E 212 44.14 63.24 -39.54
N PRO E 213 43.01 63.98 -39.46
CA PRO E 213 42.10 64.04 -40.63
C PRO E 213 42.80 64.32 -41.95
N SER E 214 43.81 65.16 -41.96
CA SER E 214 44.82 65.20 -43.01
C SER E 214 46.13 64.72 -42.41
N ASN E 215 47.14 64.50 -43.25
CA ASN E 215 48.39 63.93 -42.75
C ASN E 215 49.30 65.04 -42.24
N THR E 216 48.98 65.51 -41.04
CA THR E 216 49.66 66.61 -40.39
C THR E 216 50.26 66.07 -39.09
N LYS E 217 51.55 66.34 -38.88
CA LYS E 217 52.17 66.09 -37.58
C LYS E 217 53.40 66.98 -37.49
N VAL E 218 53.31 68.01 -36.65
CA VAL E 218 54.34 69.02 -36.57
C VAL E 218 54.76 69.10 -35.11
N ASP E 219 56.00 68.75 -34.83
CA ASP E 219 56.51 69.06 -33.52
C ASP E 219 56.93 70.52 -33.49
N LYS E 220 56.90 71.11 -32.31
CA LYS E 220 57.29 72.50 -32.15
C LYS E 220 57.81 72.69 -30.74
N ARG E 221 59.00 73.31 -30.61
CA ARG E 221 59.55 73.56 -29.30
C ARG E 221 59.13 74.94 -28.82
N VAL E 222 58.99 75.08 -27.50
CA VAL E 222 58.60 76.31 -26.84
C VAL E 222 59.79 76.84 -26.05
N GLU E 223 60.11 78.12 -26.23
CA GLU E 223 61.23 78.74 -25.52
C GLU E 223 61.02 80.23 -25.45
N PRO E 224 61.57 80.90 -24.43
CA PRO E 224 61.56 82.36 -24.41
C PRO E 224 62.36 82.88 -25.59
N LYS E 225 61.99 84.07 -26.07
CA LYS E 225 62.59 84.62 -27.28
C LYS E 225 63.51 85.80 -27.02
N SER E 226 63.61 86.28 -25.78
CA SER E 226 64.69 87.19 -25.37
C SER E 226 64.69 88.47 -26.21
N CYS E 227 63.52 89.12 -26.27
CA CYS E 227 63.39 90.38 -26.98
C CYS E 227 62.25 91.16 -26.31
N ASP E 228 62.61 92.18 -25.54
CA ASP E 228 61.63 93.01 -24.84
C ASP E 228 60.76 93.83 -25.78
N ASP F 3 -42.29 -15.15 -15.71
CA ASP F 3 -41.26 -15.67 -16.62
C ASP F 3 -40.99 -17.16 -16.39
N VAL F 4 -41.72 -17.76 -15.44
CA VAL F 4 -41.57 -19.17 -15.08
C VAL F 4 -42.52 -20.03 -15.93
N LYS F 5 -42.03 -21.21 -16.34
CA LYS F 5 -42.85 -22.23 -16.99
C LYS F 5 -42.60 -23.58 -16.36
N LEU F 6 -43.67 -24.25 -15.92
CA LEU F 6 -43.58 -25.64 -15.48
C LEU F 6 -44.59 -26.46 -16.26
N VAL F 7 -44.12 -27.47 -16.99
CA VAL F 7 -44.98 -28.34 -17.80
C VAL F 7 -44.67 -29.80 -17.50
N GLU F 8 -45.68 -30.56 -17.14
CA GLU F 8 -45.52 -31.96 -16.77
C GLU F 8 -45.86 -32.86 -17.95
N SER F 9 -45.50 -34.13 -17.82
CA SER F 9 -45.79 -35.14 -18.83
C SER F 9 -45.79 -36.50 -18.15
N GLY F 10 -46.19 -37.52 -18.88
CA GLY F 10 -46.27 -38.86 -18.37
C GLY F 10 -47.67 -39.38 -18.11
N GLU F 11 -48.67 -38.75 -18.69
CA GLU F 11 -50.05 -39.13 -18.53
C GLU F 11 -50.28 -40.58 -18.99
N GLY F 12 -50.90 -41.38 -18.13
CA GLY F 12 -51.10 -42.77 -18.48
C GLY F 12 -51.93 -43.52 -17.45
N LEU F 13 -52.55 -44.59 -17.93
CA LEU F 13 -53.36 -45.45 -17.10
C LEU F 13 -52.48 -46.47 -16.41
N VAL F 14 -52.85 -46.83 -15.18
CA VAL F 14 -52.06 -47.76 -14.38
C VAL F 14 -53.02 -48.76 -13.74
N LYS F 15 -52.59 -50.00 -13.68
CA LYS F 15 -53.38 -50.94 -12.90
C LYS F 15 -52.90 -50.93 -11.46
N PRO F 16 -53.75 -51.28 -10.50
CA PRO F 16 -53.30 -51.28 -9.09
C PRO F 16 -52.18 -52.29 -8.91
N GLY F 17 -51.17 -51.89 -8.15
CA GLY F 17 -49.93 -52.63 -8.10
C GLY F 17 -48.96 -52.33 -9.22
N GLY F 18 -49.37 -51.56 -10.23
CA GLY F 18 -48.46 -51.14 -11.28
C GLY F 18 -47.62 -49.98 -10.79
N SER F 19 -46.94 -49.31 -11.73
CA SER F 19 -46.12 -48.21 -11.29
C SER F 19 -45.93 -47.22 -12.43
N LEU F 20 -45.50 -46.01 -12.08
CA LEU F 20 -45.56 -44.90 -13.00
C LEU F 20 -44.45 -43.91 -12.65
N LYS F 21 -43.90 -43.30 -13.69
CA LYS F 21 -42.96 -42.20 -13.56
C LYS F 21 -43.45 -41.01 -14.36
N LEU F 22 -43.30 -39.82 -13.78
CA LEU F 22 -43.72 -38.60 -14.42
C LEU F 22 -42.57 -37.61 -14.39
N SER F 23 -42.53 -36.74 -15.39
CA SER F 23 -41.45 -35.78 -15.56
C SER F 23 -42.06 -34.40 -15.70
N CYS F 24 -41.33 -33.42 -15.18
CA CYS F 24 -41.77 -32.02 -15.22
C CYS F 24 -40.65 -31.17 -15.78
N ALA F 25 -40.91 -30.57 -16.94
CA ALA F 25 -39.91 -29.80 -17.67
C ALA F 25 -39.90 -28.37 -17.16
N ALA F 26 -38.78 -27.95 -16.57
CA ALA F 26 -38.66 -26.64 -15.98
C ALA F 26 -38.01 -25.66 -16.95
N SER F 27 -38.56 -24.46 -17.04
CA SER F 27 -38.03 -23.44 -17.93
C SER F 27 -38.26 -22.06 -17.31
N GLY F 28 -37.45 -21.09 -17.70
CA GLY F 28 -37.60 -19.73 -17.28
C GLY F 28 -36.85 -19.34 -16.01
N PHE F 29 -36.09 -20.26 -15.42
CA PHE F 29 -35.29 -19.92 -14.25
C PHE F 29 -34.07 -20.84 -14.18
N THR F 30 -33.07 -20.33 -13.50
CA THR F 30 -31.78 -21.00 -13.50
C THR F 30 -31.76 -22.15 -12.53
N PHE F 31 -32.60 -23.15 -12.78
CA PHE F 31 -32.58 -24.44 -12.06
C PHE F 31 -33.65 -25.35 -12.63
N SER F 32 -33.65 -26.58 -12.14
CA SER F 32 -34.85 -27.43 -12.30
C SER F 32 -35.85 -26.73 -11.39
N GLY F 33 -35.37 -26.26 -10.23
CA GLY F 33 -36.07 -25.40 -9.30
C GLY F 33 -35.12 -25.17 -8.14
N TYR F 34 -35.39 -24.09 -7.39
CA TYR F 34 -34.62 -23.90 -6.16
C TYR F 34 -34.78 -25.13 -5.28
N ASP F 35 -36.00 -25.35 -4.79
CA ASP F 35 -36.49 -26.64 -4.34
C ASP F 35 -37.84 -26.82 -5.00
N MET F 36 -38.22 -28.06 -5.28
CA MET F 36 -39.50 -28.30 -5.93
C MET F 36 -40.21 -29.49 -5.34
N SER F 37 -41.52 -29.52 -5.53
CA SER F 37 -42.40 -30.43 -4.83
C SER F 37 -43.47 -30.95 -5.78
N TRP F 38 -44.09 -32.06 -5.38
CA TRP F 38 -45.19 -32.66 -6.12
C TRP F 38 -46.45 -32.62 -5.28
N VAL F 39 -47.54 -32.14 -5.88
CA VAL F 39 -48.82 -32.00 -5.20
C VAL F 39 -49.93 -32.46 -6.14
N ARG F 40 -50.88 -33.20 -5.60
CA ARG F 40 -51.99 -33.71 -6.38
C ARG F 40 -53.31 -33.21 -5.85
N GLN F 41 -54.30 -33.14 -6.75
CA GLN F 41 -55.68 -32.83 -6.39
C GLN F 41 -56.54 -34.03 -6.74
N THR F 42 -57.15 -34.63 -5.72
CA THR F 42 -57.95 -35.84 -5.87
C THR F 42 -59.21 -35.56 -6.69
N PRO F 43 -59.94 -36.60 -7.11
CA PRO F 43 -61.28 -36.36 -7.68
C PRO F 43 -62.20 -35.65 -6.71
N GLU F 44 -62.00 -35.83 -5.41
CA GLU F 44 -62.67 -35.08 -4.37
C GLU F 44 -62.08 -33.70 -4.19
N LYS F 45 -61.18 -33.28 -5.11
CA LYS F 45 -60.58 -31.96 -5.13
C LYS F 45 -59.77 -31.65 -3.87
N ARG F 46 -59.23 -32.66 -3.20
CA ARG F 46 -58.35 -32.47 -2.04
C ARG F 46 -56.91 -32.25 -2.48
N LEU F 47 -56.22 -31.41 -1.72
CA LEU F 47 -54.84 -31.10 -2.03
C LEU F 47 -53.96 -31.81 -1.02
N GLU F 48 -53.11 -32.71 -1.53
CA GLU F 48 -52.18 -33.46 -0.70
C GLU F 48 -50.78 -33.26 -1.25
N TRP F 49 -49.86 -32.87 -0.37
CA TRP F 49 -48.47 -32.76 -0.76
C TRP F 49 -47.86 -34.15 -0.80
N VAL F 50 -47.06 -34.42 -1.83
CA VAL F 50 -46.57 -35.78 -2.04
C VAL F 50 -45.12 -35.86 -1.58
N ALA F 51 -44.24 -35.11 -2.23
CA ALA F 51 -42.82 -35.19 -1.91
C ALA F 51 -42.15 -33.86 -2.21
N TYR F 52 -40.94 -33.69 -1.70
CA TYR F 52 -40.18 -32.47 -1.90
C TYR F 52 -38.70 -32.85 -1.87
N ILE F 53 -37.89 -32.07 -2.59
CA ILE F 53 -36.47 -32.34 -2.75
C ILE F 53 -35.68 -31.06 -2.46
N SER F 54 -34.40 -31.26 -2.13
CA SER F 54 -33.47 -30.16 -1.90
C SER F 54 -32.89 -29.69 -3.23
N SER F 55 -31.80 -28.95 -3.20
CA SER F 55 -31.08 -28.64 -4.42
C SER F 55 -29.74 -29.37 -4.48
N ILE F 60 -37.93 -35.01 5.52
CA ILE F 60 -37.93 -33.75 4.79
C ILE F 60 -38.34 -34.01 3.33
N TYR F 61 -38.58 -35.26 2.95
CA TYR F 61 -38.94 -35.54 1.57
C TYR F 61 -40.30 -36.17 1.37
N TYR F 62 -40.63 -37.26 2.07
CA TYR F 62 -41.77 -38.10 1.70
C TYR F 62 -42.93 -37.98 2.69
N ALA F 63 -44.12 -37.77 2.14
CA ALA F 63 -45.35 -37.75 2.93
C ALA F 63 -45.77 -39.14 3.36
N ASP F 64 -46.18 -39.25 4.64
CA ASP F 64 -46.44 -40.55 5.23
C ASP F 64 -47.52 -41.32 4.49
N THR F 65 -48.41 -40.63 3.77
CA THR F 65 -49.38 -41.39 2.99
C THR F 65 -48.75 -42.03 1.77
N VAL F 66 -47.52 -41.65 1.45
CA VAL F 66 -46.82 -42.16 0.28
C VAL F 66 -45.49 -42.82 0.63
N LYS F 67 -45.06 -42.81 1.88
CA LYS F 67 -43.73 -43.32 2.23
C LYS F 67 -43.55 -44.78 1.82
N GLY F 68 -42.31 -45.11 1.44
CA GLY F 68 -41.97 -46.46 1.02
C GLY F 68 -42.42 -46.83 -0.38
N ARG F 69 -43.20 -45.99 -1.05
CA ARG F 69 -43.72 -46.29 -2.38
C ARG F 69 -43.20 -45.38 -3.47
N PHE F 70 -42.93 -44.10 -3.19
CA PHE F 70 -42.49 -43.20 -4.24
C PHE F 70 -41.04 -42.80 -4.02
N THR F 71 -40.42 -42.34 -5.12
CA THR F 71 -39.09 -41.78 -5.12
C THR F 71 -39.12 -40.54 -6.01
N ILE F 72 -38.49 -39.48 -5.55
CA ILE F 72 -38.47 -38.21 -6.26
C ILE F 72 -37.10 -38.04 -6.90
N SER F 73 -37.07 -37.48 -8.09
CA SER F 73 -35.83 -37.38 -8.83
C SER F 73 -35.64 -35.94 -9.27
N ARG F 74 -34.38 -35.56 -9.41
CA ARG F 74 -34.02 -34.26 -9.97
C ARG F 74 -32.86 -34.47 -10.92
N ASP F 75 -32.99 -33.98 -12.14
CA ASP F 75 -31.90 -34.01 -13.11
C ASP F 75 -31.55 -32.57 -13.44
N ASN F 76 -30.54 -32.03 -12.77
CA ASN F 76 -30.15 -30.65 -12.98
C ASN F 76 -29.72 -30.41 -14.43
N ALA F 77 -29.20 -31.44 -15.10
CA ALA F 77 -28.72 -31.28 -16.47
C ALA F 77 -29.88 -31.06 -17.44
N ARG F 78 -30.80 -32.02 -17.54
CA ARG F 78 -31.88 -31.96 -18.52
C ARG F 78 -33.01 -31.00 -18.12
N ASN F 79 -32.88 -30.34 -16.97
CA ASN F 79 -33.89 -29.40 -16.46
C ASN F 79 -35.24 -30.08 -16.29
N THR F 80 -35.23 -31.25 -15.64
CA THR F 80 -36.45 -31.99 -15.42
C THR F 80 -36.47 -32.51 -13.98
N LEU F 81 -37.68 -32.58 -13.43
CA LEU F 81 -37.93 -33.14 -12.12
C LEU F 81 -38.82 -34.35 -12.31
N TYR F 82 -38.54 -35.44 -11.58
CA TYR F 82 -39.25 -36.68 -11.78
C TYR F 82 -39.85 -37.18 -10.47
N LEU F 83 -40.92 -37.97 -10.62
CA LEU F 83 -41.56 -38.68 -9.52
C LEU F 83 -41.92 -40.08 -9.99
N GLN F 84 -41.34 -41.09 -9.35
CA GLN F 84 -41.59 -42.49 -9.68
C GLN F 84 -42.47 -43.10 -8.58
N MET F 85 -43.61 -43.65 -8.99
CA MET F 85 -44.61 -44.21 -8.10
C MET F 85 -44.57 -45.74 -8.17
N SER F 86 -44.68 -46.41 -7.01
CA SER F 86 -44.74 -47.87 -6.96
C SER F 86 -46.15 -48.38 -6.64
N SER F 87 -46.42 -49.60 -7.11
CA SER F 87 -47.59 -50.43 -6.76
C SER F 87 -48.80 -49.58 -6.38
N LEU F 88 -49.23 -48.71 -7.31
CA LEU F 88 -50.13 -47.61 -7.00
C LEU F 88 -51.51 -48.09 -6.54
N LYS F 89 -52.17 -47.22 -5.77
CA LYS F 89 -53.48 -47.50 -5.18
C LYS F 89 -54.56 -46.57 -5.74
N SER F 90 -55.78 -47.06 -5.64
CA SER F 90 -56.98 -46.24 -5.93
C SER F 90 -56.86 -44.80 -5.45
N GLU F 91 -56.46 -44.59 -4.19
CA GLU F 91 -56.37 -43.29 -3.55
C GLU F 91 -55.33 -42.36 -4.17
N ASP F 92 -54.56 -42.86 -5.13
CA ASP F 92 -53.51 -42.09 -5.76
C ASP F 92 -53.94 -41.51 -7.11
N THR F 93 -55.15 -41.85 -7.56
CA THR F 93 -55.72 -41.27 -8.77
C THR F 93 -55.92 -39.78 -8.56
N ALA F 94 -55.17 -38.95 -9.31
CA ALA F 94 -55.24 -37.51 -9.15
C ALA F 94 -54.53 -36.84 -10.32
N MET F 95 -54.46 -35.51 -10.27
CA MET F 95 -53.67 -34.71 -11.19
C MET F 95 -52.48 -34.15 -10.42
N TYR F 96 -51.28 -34.61 -10.76
CA TYR F 96 -50.10 -34.22 -9.98
C TYR F 96 -49.48 -32.96 -10.55
N TYR F 97 -49.13 -32.06 -9.65
CA TYR F 97 -48.63 -30.74 -9.99
C TYR F 97 -47.19 -30.55 -9.55
N CYS F 98 -46.47 -29.78 -10.35
CA CYS F 98 -45.08 -29.41 -10.14
C CYS F 98 -45.04 -28.00 -9.54
N THR F 99 -44.54 -27.86 -8.32
CA THR F 99 -44.58 -26.54 -7.64
C THR F 99 -43.19 -26.05 -7.25
N ARG F 100 -43.01 -24.74 -7.16
CA ARG F 100 -41.68 -24.17 -6.86
C ARG F 100 -41.74 -22.81 -6.15
N ASP F 101 -41.22 -22.71 -4.92
CA ASP F 101 -40.82 -21.43 -4.26
C ASP F 101 -40.04 -21.67 -2.98
N SER F 102 -39.09 -20.76 -2.71
CA SER F 102 -38.21 -20.60 -1.53
C SER F 102 -38.16 -19.08 -1.36
N ASP F 103 -37.53 -18.47 -2.35
CA ASP F 103 -37.40 -17.05 -2.76
C ASP F 103 -36.80 -16.07 -1.77
N TYR F 104 -37.12 -14.83 -2.04
CA TYR F 104 -36.58 -13.63 -1.40
C TYR F 104 -37.04 -13.61 0.03
N TYR F 105 -36.24 -12.95 0.82
CA TYR F 105 -36.51 -12.75 2.26
C TYR F 105 -37.81 -11.95 2.39
N GLY F 106 -38.03 -10.98 1.50
CA GLY F 106 -39.32 -10.29 1.39
C GLY F 106 -40.39 -11.16 0.75
N SER F 107 -40.06 -12.28 0.10
CA SER F 107 -41.07 -13.15 -0.56
C SER F 107 -41.29 -14.41 0.26
N ARG F 108 -40.22 -15.06 0.62
CA ARG F 108 -40.37 -16.25 1.45
C ARG F 108 -41.78 -16.87 1.37
N VAL F 109 -42.28 -17.05 0.15
CA VAL F 109 -43.60 -17.64 -0.08
C VAL F 109 -43.44 -18.99 -0.76
N TRP F 110 -43.96 -20.04 -0.12
CA TRP F 110 -43.93 -21.39 -0.69
C TRP F 110 -45.14 -21.66 -1.59
N PHE F 111 -44.92 -22.49 -2.60
CA PHE F 111 -45.93 -22.88 -3.59
C PHE F 111 -46.45 -21.70 -4.40
N ALA F 112 -45.53 -20.84 -4.83
CA ALA F 112 -45.91 -19.73 -5.69
C ALA F 112 -46.19 -20.20 -7.11
N TYR F 113 -45.33 -21.06 -7.64
CA TYR F 113 -45.38 -21.47 -9.04
C TYR F 113 -45.87 -22.91 -9.17
N TRP F 114 -46.75 -23.13 -10.14
CA TRP F 114 -47.42 -24.40 -10.31
C TRP F 114 -47.32 -24.82 -11.77
N GLY F 115 -47.48 -26.13 -12.00
CA GLY F 115 -47.54 -26.66 -13.35
C GLY F 115 -48.98 -26.86 -13.80
N GLN F 116 -49.12 -27.16 -15.09
CA GLN F 116 -50.46 -27.37 -15.61
C GLN F 116 -51.08 -28.65 -15.12
N GLY F 117 -50.29 -29.52 -14.48
CA GLY F 117 -50.82 -30.72 -13.89
C GLY F 117 -50.96 -31.84 -14.88
N THR F 118 -50.73 -33.06 -14.44
CA THR F 118 -50.94 -34.21 -15.28
C THR F 118 -51.61 -35.29 -14.45
N LEU F 119 -52.54 -35.97 -15.08
CA LEU F 119 -53.47 -36.84 -14.40
C LEU F 119 -53.03 -38.30 -14.45
N VAL F 120 -53.06 -38.93 -13.28
CA VAL F 120 -52.76 -40.34 -13.14
C VAL F 120 -54.04 -41.04 -12.75
N THR F 121 -54.49 -41.97 -13.58
CA THR F 121 -55.77 -42.64 -13.35
C THR F 121 -55.51 -44.12 -13.13
N VAL F 122 -55.60 -44.56 -11.88
CA VAL F 122 -55.36 -45.94 -11.50
C VAL F 122 -56.68 -46.65 -11.25
N SER F 123 -57.04 -47.56 -12.13
CA SER F 123 -58.18 -48.40 -11.86
C SER F 123 -57.89 -49.79 -12.40
N GLY F 124 -58.91 -50.64 -12.35
CA GLY F 124 -58.82 -52.01 -12.78
C GLY F 124 -59.83 -52.39 -13.84
N ALA F 125 -59.45 -53.42 -14.60
CA ALA F 125 -60.19 -54.26 -15.55
C ALA F 125 -60.37 -53.88 -17.04
N SER F 126 -60.19 -52.62 -17.48
CA SER F 126 -59.88 -52.34 -18.90
C SER F 126 -59.90 -50.86 -19.26
N THR F 127 -59.36 -50.53 -20.44
CA THR F 127 -59.55 -49.24 -21.06
C THR F 127 -59.97 -49.44 -22.52
N LYS F 128 -60.52 -48.40 -23.13
CA LYS F 128 -61.04 -48.47 -24.48
C LYS F 128 -60.56 -47.30 -25.31
N GLY F 129 -60.43 -47.53 -26.62
CA GLY F 129 -60.06 -46.50 -27.55
C GLY F 129 -61.27 -45.76 -28.07
N PRO F 130 -61.12 -44.44 -28.22
CA PRO F 130 -62.26 -43.60 -28.60
C PRO F 130 -62.72 -43.89 -30.02
N SER F 131 -63.91 -43.39 -30.33
CA SER F 131 -64.52 -43.59 -31.63
C SER F 131 -64.59 -42.30 -32.42
N VAL F 132 -64.17 -42.42 -33.68
CA VAL F 132 -64.15 -41.33 -34.64
C VAL F 132 -65.58 -40.92 -34.98
N PHE F 133 -65.92 -39.64 -34.78
CA PHE F 133 -67.12 -39.09 -35.40
C PHE F 133 -66.94 -37.62 -35.74
N PRO F 134 -67.25 -37.20 -36.98
CA PRO F 134 -67.16 -35.79 -37.36
C PRO F 134 -68.50 -35.07 -37.17
N LEU F 135 -68.41 -33.80 -36.76
CA LEU F 135 -69.58 -32.94 -36.60
C LEU F 135 -69.59 -32.01 -37.80
N ALA F 136 -70.28 -32.41 -38.86
CA ALA F 136 -70.15 -31.74 -40.14
C ALA F 136 -70.68 -30.31 -40.04
N PRO F 137 -70.14 -29.40 -40.84
CA PRO F 137 -70.62 -28.03 -40.77
C PRO F 137 -72.03 -27.94 -41.32
N SER F 138 -72.75 -27.03 -40.72
CA SER F 138 -74.06 -26.67 -41.16
C SER F 138 -74.00 -26.08 -42.55
N SER F 139 -74.92 -26.54 -43.41
CA SER F 139 -75.12 -25.94 -44.72
C SER F 139 -76.00 -24.72 -44.59
N LYS F 140 -76.81 -24.72 -43.52
CA LYS F 140 -77.79 -23.69 -43.28
C LYS F 140 -77.10 -22.44 -42.79
N SER F 141 -77.65 -21.30 -43.21
CA SER F 141 -77.04 -20.03 -42.88
C SER F 141 -77.28 -19.76 -41.41
N THR F 142 -76.20 -19.79 -40.62
CA THR F 142 -76.36 -19.73 -39.17
C THR F 142 -76.75 -18.34 -38.70
N SER F 143 -75.89 -17.36 -38.93
CA SER F 143 -76.08 -16.04 -38.36
C SER F 143 -75.60 -15.02 -39.38
N GLY F 144 -75.39 -13.79 -38.92
CA GLY F 144 -74.59 -12.83 -39.63
C GLY F 144 -73.19 -13.03 -39.09
N GLY F 145 -72.54 -14.10 -39.55
CA GLY F 145 -71.28 -14.61 -39.05
C GLY F 145 -71.50 -15.99 -38.45
N THR F 146 -70.49 -16.46 -37.69
CA THR F 146 -70.59 -17.72 -36.96
C THR F 146 -70.80 -19.02 -37.75
N ALA F 147 -69.75 -19.65 -38.27
CA ALA F 147 -69.87 -21.02 -38.78
C ALA F 147 -69.11 -21.97 -37.89
N ALA F 148 -69.76 -23.08 -37.50
CA ALA F 148 -69.27 -24.01 -36.48
C ALA F 148 -69.09 -25.44 -37.02
N LEU F 149 -68.01 -26.07 -36.56
CA LEU F 149 -67.63 -27.43 -36.94
C LEU F 149 -66.94 -28.09 -35.77
N GLY F 150 -67.00 -29.43 -35.72
CA GLY F 150 -66.34 -30.12 -34.64
C GLY F 150 -66.19 -31.61 -34.88
N CYS F 151 -65.70 -32.29 -33.85
CA CYS F 151 -65.57 -33.74 -33.82
C CYS F 151 -66.13 -34.28 -32.51
N LEU F 152 -66.72 -35.49 -32.57
CA LEU F 152 -67.21 -36.18 -31.38
C LEU F 152 -66.25 -37.32 -31.05
N VAL F 153 -65.58 -37.22 -29.90
CA VAL F 153 -64.69 -38.28 -29.41
C VAL F 153 -65.54 -39.12 -28.47
N LYS F 154 -66.16 -40.16 -29.02
CA LYS F 154 -67.23 -40.88 -28.34
C LYS F 154 -66.73 -42.14 -27.65
N ASP F 155 -67.18 -42.33 -26.41
CA ASP F 155 -67.06 -43.58 -25.65
C ASP F 155 -65.62 -44.08 -25.61
N TYR F 156 -64.82 -43.31 -24.88
CA TYR F 156 -63.45 -43.62 -24.59
C TYR F 156 -63.32 -43.76 -23.07
N PHE F 157 -62.24 -44.43 -22.66
CA PHE F 157 -61.93 -44.61 -21.25
C PHE F 157 -60.43 -44.84 -21.17
N PRO F 158 -59.74 -44.26 -20.20
CA PRO F 158 -60.35 -43.26 -19.31
C PRO F 158 -60.11 -41.87 -19.88
N GLU F 159 -60.33 -40.84 -19.07
CA GLU F 159 -59.93 -39.51 -19.46
C GLU F 159 -58.41 -39.44 -19.35
N PRO F 160 -57.76 -38.48 -20.03
CA PRO F 160 -58.23 -37.36 -20.87
C PRO F 160 -58.05 -37.63 -22.33
N VAL F 161 -58.69 -36.78 -23.10
CA VAL F 161 -58.50 -36.71 -24.54
C VAL F 161 -57.80 -35.41 -24.88
N THR F 162 -56.83 -35.48 -25.79
CA THR F 162 -56.12 -34.30 -26.27
C THR F 162 -56.59 -34.07 -27.70
N VAL F 163 -57.28 -32.96 -27.93
CA VAL F 163 -57.80 -32.61 -29.25
C VAL F 163 -57.18 -31.30 -29.66
N SER F 164 -56.71 -31.24 -30.90
CA SER F 164 -56.31 -30.00 -31.53
C SER F 164 -56.92 -29.96 -32.92
N TRP F 165 -56.63 -28.90 -33.66
CA TRP F 165 -57.12 -28.74 -35.03
C TRP F 165 -55.96 -28.32 -35.90
N ASN F 166 -55.53 -29.22 -36.78
CA ASN F 166 -54.41 -28.98 -37.69
C ASN F 166 -53.11 -28.72 -36.93
N SER F 167 -52.98 -29.31 -35.75
CA SER F 167 -51.77 -29.24 -34.94
C SER F 167 -51.45 -27.79 -34.53
N GLY F 168 -52.45 -27.11 -33.97
CA GLY F 168 -52.25 -25.74 -33.56
C GLY F 168 -52.19 -24.75 -34.69
N ALA F 169 -52.19 -25.18 -35.95
CA ALA F 169 -52.22 -24.24 -37.05
C ALA F 169 -53.47 -23.37 -37.02
N LEU F 170 -54.54 -23.84 -36.41
CA LEU F 170 -55.75 -23.05 -36.17
C LEU F 170 -56.02 -23.14 -34.67
N THR F 171 -55.56 -22.13 -33.93
CA THR F 171 -55.68 -22.11 -32.48
C THR F 171 -56.78 -21.22 -31.94
N SER F 172 -57.43 -20.40 -32.76
CA SER F 172 -58.43 -19.49 -32.22
C SER F 172 -59.82 -19.88 -32.71
N GLY F 173 -60.83 -19.46 -31.94
CA GLY F 173 -62.19 -19.98 -32.02
C GLY F 173 -62.37 -21.39 -31.50
N VAL F 174 -61.33 -21.99 -30.93
CA VAL F 174 -61.38 -23.38 -30.48
C VAL F 174 -61.85 -23.42 -29.03
N HIS F 175 -62.81 -24.32 -28.76
CA HIS F 175 -63.28 -24.62 -27.42
C HIS F 175 -63.48 -26.13 -27.36
N THR F 176 -62.60 -26.85 -26.65
CA THR F 176 -62.78 -28.28 -26.45
C THR F 176 -63.45 -28.47 -25.10
N PHE F 177 -64.57 -29.18 -25.10
CA PHE F 177 -65.43 -29.22 -23.93
C PHE F 177 -65.04 -30.36 -23.01
N PRO F 178 -65.40 -30.27 -21.73
CA PRO F 178 -65.18 -31.40 -20.83
C PRO F 178 -66.00 -32.60 -21.28
N ALA F 179 -65.68 -33.74 -20.69
CA ALA F 179 -66.32 -34.99 -21.07
C ALA F 179 -67.58 -35.25 -20.24
N VAL F 180 -68.35 -36.24 -20.68
CA VAL F 180 -69.52 -36.71 -19.94
C VAL F 180 -69.22 -38.11 -19.45
N LEU F 181 -69.41 -38.33 -18.15
CA LEU F 181 -69.31 -39.67 -17.60
C LEU F 181 -70.63 -40.37 -17.92
N GLN F 182 -70.66 -41.08 -19.05
CA GLN F 182 -71.86 -41.83 -19.39
C GLN F 182 -71.95 -43.06 -18.49
N SER F 183 -73.03 -43.81 -18.66
CA SER F 183 -73.15 -45.08 -17.95
C SER F 183 -72.17 -46.12 -18.49
N SER F 184 -71.74 -46.99 -17.59
CA SER F 184 -70.59 -47.90 -17.71
C SER F 184 -69.27 -47.18 -17.43
N GLY F 185 -69.33 -45.99 -16.86
CA GLY F 185 -68.14 -45.26 -16.45
C GLY F 185 -67.20 -44.86 -17.57
N LEU F 186 -67.66 -44.81 -18.81
CA LEU F 186 -66.81 -44.39 -19.91
C LEU F 186 -67.24 -43.00 -20.36
N TYR F 187 -66.29 -42.21 -20.86
CA TYR F 187 -66.53 -40.81 -21.19
C TYR F 187 -66.57 -40.58 -22.70
N SER F 188 -67.15 -39.44 -23.06
CA SER F 188 -67.17 -38.94 -24.44
C SER F 188 -67.23 -37.43 -24.37
N LEU F 189 -66.40 -36.78 -25.18
CA LEU F 189 -66.33 -35.31 -25.22
C LEU F 189 -66.32 -34.92 -26.69
N SER F 190 -66.30 -33.60 -26.92
CA SER F 190 -66.21 -33.07 -28.27
C SER F 190 -65.58 -31.69 -28.23
N SER F 191 -65.14 -31.24 -29.40
CA SER F 191 -64.47 -29.96 -29.57
C SER F 191 -64.99 -29.28 -30.81
N VAL F 192 -65.22 -27.98 -30.70
CA VAL F 192 -65.81 -27.18 -31.77
C VAL F 192 -64.96 -25.94 -31.95
N VAL F 193 -64.78 -25.53 -33.19
CA VAL F 193 -64.15 -24.26 -33.53
C VAL F 193 -65.09 -23.54 -34.49
N THR F 194 -64.94 -22.22 -34.54
CA THR F 194 -65.81 -21.35 -35.30
C THR F 194 -64.99 -20.76 -36.44
N VAL F 195 -65.48 -20.95 -37.65
CA VAL F 195 -64.70 -20.72 -38.84
C VAL F 195 -65.48 -19.76 -39.72
N PRO F 196 -64.85 -18.91 -40.54
CA PRO F 196 -65.67 -18.10 -41.44
C PRO F 196 -66.42 -19.05 -42.35
N SER F 197 -67.69 -18.75 -42.60
CA SER F 197 -68.46 -19.61 -43.47
C SER F 197 -67.90 -19.52 -44.88
N SER F 198 -67.22 -18.41 -45.19
CA SER F 198 -66.48 -18.30 -46.44
C SER F 198 -65.67 -19.56 -46.69
N SER F 199 -64.98 -20.01 -45.65
CA SER F 199 -64.05 -21.13 -45.66
C SER F 199 -64.74 -22.49 -45.44
N LEU F 200 -65.34 -23.04 -46.49
CA LEU F 200 -65.85 -24.40 -46.34
C LEU F 200 -65.35 -25.41 -47.37
N GLY F 201 -64.90 -25.01 -48.54
CA GLY F 201 -64.28 -25.93 -49.47
C GLY F 201 -62.83 -25.56 -49.74
N THR F 202 -62.42 -24.43 -49.18
CA THR F 202 -61.11 -23.85 -49.46
C THR F 202 -60.00 -24.32 -48.53
N GLN F 203 -60.29 -24.59 -47.26
CA GLN F 203 -59.29 -25.02 -46.28
C GLN F 203 -59.68 -26.33 -45.62
N THR F 204 -58.67 -26.99 -45.07
CA THR F 204 -58.79 -28.34 -44.53
C THR F 204 -58.90 -28.28 -43.01
N TYR F 205 -59.94 -28.93 -42.47
CA TYR F 205 -60.20 -28.98 -41.03
C TYR F 205 -60.21 -30.43 -40.59
N ILE F 206 -59.25 -30.80 -39.75
CA ILE F 206 -59.09 -32.18 -39.31
C ILE F 206 -58.80 -32.20 -37.82
N CYS F 207 -59.43 -33.12 -37.11
CA CYS F 207 -59.30 -33.22 -35.67
C CYS F 207 -58.10 -34.07 -35.30
N ASN F 208 -57.12 -33.45 -34.64
CA ASN F 208 -55.90 -34.13 -34.22
C ASN F 208 -56.06 -34.68 -32.80
N VAL F 209 -56.98 -35.62 -32.66
CA VAL F 209 -57.32 -36.20 -31.37
C VAL F 209 -56.33 -37.30 -31.01
N ASN F 210 -55.90 -37.32 -29.76
CA ASN F 210 -55.16 -38.45 -29.24
C ASN F 210 -55.51 -38.68 -27.77
N HIS F 211 -55.68 -39.95 -27.42
CA HIS F 211 -56.11 -40.39 -26.09
C HIS F 211 -54.99 -41.28 -25.54
N LYS F 212 -54.02 -40.66 -24.87
CA LYS F 212 -52.76 -41.29 -24.49
C LYS F 212 -52.85 -42.38 -23.42
N PRO F 213 -53.84 -42.40 -22.52
CA PRO F 213 -54.05 -43.61 -21.70
C PRO F 213 -54.10 -44.89 -22.52
N SER F 214 -54.57 -44.82 -23.77
CA SER F 214 -54.31 -45.81 -24.79
C SER F 214 -53.34 -45.21 -25.80
N ASN F 215 -52.79 -46.03 -26.68
CA ASN F 215 -51.89 -45.45 -27.68
C ASN F 215 -52.72 -45.13 -28.94
N THR F 216 -53.51 -44.07 -28.80
CA THR F 216 -54.52 -43.70 -29.79
C THR F 216 -54.25 -42.29 -30.30
N LYS F 217 -54.31 -42.12 -31.61
CA LYS F 217 -54.33 -40.79 -32.23
C LYS F 217 -54.89 -40.93 -33.63
N VAL F 218 -56.06 -40.35 -33.87
CA VAL F 218 -56.80 -40.53 -35.11
C VAL F 218 -57.16 -39.16 -35.69
N ASP F 219 -56.64 -38.86 -36.88
CA ASP F 219 -57.16 -37.73 -37.64
C ASP F 219 -58.42 -38.11 -38.39
N LYS F 220 -59.31 -37.14 -38.56
CA LYS F 220 -60.47 -37.29 -39.42
C LYS F 220 -60.95 -35.92 -39.85
N ARG F 221 -61.33 -35.80 -41.12
CA ARG F 221 -61.82 -34.54 -41.62
C ARG F 221 -63.30 -34.35 -41.37
N VAL F 222 -63.67 -33.07 -41.28
CA VAL F 222 -65.04 -32.62 -41.19
C VAL F 222 -65.34 -31.93 -42.50
N GLU F 223 -66.37 -32.37 -43.20
CA GLU F 223 -66.76 -31.67 -44.42
C GLU F 223 -68.20 -32.03 -44.75
N PRO F 224 -68.90 -31.17 -45.51
CA PRO F 224 -70.34 -31.37 -45.77
C PRO F 224 -70.64 -32.70 -46.42
N LYS F 225 -71.82 -33.21 -46.05
CA LYS F 225 -72.30 -34.54 -46.42
C LYS F 225 -73.52 -34.51 -47.35
N SER F 226 -74.22 -33.38 -47.44
CA SER F 226 -75.13 -33.01 -48.56
C SER F 226 -76.24 -34.03 -48.84
N CYS F 227 -76.90 -34.50 -47.79
CA CYS F 227 -78.11 -35.29 -47.97
C CYS F 227 -78.91 -35.32 -46.68
N ASP F 228 -80.20 -35.60 -46.81
CA ASP F 228 -81.16 -35.63 -45.71
C ASP F 228 -80.65 -36.34 -44.46
N GLN G 3 8.53 -28.48 3.75
CA GLN G 3 9.59 -29.47 3.97
C GLN G 3 9.67 -29.82 5.46
N ALA G 4 10.77 -29.43 6.09
CA ALA G 4 10.97 -29.57 7.54
C ALA G 4 10.84 -31.03 7.98
N VAL G 5 11.73 -31.87 7.46
CA VAL G 5 11.85 -33.26 7.90
C VAL G 5 13.22 -33.45 8.52
N VAL G 6 13.26 -33.64 9.82
CA VAL G 6 14.51 -33.79 10.56
C VAL G 6 14.79 -35.25 10.76
N THR G 7 16.03 -35.65 10.51
CA THR G 7 16.41 -37.05 10.50
C THR G 7 17.64 -37.24 11.36
N GLN G 8 17.74 -38.44 11.94
CA GLN G 8 18.95 -38.88 12.61
C GLN G 8 18.88 -40.40 12.64
N GLU G 9 20.04 -41.04 12.72
CA GLU G 9 20.03 -42.50 12.60
C GLU G 9 19.30 -43.13 13.79
N SER G 10 18.72 -44.30 13.52
CA SER G 10 17.77 -44.91 14.44
C SER G 10 18.42 -45.37 15.74
N ALA G 11 19.58 -46.03 15.67
CA ALA G 11 20.20 -46.56 16.87
C ALA G 11 21.71 -46.63 16.68
N LEU G 12 22.42 -46.49 17.79
CA LEU G 12 23.86 -46.59 17.82
C LEU G 12 24.25 -47.42 19.03
N THR G 13 25.48 -47.94 19.02
CA THR G 13 25.93 -48.75 20.13
C THR G 13 27.45 -48.73 20.19
N THR G 14 28.00 -48.70 21.40
CA THR G 14 29.45 -48.60 21.62
C THR G 14 29.71 -48.95 23.08
N SER G 15 30.93 -48.68 23.53
CA SER G 15 31.42 -49.10 24.84
C SER G 15 31.96 -47.91 25.62
N PRO G 16 31.98 -48.01 26.95
CA PRO G 16 32.48 -46.91 27.78
C PRO G 16 33.95 -46.62 27.57
N GLY G 17 34.30 -45.34 27.73
CA GLY G 17 35.63 -44.85 27.44
C GLY G 17 35.83 -44.41 26.02
N GLU G 18 35.03 -44.94 25.08
CA GLU G 18 35.16 -44.64 23.67
C GLU G 18 34.54 -43.27 23.36
N THR G 19 34.67 -42.88 22.09
CA THR G 19 34.14 -41.62 21.59
C THR G 19 33.04 -41.90 20.59
N VAL G 20 31.87 -41.33 20.84
CA VAL G 20 30.70 -41.51 19.99
C VAL G 20 30.45 -40.19 19.27
N THR G 21 29.68 -40.26 18.19
CA THR G 21 29.29 -39.06 17.45
C THR G 21 27.92 -39.31 16.84
N LEU G 22 26.87 -38.77 17.46
CA LEU G 22 25.55 -38.78 16.87
C LEU G 22 25.41 -37.57 15.97
N THR G 23 24.62 -37.69 14.93
CA THR G 23 24.45 -36.61 13.97
C THR G 23 22.96 -36.33 13.77
N CYS G 24 22.68 -35.17 13.17
CA CYS G 24 21.32 -34.71 12.88
C CYS G 24 21.36 -33.90 11.59
N ARG G 25 20.54 -34.26 10.60
CA ARG G 25 20.57 -33.60 9.30
C ARG G 25 19.28 -32.86 8.96
N SER G 26 19.40 -31.94 8.01
CA SER G 26 18.32 -31.10 7.50
C SER G 26 17.67 -31.74 6.29
N SER G 27 16.41 -31.38 6.06
CA SER G 27 15.77 -31.68 4.78
C SER G 27 15.73 -30.49 3.84
N THR G 28 15.83 -29.27 4.35
CA THR G 28 15.93 -28.04 3.58
C THR G 28 17.37 -27.77 3.11
N GLY G 29 18.27 -28.73 3.28
CA GLY G 29 19.60 -28.60 2.72
C GLY G 29 20.76 -28.63 3.70
N ALA G 30 21.64 -27.63 3.63
CA ALA G 30 22.80 -27.59 4.50
C ALA G 30 22.40 -27.08 5.87
N VAL G 31 22.96 -27.70 6.91
CA VAL G 31 22.71 -27.27 8.27
C VAL G 31 23.67 -26.15 8.61
N THR G 32 23.12 -25.04 9.08
CA THR G 32 23.87 -23.83 9.38
C THR G 32 23.74 -23.55 10.88
N THR G 33 24.48 -22.53 11.33
CA THR G 33 24.23 -21.95 12.64
C THR G 33 22.78 -21.51 12.77
N SER G 34 22.17 -21.09 11.64
CA SER G 34 20.80 -20.60 11.61
C SER G 34 19.75 -21.66 11.95
N ASN G 35 20.14 -22.93 12.11
CA ASN G 35 19.17 -23.94 12.55
C ASN G 35 19.18 -24.17 14.05
N TYR G 36 20.25 -23.77 14.75
CA TYR G 36 20.32 -23.82 16.21
C TYR G 36 19.97 -25.22 16.72
N ALA G 37 20.82 -26.18 16.34
CA ALA G 37 20.63 -27.58 16.70
C ALA G 37 20.51 -27.75 18.20
N ASN G 38 19.42 -28.34 18.65
CA ASN G 38 19.17 -28.57 20.05
C ASN G 38 19.06 -30.06 20.30
N TRP G 39 19.71 -30.53 21.37
CA TRP G 39 19.82 -31.94 21.67
C TRP G 39 19.14 -32.25 23.00
N VAL G 40 18.24 -33.23 22.98
CA VAL G 40 17.49 -33.62 24.17
C VAL G 40 17.83 -35.08 24.49
N GLN G 41 17.92 -35.36 25.79
CA GLN G 41 18.27 -36.68 26.30
C GLN G 41 17.05 -37.26 26.99
N GLU G 42 16.55 -38.38 26.49
CA GLU G 42 15.42 -39.05 27.13
C GLU G 42 15.96 -40.25 27.91
N LYS G 43 16.01 -40.11 29.20
CA LYS G 43 16.19 -41.31 30.00
C LYS G 43 14.83 -41.96 30.24
N PRO G 44 14.79 -43.28 30.44
CA PRO G 44 13.52 -44.00 30.41
C PRO G 44 12.58 -43.58 31.54
N ASP G 45 11.33 -44.02 31.39
CA ASP G 45 10.21 -43.49 32.16
C ASP G 45 10.02 -41.99 31.93
N HIS G 46 10.26 -41.57 30.68
CA HIS G 46 9.94 -40.22 30.23
C HIS G 46 10.73 -39.16 31.01
N LEU G 47 12.04 -39.35 31.06
CA LEU G 47 12.94 -38.40 31.71
C LEU G 47 13.74 -37.69 30.63
N PHE G 48 13.21 -36.55 30.18
CA PHE G 48 13.90 -35.78 29.16
C PHE G 48 14.80 -34.74 29.82
N THR G 49 15.86 -34.37 29.09
CA THR G 49 16.79 -33.34 29.55
C THR G 49 17.40 -32.68 28.33
N GLY G 50 17.36 -31.34 28.29
CA GLY G 50 18.04 -30.61 27.25
C GLY G 50 19.53 -30.56 27.53
N LEU G 51 20.32 -30.92 26.52
CA LEU G 51 21.77 -31.04 26.68
C LEU G 51 22.55 -29.96 25.97
N ILE G 52 22.28 -29.74 24.67
CA ILE G 52 23.02 -28.78 23.87
C ILE G 52 22.04 -27.93 23.07
N GLY G 53 22.29 -26.62 23.04
CA GLY G 53 21.56 -25.72 22.17
C GLY G 53 22.53 -24.91 21.32
N GLY G 54 21.95 -24.09 20.44
CA GLY G 54 22.72 -23.21 19.57
C GLY G 54 23.85 -23.95 18.85
N THR G 55 23.58 -25.21 18.54
CA THR G 55 24.43 -26.15 17.80
C THR G 55 25.65 -26.59 18.62
N ASN G 56 26.03 -25.84 19.65
CA ASN G 56 27.14 -26.28 20.50
C ASN G 56 26.99 -25.85 21.95
N ASN G 57 26.10 -24.89 22.24
CA ASN G 57 25.99 -24.35 23.58
C ASN G 57 25.45 -25.43 24.51
N ARG G 58 26.18 -25.74 25.56
CA ARG G 58 25.80 -26.84 26.42
C ARG G 58 25.10 -26.37 27.68
N ALA G 59 24.08 -27.15 28.09
CA ALA G 59 23.26 -26.83 29.23
C ALA G 59 24.10 -26.83 30.52
N PRO G 60 23.58 -26.21 31.59
CA PRO G 60 24.38 -26.03 32.81
C PRO G 60 24.92 -27.33 33.41
N GLY G 61 24.03 -28.27 33.74
CA GLY G 61 24.43 -29.49 34.42
C GLY G 61 25.10 -30.54 33.56
N VAL G 62 25.09 -30.35 32.24
CA VAL G 62 25.67 -31.36 31.34
C VAL G 62 27.18 -31.35 31.46
N PRO G 63 27.82 -32.50 31.67
CA PRO G 63 29.29 -32.52 31.75
C PRO G 63 29.94 -32.13 30.43
N ALA G 64 31.17 -31.65 30.53
CA ALA G 64 31.88 -31.13 29.37
C ALA G 64 32.18 -32.21 28.33
N ARG G 65 31.99 -33.50 28.67
CA ARG G 65 32.25 -34.56 27.70
C ARG G 65 31.32 -34.47 26.51
N PHE G 66 30.10 -34.01 26.72
CA PHE G 66 29.19 -33.79 25.61
C PHE G 66 29.62 -32.54 24.86
N SER G 67 29.59 -32.61 23.54
CA SER G 67 29.81 -31.42 22.73
C SER G 67 29.11 -31.56 21.39
N GLY G 68 28.58 -30.43 20.90
CA GLY G 68 27.89 -30.38 19.63
C GLY G 68 28.76 -29.67 18.61
N SER G 69 28.58 -30.04 17.35
CA SER G 69 29.45 -29.58 16.28
C SER G 69 28.69 -29.72 14.97
N LEU G 70 29.36 -29.38 13.87
CA LEU G 70 28.86 -29.64 12.53
C LEU G 70 29.96 -30.34 11.75
N ILE G 71 29.75 -31.61 11.44
CA ILE G 71 30.73 -32.42 10.73
C ILE G 71 30.15 -32.72 9.36
N GLY G 72 30.53 -31.90 8.38
CA GLY G 72 30.01 -32.00 7.02
C GLY G 72 29.08 -30.86 6.69
N ASP G 73 27.85 -31.15 6.27
CA ASP G 73 26.84 -30.13 6.09
C ASP G 73 25.69 -30.26 7.09
N LYS G 74 25.87 -31.09 8.12
CA LYS G 74 24.83 -31.41 9.09
C LYS G 74 25.39 -31.20 10.50
N ALA G 75 24.48 -31.16 11.48
CA ALA G 75 24.85 -31.06 12.88
C ALA G 75 25.16 -32.43 13.47
N ALA G 76 25.79 -32.43 14.64
CA ALA G 76 26.19 -33.69 15.28
C ALA G 76 26.42 -33.49 16.77
N LEU G 77 26.35 -34.62 17.49
CA LEU G 77 26.57 -34.69 18.93
C LEU G 77 27.64 -35.73 19.22
N THR G 78 28.74 -35.29 19.84
CA THR G 78 29.91 -36.12 20.12
C THR G 78 30.05 -36.31 21.62
N ILE G 79 30.25 -37.55 22.05
CA ILE G 79 30.45 -37.86 23.46
C ILE G 79 31.86 -38.41 23.62
N THR G 80 32.80 -37.54 23.96
CA THR G 80 34.20 -37.92 24.13
C THR G 80 34.40 -38.39 25.56
N GLY G 81 34.54 -39.70 25.74
CA GLY G 81 34.66 -40.26 27.07
C GLY G 81 33.36 -40.85 27.57
N ALA G 82 32.67 -41.61 26.71
CA ALA G 82 31.35 -42.12 27.03
C ALA G 82 31.36 -42.91 28.33
N GLN G 83 30.26 -42.82 29.09
CA GLN G 83 30.09 -43.59 30.30
C GLN G 83 28.69 -44.21 30.34
N THR G 84 28.54 -45.17 31.26
CA THR G 84 27.28 -45.92 31.41
C THR G 84 26.09 -45.03 31.72
N GLU G 85 26.32 -43.81 32.23
CA GLU G 85 25.22 -42.87 32.37
C GLU G 85 24.64 -42.40 31.03
N ASP G 86 25.38 -42.54 29.93
CA ASP G 86 24.97 -41.93 28.66
C ASP G 86 24.06 -42.83 27.82
N GLU G 87 23.80 -44.06 28.22
CA GLU G 87 22.89 -44.91 27.44
C GLU G 87 21.47 -44.38 27.58
N ALA G 88 21.00 -43.69 26.55
CA ALA G 88 19.68 -43.11 26.51
C ALA G 88 19.32 -42.88 25.06
N ILE G 89 18.15 -42.27 24.83
CA ILE G 89 17.71 -41.90 23.48
C ILE G 89 17.90 -40.39 23.32
N TYR G 90 18.56 -39.99 22.23
CA TYR G 90 18.94 -38.61 22.02
C TYR G 90 18.24 -38.07 20.77
N PHE G 91 17.24 -37.22 20.98
CA PHE G 91 16.56 -36.55 19.88
C PHE G 91 17.30 -35.26 19.53
N CYS G 92 16.90 -34.68 18.40
CA CYS G 92 17.50 -33.45 17.93
C CYS G 92 16.46 -32.59 17.23
N ALA G 93 16.64 -31.27 17.31
CA ALA G 93 15.67 -30.30 16.83
C ALA G 93 16.40 -29.16 16.13
N LEU G 94 15.89 -28.78 14.95
CA LEU G 94 16.43 -27.67 14.18
C LEU G 94 15.38 -26.58 14.04
N TRP G 95 15.85 -25.34 13.88
CA TRP G 95 14.98 -24.19 13.78
C TRP G 95 14.89 -23.77 12.31
N PHE G 96 13.76 -24.08 11.69
CA PHE G 96 13.36 -23.49 10.42
C PHE G 96 12.35 -22.39 10.73
N SER G 97 12.52 -21.24 10.09
CA SER G 97 11.94 -19.98 10.56
C SER G 97 10.49 -20.11 11.03
N ASN G 98 9.62 -20.64 10.16
CA ASN G 98 8.25 -20.92 10.57
C ASN G 98 8.20 -22.06 11.56
N HIS G 99 8.85 -23.17 11.24
CA HIS G 99 8.62 -24.44 11.90
C HIS G 99 9.50 -24.58 13.13
N TRP G 100 9.39 -25.74 13.78
CA TRP G 100 10.22 -26.10 14.92
C TRP G 100 10.07 -27.61 15.07
N VAL G 101 11.11 -28.35 14.70
CA VAL G 101 10.94 -29.72 14.23
C VAL G 101 11.88 -30.67 14.98
N PHE G 102 11.49 -31.94 15.08
CA PHE G 102 12.30 -32.96 15.72
C PHE G 102 12.69 -34.07 14.76
N GLY G 103 13.80 -34.73 15.10
CA GLY G 103 14.17 -35.96 14.45
C GLY G 103 13.60 -37.18 15.18
N GLY G 104 13.75 -38.34 14.53
CA GLY G 104 13.22 -39.56 15.12
C GLY G 104 13.87 -39.93 16.43
N GLY G 105 15.12 -39.50 16.64
CA GLY G 105 15.81 -39.84 17.87
C GLY G 105 16.69 -41.07 17.71
N THR G 106 17.88 -41.05 18.27
CA THR G 106 18.82 -42.17 18.19
C THR G 106 18.88 -42.89 19.53
N LYS G 107 18.63 -44.20 19.53
CA LYS G 107 18.79 -45.01 20.73
C LYS G 107 20.25 -45.45 20.82
N LEU G 108 20.95 -44.95 21.82
CA LEU G 108 22.33 -45.31 22.05
C LEU G 108 22.38 -46.40 23.10
N THR G 109 23.12 -47.47 22.79
CA THR G 109 23.25 -48.63 23.69
C THR G 109 24.72 -48.75 24.06
N VAL G 110 25.05 -48.33 25.27
CA VAL G 110 26.39 -48.51 25.80
C VAL G 110 26.51 -49.91 26.38
N LEU G 111 27.64 -50.58 26.11
CA LEU G 111 27.85 -51.90 26.65
C LEU G 111 28.61 -51.79 27.98
N GLY G 112 28.89 -52.94 28.58
CA GLY G 112 29.51 -53.00 29.87
C GLY G 112 28.57 -53.03 31.06
N GLN G 113 27.34 -52.54 30.93
CA GLN G 113 26.36 -52.74 31.97
C GLN G 113 26.31 -54.23 32.33
N PRO G 114 26.35 -54.60 33.61
CA PRO G 114 26.48 -56.01 33.96
C PRO G 114 25.30 -56.85 33.46
N LYS G 115 25.62 -57.94 32.79
CA LYS G 115 24.62 -58.88 32.30
C LYS G 115 23.81 -59.42 33.47
N GLY G 116 22.50 -59.22 33.39
CA GLY G 116 21.61 -59.59 34.49
C GLY G 116 20.86 -60.88 34.21
N ALA G 117 20.91 -61.77 35.18
CA ALA G 117 20.12 -62.99 35.11
C ALA G 117 18.67 -62.67 35.48
N PRO G 118 17.70 -63.29 34.82
CA PRO G 118 16.31 -62.89 35.02
C PRO G 118 15.68 -63.48 36.28
N SER G 119 14.84 -62.68 36.92
CA SER G 119 14.06 -63.12 38.07
C SER G 119 12.69 -63.54 37.57
N VAL G 120 12.35 -64.81 37.74
CA VAL G 120 11.11 -65.34 37.19
C VAL G 120 10.18 -65.72 38.34
N THR G 121 9.00 -65.09 38.36
CA THR G 121 7.94 -65.36 39.32
C THR G 121 6.64 -65.61 38.59
N LEU G 122 5.89 -66.63 39.04
CA LEU G 122 4.64 -67.04 38.41
C LEU G 122 3.52 -67.07 39.43
N PHE G 123 2.35 -66.53 39.07
CA PHE G 123 1.21 -66.67 39.97
C PHE G 123 0.01 -67.32 39.28
N PRO G 124 -0.73 -68.15 40.00
CA PRO G 124 -1.93 -68.79 39.45
C PRO G 124 -3.08 -67.80 39.37
N PRO G 125 -4.13 -68.12 38.61
CA PRO G 125 -5.30 -67.24 38.53
C PRO G 125 -5.96 -67.03 39.90
N SER G 126 -6.40 -65.79 40.14
CA SER G 126 -7.02 -65.48 41.40
C SER G 126 -8.37 -66.20 41.51
N SER G 127 -8.80 -66.45 42.75
CA SER G 127 -9.93 -67.33 42.93
C SER G 127 -11.23 -66.66 42.50
N GLU G 128 -11.32 -65.34 42.59
CA GLU G 128 -12.48 -64.67 42.03
C GLU G 128 -12.36 -64.57 40.51
N GLU G 129 -11.14 -64.41 39.99
CA GLU G 129 -10.91 -64.49 38.55
C GLU G 129 -11.33 -65.86 38.01
N LEU G 130 -11.06 -66.92 38.78
CA LEU G 130 -11.59 -68.23 38.46
C LEU G 130 -13.12 -68.16 38.33
N GLN G 131 -13.79 -67.53 39.30
CA GLN G 131 -15.25 -67.46 39.32
C GLN G 131 -15.82 -66.68 38.14
N ALA G 132 -15.00 -65.99 37.36
CA ALA G 132 -15.43 -65.31 36.15
C ALA G 132 -15.34 -66.26 34.95
N ASN G 133 -15.63 -65.71 33.76
CA ASN G 133 -15.64 -66.52 32.54
C ASN G 133 -14.24 -66.89 32.05
N LYS G 134 -13.20 -66.20 32.53
CA LYS G 134 -11.83 -66.43 32.09
C LYS G 134 -10.88 -66.33 33.27
N ALA G 135 -9.83 -67.15 33.25
CA ALA G 135 -8.79 -67.14 34.27
C ALA G 135 -7.44 -66.95 33.59
N THR G 136 -6.59 -66.10 34.16
CA THR G 136 -5.31 -65.76 33.56
C THR G 136 -4.19 -65.97 34.58
N LEU G 137 -3.20 -66.77 34.17
CA LEU G 137 -1.96 -66.99 34.91
C LEU G 137 -0.88 -66.04 34.40
N VAL G 138 0.04 -65.70 35.29
CA VAL G 138 0.97 -64.60 35.05
C VAL G 138 2.39 -65.08 35.34
N CYS G 139 3.26 -64.97 34.34
CA CYS G 139 4.69 -65.18 34.53
C CYS G 139 5.36 -63.82 34.49
N LEU G 140 6.17 -63.56 35.52
CA LEU G 140 6.75 -62.23 35.74
C LEU G 140 8.26 -62.36 35.80
N ILE G 141 8.95 -61.86 34.78
CA ILE G 141 10.41 -61.90 34.70
C ILE G 141 10.95 -60.53 35.07
N SER G 142 11.89 -60.47 36.02
CA SER G 142 12.31 -59.19 36.59
C SER G 142 13.81 -58.97 36.51
N ASP G 143 14.21 -57.83 35.97
CA ASP G 143 15.55 -57.27 36.14
C ASP G 143 16.63 -58.20 35.59
N PHE G 144 16.61 -58.29 34.26
CA PHE G 144 17.59 -58.99 33.44
C PHE G 144 18.17 -58.03 32.41
N TYR G 145 19.47 -58.17 32.13
CA TYR G 145 20.09 -57.42 31.04
C TYR G 145 20.90 -58.37 30.17
N PRO G 146 20.93 -58.17 28.84
CA PRO G 146 20.28 -57.29 27.84
C PRO G 146 18.80 -57.56 27.60
N GLY G 147 18.21 -56.78 26.68
CA GLY G 147 16.77 -56.79 26.48
C GLY G 147 16.22 -58.11 25.97
N ALA G 148 16.88 -58.72 24.98
CA ALA G 148 16.33 -59.90 24.32
C ALA G 148 16.13 -61.05 25.31
N VAL G 149 14.99 -61.70 25.21
CA VAL G 149 14.65 -62.84 26.06
C VAL G 149 13.59 -63.67 25.36
N THR G 150 13.64 -64.98 25.56
CA THR G 150 12.66 -65.92 25.02
C THR G 150 11.95 -66.58 26.19
N VAL G 151 10.63 -66.62 26.14
CA VAL G 151 9.82 -67.26 27.17
C VAL G 151 8.82 -68.17 26.49
N ALA G 152 8.67 -69.38 27.03
CA ALA G 152 7.78 -70.39 26.47
C ALA G 152 6.83 -70.91 27.53
N TRP G 153 5.57 -71.05 27.16
CA TRP G 153 4.55 -71.65 28.01
C TRP G 153 4.31 -73.09 27.59
N LYS G 154 4.12 -73.98 28.57
CA LYS G 154 3.78 -75.37 28.30
C LYS G 154 2.83 -75.89 29.37
N ALA G 155 1.79 -76.59 28.93
CA ALA G 155 0.80 -77.17 29.82
C ALA G 155 0.97 -78.69 29.86
N ASP G 156 1.14 -79.23 31.06
CA ASP G 156 1.60 -80.61 31.29
C ASP G 156 2.83 -80.91 30.43
N SER G 157 3.82 -80.02 30.51
CA SER G 157 5.12 -80.16 29.86
C SER G 157 5.05 -80.13 28.34
N SER G 158 3.91 -79.76 27.77
CA SER G 158 3.74 -79.71 26.31
C SER G 158 3.45 -78.29 25.86
N PRO G 159 4.25 -77.74 24.95
CA PRO G 159 4.19 -76.30 24.66
C PRO G 159 2.82 -75.83 24.18
N VAL G 160 2.63 -74.52 24.22
CA VAL G 160 1.36 -73.90 23.87
C VAL G 160 1.64 -72.49 23.36
N LYS G 161 0.80 -72.02 22.44
CA LYS G 161 0.80 -70.64 22.03
C LYS G 161 -0.61 -70.28 21.55
N ALA G 162 -0.76 -69.06 21.04
CA ALA G 162 -1.97 -68.46 20.48
C ALA G 162 -2.98 -67.99 21.53
N GLY G 163 -2.68 -68.09 22.83
CA GLY G 163 -3.52 -67.45 23.82
C GLY G 163 -2.73 -66.58 24.78
N VAL G 164 -1.44 -66.39 24.48
CA VAL G 164 -0.53 -65.65 25.34
C VAL G 164 -0.25 -64.28 24.72
N GLU G 165 0.20 -63.36 25.57
CA GLU G 165 0.65 -62.03 25.14
C GLU G 165 1.77 -61.56 26.06
N THR G 166 2.80 -60.96 25.47
CA THR G 166 3.96 -60.46 26.20
C THR G 166 4.48 -59.19 25.51
N THR G 167 5.18 -58.34 26.26
CA THR G 167 5.87 -57.21 25.66
C THR G 167 7.08 -56.79 26.51
N THR G 168 7.95 -55.96 25.86
CA THR G 168 9.37 -55.73 26.17
C THR G 168 9.55 -54.70 27.30
N PRO G 169 10.33 -55.04 28.31
CA PRO G 169 10.51 -54.18 29.50
C PRO G 169 11.72 -53.25 29.56
N SER G 170 11.73 -52.05 29.00
CA SER G 170 12.99 -51.30 29.09
C SER G 170 13.04 -50.38 30.30
N LYS G 171 12.51 -50.84 31.44
CA LYS G 171 12.62 -50.10 32.70
C LYS G 171 14.01 -49.53 32.91
N GLN G 172 14.07 -48.25 33.22
CA GLN G 172 15.30 -47.62 33.73
C GLN G 172 15.64 -48.05 35.16
N SER G 173 14.72 -48.75 35.84
CA SER G 173 14.74 -48.92 37.30
C SER G 173 16.13 -49.27 37.82
N ASN G 174 16.75 -50.36 37.39
CA ASN G 174 18.17 -50.59 37.66
C ASN G 174 19.00 -50.69 36.38
N ASN G 175 18.56 -50.02 35.31
CA ASN G 175 19.06 -50.21 33.94
C ASN G 175 18.92 -51.66 33.50
N LYS G 176 18.13 -52.43 34.24
CA LYS G 176 17.74 -53.80 33.95
C LYS G 176 16.37 -53.85 33.25
N TYR G 177 16.09 -54.96 32.59
CA TYR G 177 14.81 -55.19 31.94
C TYR G 177 14.00 -56.22 32.72
N ALA G 178 12.69 -55.96 32.87
CA ALA G 178 11.84 -56.76 33.74
C ALA G 178 10.42 -56.87 33.16
N ALA G 179 10.12 -57.94 32.44
CA ALA G 179 8.84 -58.09 31.76
C ALA G 179 7.97 -59.14 32.43
N SER G 180 6.73 -59.22 31.95
CA SER G 180 5.82 -60.27 32.38
C SER G 180 4.93 -60.69 31.23
N SER G 181 4.52 -61.95 31.27
CA SER G 181 3.70 -62.56 30.24
C SER G 181 2.43 -63.07 30.91
N TYR G 182 1.32 -63.01 30.19
CA TYR G 182 0.04 -63.49 30.68
C TYR G 182 -0.52 -64.48 29.67
N LEU G 183 -0.87 -65.66 30.16
CA LEU G 183 -1.67 -66.60 29.41
C LEU G 183 -3.09 -66.59 29.96
N SER G 184 -4.07 -66.60 29.05
CA SER G 184 -5.46 -66.43 29.41
C SER G 184 -6.22 -67.65 28.90
N LEU G 185 -6.64 -68.49 29.83
CA LEU G 185 -7.23 -69.78 29.55
C LEU G 185 -8.67 -69.75 30.02
N THR G 186 -9.56 -70.40 29.27
CA THR G 186 -10.93 -70.54 29.74
C THR G 186 -10.93 -71.43 30.98
N PRO G 187 -11.75 -71.11 31.99
CA PRO G 187 -11.73 -71.93 33.21
C PRO G 187 -11.97 -73.40 32.95
N GLU G 188 -12.82 -73.75 31.99
CA GLU G 188 -12.91 -75.13 31.55
C GLU G 188 -11.66 -75.55 30.77
N GLN G 189 -11.08 -74.59 30.06
CA GLN G 189 -9.88 -74.85 29.25
C GLN G 189 -8.70 -75.29 30.09
N TRP G 190 -8.48 -74.64 31.24
CA TRP G 190 -7.22 -74.71 31.95
C TRP G 190 -7.21 -75.76 33.05
N LYS G 191 -8.25 -76.58 33.13
CA LYS G 191 -8.44 -77.47 34.27
C LYS G 191 -7.75 -78.82 34.11
N SER G 192 -6.79 -78.96 33.20
CA SER G 192 -5.92 -80.14 33.22
C SER G 192 -4.69 -79.78 34.05
N HIS G 193 -4.92 -79.73 35.38
CA HIS G 193 -4.08 -79.07 36.36
C HIS G 193 -2.94 -79.95 36.89
N ARG G 194 -2.19 -79.34 37.82
CA ARG G 194 -1.02 -79.77 38.59
C ARG G 194 0.20 -79.75 37.68
N SER G 195 0.06 -79.34 36.41
CA SER G 195 1.16 -79.44 35.45
C SER G 195 1.29 -78.21 34.54
N TYR G 196 1.24 -76.99 35.09
CA TYR G 196 1.41 -75.79 34.27
C TYR G 196 2.67 -75.07 34.70
N SER G 197 3.33 -74.36 33.76
CA SER G 197 4.54 -73.65 34.14
C SER G 197 4.96 -72.63 33.09
N CYS G 198 6.04 -71.95 33.43
CA CYS G 198 6.66 -70.90 32.61
C CYS G 198 8.16 -71.14 32.59
N GLN G 199 8.77 -71.19 31.41
CA GLN G 199 10.23 -71.22 31.37
C GLN G 199 10.76 -70.10 30.48
N VAL G 200 11.87 -69.53 30.94
CA VAL G 200 12.54 -68.40 30.34
C VAL G 200 13.96 -68.83 29.98
N THR G 201 14.49 -68.21 28.93
CA THR G 201 15.84 -68.41 28.46
C THR G 201 16.40 -67.03 28.12
N HIS G 202 17.62 -66.75 28.58
CA HIS G 202 18.21 -65.44 28.47
C HIS G 202 19.66 -65.60 28.09
N GLU G 203 20.35 -64.49 27.81
CA GLU G 203 21.78 -64.65 27.67
C GLU G 203 22.48 -64.65 29.03
N GLY G 204 21.83 -64.10 30.06
CA GLY G 204 22.22 -64.35 31.44
C GLY G 204 21.83 -65.71 31.92
N SER G 205 21.10 -66.45 31.09
CA SER G 205 20.89 -67.87 31.29
C SER G 205 22.23 -68.61 31.14
N THR G 206 22.65 -69.29 32.23
CA THR G 206 23.50 -70.45 32.03
C THR G 206 22.68 -71.69 31.75
N VAL G 207 21.44 -71.74 32.23
CA VAL G 207 20.49 -72.80 31.94
C VAL G 207 19.12 -72.14 31.97
N GLU G 208 18.13 -72.79 31.35
CA GLU G 208 16.80 -72.20 31.26
C GLU G 208 16.03 -72.35 32.56
N LYS G 209 15.35 -71.28 32.96
CA LYS G 209 14.70 -71.20 34.26
C LYS G 209 13.20 -71.46 34.11
N THR G 210 12.67 -72.30 34.99
CA THR G 210 11.29 -72.74 34.99
C THR G 210 10.67 -72.54 36.36
N VAL G 211 9.38 -72.20 36.38
CA VAL G 211 8.63 -71.98 37.61
C VAL G 211 7.32 -72.76 37.54
N ALA G 212 7.12 -73.72 38.47
CA ALA G 212 5.99 -74.63 38.42
C ALA G 212 5.14 -74.56 39.68
N PRO G 213 3.80 -74.41 39.55
CA PRO G 213 2.84 -74.57 40.64
C PRO G 213 2.15 -75.95 40.59
N GLN H 3 -52.97 -35.74 13.83
CA GLN H 3 -54.14 -34.94 13.53
C GLN H 3 -53.91 -34.15 12.25
N ALA H 4 -53.82 -32.82 12.38
CA ALA H 4 -53.53 -31.91 11.27
C ALA H 4 -54.57 -32.03 10.16
N VAL H 5 -55.82 -31.72 10.51
CA VAL H 5 -56.89 -31.57 9.52
C VAL H 5 -57.31 -30.10 9.55
N VAL H 6 -56.98 -29.41 8.47
CA VAL H 6 -57.16 -27.97 8.34
C VAL H 6 -58.48 -27.70 7.62
N THR H 7 -59.22 -26.73 8.12
CA THR H 7 -60.56 -26.46 7.63
C THR H 7 -60.67 -25.00 7.26
N GLN H 8 -61.54 -24.73 6.27
CA GLN H 8 -61.88 -23.37 5.88
C GLN H 8 -63.25 -23.41 5.22
N GLU H 9 -63.86 -22.23 5.12
CA GLU H 9 -65.25 -22.14 4.71
C GLU H 9 -65.45 -22.71 3.32
N SER H 10 -66.64 -23.25 3.09
CA SER H 10 -66.90 -23.97 1.85
C SER H 10 -66.97 -23.00 0.67
N ALA H 11 -67.74 -21.94 0.82
CA ALA H 11 -67.92 -20.98 -0.26
C ALA H 11 -68.31 -19.63 0.34
N LEU H 12 -67.90 -18.56 -0.34
CA LEU H 12 -68.22 -17.21 0.07
C LEU H 12 -68.62 -16.41 -1.15
N THR H 13 -69.23 -15.25 -0.91
CA THR H 13 -69.72 -14.41 -1.99
C THR H 13 -69.74 -12.95 -1.53
N THR H 14 -69.47 -12.05 -2.49
CA THR H 14 -69.34 -10.63 -2.19
C THR H 14 -69.53 -9.85 -3.49
N SER H 15 -69.26 -8.55 -3.43
CA SER H 15 -69.47 -7.61 -4.51
C SER H 15 -68.21 -6.82 -4.74
N PRO H 16 -68.03 -6.25 -5.94
CA PRO H 16 -66.81 -5.48 -6.20
C PRO H 16 -66.74 -4.24 -5.33
N GLY H 17 -65.52 -3.89 -4.92
CA GLY H 17 -65.30 -2.81 -4.00
C GLY H 17 -65.36 -3.18 -2.53
N GLU H 18 -66.06 -4.26 -2.18
CA GLU H 18 -66.23 -4.63 -0.78
C GLU H 18 -64.97 -5.27 -0.21
N THR H 19 -65.01 -5.58 1.09
CA THR H 19 -63.89 -6.16 1.82
C THR H 19 -64.25 -7.56 2.29
N VAL H 20 -63.47 -8.55 1.88
CA VAL H 20 -63.70 -9.95 2.21
C VAL H 20 -62.62 -10.42 3.18
N THR H 21 -62.91 -11.52 3.88
CA THR H 21 -61.94 -12.12 4.80
C THR H 21 -62.18 -13.63 4.84
N LEU H 22 -61.33 -14.38 4.14
CA LEU H 22 -61.29 -15.84 4.18
C LEU H 22 -60.31 -16.29 5.26
N THR H 23 -60.56 -17.46 5.85
CA THR H 23 -59.75 -17.97 6.94
C THR H 23 -59.31 -19.40 6.73
N CYS H 24 -58.38 -19.80 7.57
CA CYS H 24 -57.84 -21.14 7.64
C CYS H 24 -57.79 -21.51 9.10
N ARG H 25 -58.48 -22.58 9.45
CA ARG H 25 -58.50 -22.92 10.86
C ARG H 25 -57.86 -24.26 11.12
N SER H 26 -57.44 -24.40 12.36
CA SER H 26 -56.70 -25.55 12.84
C SER H 26 -57.63 -26.55 13.49
N SER H 27 -57.16 -27.80 13.50
CA SER H 27 -57.66 -28.81 14.41
C SER H 27 -56.74 -28.99 15.59
N THR H 28 -55.49 -28.53 15.45
CA THR H 28 -54.46 -28.58 16.48
C THR H 28 -54.58 -27.49 17.53
N GLY H 29 -55.57 -26.61 17.46
CA GLY H 29 -55.66 -25.59 18.49
C GLY H 29 -55.45 -24.21 17.90
N ALA H 30 -54.50 -23.48 18.47
CA ALA H 30 -54.19 -22.12 18.01
C ALA H 30 -53.30 -22.15 16.77
N VAL H 31 -53.57 -21.24 15.84
CA VAL H 31 -52.73 -21.02 14.66
C VAL H 31 -51.70 -19.95 14.98
N THR H 32 -50.43 -20.25 14.73
CA THR H 32 -49.32 -19.35 15.02
C THR H 32 -48.64 -18.95 13.71
N THR H 33 -47.73 -17.98 13.80
CA THR H 33 -46.82 -17.74 12.68
C THR H 33 -46.02 -18.99 12.34
N SER H 34 -45.73 -19.82 13.36
CA SER H 34 -44.96 -21.05 13.16
C SER H 34 -45.70 -22.03 12.27
N ASN H 35 -46.95 -21.76 11.90
CA ASN H 35 -47.64 -22.57 10.90
C ASN H 35 -47.52 -22.00 9.50
N TYR H 36 -47.14 -20.73 9.37
CA TYR H 36 -46.79 -20.11 8.09
C TYR H 36 -47.90 -20.32 7.05
N ALA H 37 -49.06 -19.73 7.33
CA ALA H 37 -50.22 -19.87 6.47
C ALA H 37 -49.88 -19.46 5.05
N ASN H 38 -50.09 -20.37 4.11
CA ASN H 38 -49.80 -20.11 2.71
C ASN H 38 -51.09 -20.22 1.90
N TRP H 39 -51.31 -19.26 1.02
CA TRP H 39 -52.56 -19.10 0.29
C TRP H 39 -52.33 -19.25 -1.20
N VAL H 40 -53.11 -20.13 -1.84
CA VAL H 40 -53.02 -20.39 -3.26
C VAL H 40 -54.34 -20.06 -3.94
N GLN H 41 -54.27 -19.52 -5.13
CA GLN H 41 -55.42 -19.12 -5.92
C GLN H 41 -55.50 -20.01 -7.15
N GLU H 42 -56.65 -20.68 -7.33
CA GLU H 42 -56.88 -21.48 -8.52
C GLU H 42 -57.80 -20.71 -9.46
N LYS H 43 -57.24 -20.24 -10.57
CA LYS H 43 -58.09 -19.79 -11.65
C LYS H 43 -58.56 -21.01 -12.44
N PRO H 44 -59.72 -20.93 -13.09
CA PRO H 44 -60.33 -22.14 -13.64
C PRO H 44 -59.50 -22.76 -14.75
N ASP H 45 -59.83 -24.01 -15.07
CA ASP H 45 -58.98 -24.96 -15.81
C ASP H 45 -57.70 -25.33 -15.06
N HIS H 46 -57.75 -25.30 -13.72
CA HIS H 46 -56.66 -25.81 -12.86
C HIS H 46 -55.36 -25.05 -13.06
N LEU H 47 -55.44 -23.72 -12.99
CA LEU H 47 -54.26 -22.85 -13.06
C LEU H 47 -54.06 -22.26 -11.67
N PHE H 48 -53.21 -22.88 -10.86
CA PHE H 48 -53.00 -22.43 -9.49
C PHE H 48 -51.93 -21.35 -9.43
N THR H 49 -52.02 -20.52 -8.40
CA THR H 49 -51.07 -19.45 -8.17
C THR H 49 -50.98 -19.17 -6.68
N GLY H 50 -49.78 -19.20 -6.13
CA GLY H 50 -49.57 -18.83 -4.75
C GLY H 50 -49.60 -17.33 -4.58
N LEU H 51 -50.36 -16.87 -3.58
CA LEU H 51 -50.56 -15.44 -3.34
C LEU H 51 -49.90 -14.95 -2.07
N ILE H 52 -50.09 -15.64 -0.95
CA ILE H 52 -49.59 -15.19 0.35
C ILE H 52 -48.85 -16.35 1.02
N GLY H 53 -47.68 -16.04 1.58
CA GLY H 53 -46.95 -16.97 2.40
C GLY H 53 -46.53 -16.34 3.72
N GLY H 54 -45.89 -17.15 4.55
CA GLY H 54 -45.36 -16.71 5.83
C GLY H 54 -46.38 -15.90 6.62
N THR H 55 -47.65 -16.27 6.43
CA THR H 55 -48.80 -15.73 7.13
C THR H 55 -49.13 -14.30 6.69
N ASN H 56 -48.17 -13.58 6.10
CA ASN H 56 -48.48 -12.24 5.61
C ASN H 56 -47.67 -11.87 4.37
N ASN H 57 -46.60 -12.61 4.08
CA ASN H 57 -45.72 -12.28 2.97
C ASN H 57 -46.43 -12.51 1.65
N ARG H 58 -46.45 -11.48 0.80
CA ARG H 58 -47.20 -11.51 -0.44
C ARG H 58 -46.30 -11.87 -1.60
N ALA H 59 -46.82 -12.68 -2.52
CA ALA H 59 -46.07 -13.07 -3.71
C ALA H 59 -45.80 -11.84 -4.58
N PRO H 60 -44.80 -11.91 -5.47
CA PRO H 60 -44.39 -10.71 -6.21
C PRO H 60 -45.51 -10.04 -7.00
N GLY H 61 -46.15 -10.77 -7.91
CA GLY H 61 -47.15 -10.16 -8.77
C GLY H 61 -48.48 -9.85 -8.13
N VAL H 62 -48.69 -10.30 -6.90
CA VAL H 62 -49.99 -10.12 -6.24
C VAL H 62 -50.17 -8.65 -5.85
N PRO H 63 -51.31 -8.04 -6.19
CA PRO H 63 -51.54 -6.65 -5.78
C PRO H 63 -51.68 -6.51 -4.27
N ALA H 64 -51.39 -5.29 -3.80
CA ALA H 64 -51.40 -4.99 -2.38
C ALA H 64 -52.78 -5.10 -1.75
N ARG H 65 -53.85 -5.21 -2.55
CA ARG H 65 -55.18 -5.31 -1.98
C ARG H 65 -55.35 -6.60 -1.18
N PHE H 66 -54.70 -7.68 -1.60
CA PHE H 66 -54.68 -8.90 -0.80
C PHE H 66 -53.66 -8.78 0.32
N SER H 67 -54.04 -9.24 1.52
CA SER H 67 -53.08 -9.40 2.60
C SER H 67 -53.61 -10.43 3.59
N GLY H 68 -52.69 -11.17 4.20
CA GLY H 68 -53.01 -12.18 5.19
C GLY H 68 -52.63 -11.76 6.59
N SER H 69 -53.35 -12.30 7.58
CA SER H 69 -53.20 -11.90 8.97
C SER H 69 -53.75 -13.01 9.87
N LEU H 70 -53.83 -12.74 11.17
CA LEU H 70 -54.38 -13.67 12.15
C LEU H 70 -55.57 -13.03 12.84
N ILE H 71 -56.76 -13.57 12.59
CA ILE H 71 -58.01 -13.03 13.15
C ILE H 71 -58.59 -14.02 14.16
N GLY H 72 -58.27 -13.81 15.44
CA GLY H 72 -58.73 -14.72 16.48
C GLY H 72 -57.59 -15.60 16.94
N ASP H 73 -57.75 -16.91 16.83
CA ASP H 73 -56.64 -17.86 17.01
C ASP H 73 -56.30 -18.56 15.70
N LYS H 74 -56.78 -18.05 14.58
CA LYS H 74 -56.63 -18.64 13.26
C LYS H 74 -56.11 -17.58 12.29
N ALA H 75 -55.61 -18.03 11.14
CA ALA H 75 -55.16 -17.15 10.08
C ALA H 75 -56.32 -16.74 9.17
N ALA H 76 -56.07 -15.72 8.34
CA ALA H 76 -57.11 -15.16 7.48
C ALA H 76 -56.49 -14.47 6.27
N LEU H 77 -57.31 -14.33 5.23
CA LEU H 77 -56.92 -13.69 3.97
C LEU H 77 -57.86 -12.54 3.70
N THR H 78 -57.31 -11.33 3.58
CA THR H 78 -58.10 -10.11 3.45
C THR H 78 -57.94 -9.51 2.06
N ILE H 79 -59.06 -9.25 1.39
CA ILE H 79 -59.09 -8.60 0.10
C ILE H 79 -59.90 -7.32 0.25
N THR H 80 -59.22 -6.21 0.55
CA THR H 80 -59.88 -4.92 0.75
C THR H 80 -59.96 -4.18 -0.58
N GLY H 81 -61.15 -4.11 -1.17
CA GLY H 81 -61.31 -3.50 -2.47
C GLY H 81 -61.38 -4.55 -3.57
N ALA H 82 -62.18 -5.58 -3.33
CA ALA H 82 -62.24 -6.73 -4.22
C ALA H 82 -62.57 -6.32 -5.66
N GLN H 83 -62.09 -7.13 -6.60
CA GLN H 83 -62.36 -6.93 -8.01
C GLN H 83 -62.90 -8.24 -8.59
N THR H 84 -63.59 -8.13 -9.72
CA THR H 84 -64.19 -9.33 -10.32
C THR H 84 -63.13 -10.32 -10.80
N GLU H 85 -61.90 -9.88 -11.03
CA GLU H 85 -60.82 -10.82 -11.31
C GLU H 85 -60.51 -11.73 -10.14
N ASP H 86 -60.99 -11.42 -8.93
CA ASP H 86 -60.64 -12.20 -7.75
C ASP H 86 -61.54 -13.40 -7.52
N GLU H 87 -62.58 -13.59 -8.35
CA GLU H 87 -63.45 -14.76 -8.22
C GLU H 87 -62.69 -16.01 -8.64
N ALA H 88 -62.27 -16.80 -7.66
CA ALA H 88 -61.53 -18.03 -7.86
C ALA H 88 -61.69 -18.88 -6.61
N ILE H 89 -60.99 -20.01 -6.58
CA ILE H 89 -60.97 -20.88 -5.40
C ILE H 89 -59.66 -20.64 -4.68
N TYR H 90 -59.72 -20.38 -3.38
CA TYR H 90 -58.54 -20.01 -2.60
C TYR H 90 -58.28 -21.08 -1.56
N PHE H 91 -57.29 -21.93 -1.80
CA PHE H 91 -56.89 -22.90 -0.80
C PHE H 91 -55.85 -22.28 0.10
N CYS H 92 -55.58 -22.97 1.19
CA CYS H 92 -54.59 -22.47 2.12
C CYS H 92 -53.93 -23.65 2.82
N ALA H 93 -52.67 -23.45 3.19
CA ALA H 93 -51.84 -24.50 3.74
C ALA H 93 -51.07 -23.98 4.94
N LEU H 94 -51.05 -24.77 6.01
CA LEU H 94 -50.34 -24.44 7.24
C LEU H 94 -49.24 -25.45 7.47
N TRP H 95 -48.19 -25.04 8.19
CA TRP H 95 -46.98 -25.84 8.36
C TRP H 95 -47.00 -26.53 9.73
N PHE H 96 -47.24 -27.84 9.72
CA PHE H 96 -46.98 -28.73 10.86
C PHE H 96 -45.68 -29.49 10.64
N SER H 97 -44.89 -29.62 11.71
CA SER H 97 -43.48 -29.99 11.61
C SER H 97 -43.25 -31.19 10.68
N ASN H 98 -43.90 -32.31 10.99
CA ASN H 98 -43.83 -33.48 10.11
C ASN H 98 -44.62 -33.26 8.83
N HIS H 99 -45.87 -32.81 8.96
CA HIS H 99 -46.84 -32.87 7.89
C HIS H 99 -46.75 -31.62 7.01
N TRP H 100 -47.64 -31.55 6.04
CA TRP H 100 -47.77 -30.37 5.19
C TRP H 100 -49.13 -30.48 4.50
N VAL H 101 -50.05 -29.61 4.91
CA VAL H 101 -51.47 -29.87 4.83
C VAL H 101 -52.18 -28.72 4.12
N PHE H 102 -53.33 -29.03 3.51
CA PHE H 102 -54.17 -28.02 2.89
C PHE H 102 -55.57 -28.05 3.50
N GLY H 103 -56.26 -26.92 3.37
CA GLY H 103 -57.67 -26.86 3.69
C GLY H 103 -58.53 -27.24 2.51
N GLY H 104 -59.83 -27.40 2.79
CA GLY H 104 -60.75 -27.80 1.74
C GLY H 104 -60.83 -26.82 0.59
N GLY H 105 -60.51 -25.55 0.86
CA GLY H 105 -60.57 -24.52 -0.17
C GLY H 105 -61.90 -23.79 -0.16
N THR H 106 -61.85 -22.47 -0.34
CA THR H 106 -63.05 -21.64 -0.36
C THR H 106 -63.34 -21.19 -1.78
N LYS H 107 -64.56 -21.45 -2.26
CA LYS H 107 -64.98 -20.97 -3.58
C LYS H 107 -65.50 -19.55 -3.42
N LEU H 108 -64.81 -18.60 -4.03
CA LEU H 108 -65.19 -17.20 -3.97
C LEU H 108 -66.00 -16.84 -5.20
N THR H 109 -67.18 -16.25 -4.97
CA THR H 109 -68.07 -15.82 -6.04
C THR H 109 -68.35 -14.32 -5.86
N VAL H 110 -67.64 -13.47 -6.60
CA VAL H 110 -68.01 -12.06 -6.67
C VAL H 110 -69.04 -11.94 -7.78
N LEU H 111 -70.11 -11.23 -7.52
CA LEU H 111 -71.08 -10.99 -8.58
C LEU H 111 -70.86 -9.58 -9.11
N GLY H 112 -71.72 -9.14 -10.01
CA GLY H 112 -71.46 -7.97 -10.81
C GLY H 112 -70.94 -8.30 -12.19
N GLN H 113 -70.47 -9.51 -12.39
CA GLN H 113 -70.25 -10.01 -13.74
C GLN H 113 -71.54 -9.80 -14.55
N PRO H 114 -71.46 -9.30 -15.77
CA PRO H 114 -72.67 -9.13 -16.56
C PRO H 114 -73.28 -10.49 -16.82
N LYS H 115 -74.57 -10.63 -16.53
CA LYS H 115 -75.24 -11.90 -16.78
C LYS H 115 -75.07 -12.27 -18.25
N GLY H 116 -74.54 -13.46 -18.49
CA GLY H 116 -74.21 -13.90 -19.83
C GLY H 116 -75.33 -14.75 -20.38
N ALA H 117 -75.81 -14.39 -21.56
CA ALA H 117 -76.87 -15.16 -22.20
C ALA H 117 -76.31 -16.36 -22.93
N PRO H 118 -76.90 -17.56 -22.75
CA PRO H 118 -76.42 -18.76 -23.46
C PRO H 118 -77.15 -19.16 -24.74
N SER H 119 -76.40 -19.57 -25.76
CA SER H 119 -76.94 -20.23 -26.93
C SER H 119 -76.55 -21.72 -26.87
N VAL H 120 -77.54 -22.63 -26.96
CA VAL H 120 -77.26 -24.07 -26.98
C VAL H 120 -77.61 -24.65 -28.35
N THR H 121 -76.60 -25.20 -29.01
CA THR H 121 -76.72 -25.74 -30.35
C THR H 121 -76.96 -27.25 -30.30
N LEU H 122 -77.76 -27.71 -31.24
CA LEU H 122 -78.20 -29.09 -31.29
C LEU H 122 -77.53 -29.71 -32.51
N PHE H 123 -76.95 -30.88 -32.32
CA PHE H 123 -76.45 -31.53 -33.51
C PHE H 123 -77.19 -32.83 -33.68
N PRO H 124 -77.62 -33.16 -34.89
CA PRO H 124 -78.40 -34.34 -35.08
C PRO H 124 -77.53 -35.59 -35.00
N PRO H 125 -78.13 -36.70 -34.65
CA PRO H 125 -77.39 -37.96 -34.68
C PRO H 125 -77.03 -38.26 -36.12
N SER H 126 -75.79 -37.99 -36.50
CA SER H 126 -75.37 -38.11 -37.88
C SER H 126 -75.20 -39.56 -38.34
N SER H 127 -74.81 -39.64 -39.61
CA SER H 127 -74.72 -40.77 -40.51
C SER H 127 -74.40 -42.16 -39.98
N GLU H 128 -73.16 -42.32 -39.50
CA GLU H 128 -72.65 -43.61 -39.05
C GLU H 128 -73.01 -43.96 -37.61
N GLU H 129 -73.02 -42.98 -36.71
CA GLU H 129 -73.55 -43.30 -35.40
C GLU H 129 -75.00 -43.77 -35.52
N LEU H 130 -75.75 -43.24 -36.51
CA LEU H 130 -77.03 -43.86 -36.87
C LEU H 130 -76.86 -45.34 -37.12
N GLN H 131 -75.86 -45.70 -37.93
CA GLN H 131 -75.57 -47.09 -38.28
C GLN H 131 -75.07 -47.91 -37.09
N ALA H 132 -74.74 -47.26 -35.97
CA ALA H 132 -74.37 -48.00 -34.78
C ALA H 132 -75.63 -48.40 -34.02
N ASN H 133 -75.47 -49.06 -32.88
CA ASN H 133 -76.65 -49.54 -32.16
C ASN H 133 -77.38 -48.39 -31.48
N LYS H 134 -76.69 -47.30 -31.25
CA LYS H 134 -77.24 -46.12 -30.62
C LYS H 134 -76.72 -44.94 -31.42
N ALA H 135 -77.63 -44.05 -31.75
CA ALA H 135 -77.40 -42.80 -32.44
C ALA H 135 -77.93 -41.79 -31.42
N THR H 136 -77.33 -40.59 -31.29
CA THR H 136 -77.96 -39.73 -30.29
C THR H 136 -77.83 -38.22 -30.45
N LEU H 137 -78.97 -37.56 -30.21
CA LEU H 137 -79.15 -36.10 -30.10
C LEU H 137 -78.25 -35.47 -29.01
N VAL H 138 -77.80 -34.25 -29.29
CA VAL H 138 -76.91 -33.49 -28.39
C VAL H 138 -77.18 -31.98 -28.49
N CYS H 139 -77.48 -31.37 -27.34
CA CYS H 139 -77.66 -29.92 -27.15
C CYS H 139 -76.41 -29.37 -26.45
N LEU H 140 -75.80 -28.31 -27.03
CA LEU H 140 -74.50 -27.79 -26.59
C LEU H 140 -74.61 -26.32 -26.21
N ILE H 141 -74.70 -26.04 -24.89
CA ILE H 141 -74.90 -24.66 -24.33
C ILE H 141 -73.63 -23.84 -24.45
N SER H 142 -73.82 -22.57 -24.86
CA SER H 142 -72.77 -21.56 -25.14
C SER H 142 -72.66 -20.39 -24.13
N ASP H 143 -71.60 -20.39 -23.32
CA ASP H 143 -71.16 -19.24 -22.48
C ASP H 143 -72.26 -18.45 -21.71
N PHE H 144 -72.79 -18.97 -20.60
CA PHE H 144 -73.76 -18.26 -19.79
C PHE H 144 -73.25 -18.06 -18.37
N TYR H 145 -73.60 -16.91 -17.80
CA TYR H 145 -73.46 -16.66 -16.38
C TYR H 145 -74.84 -16.39 -15.78
N PRO H 146 -75.10 -16.78 -14.52
CA PRO H 146 -74.46 -17.63 -13.52
C PRO H 146 -74.54 -19.14 -13.82
N GLY H 147 -74.15 -19.95 -12.83
CA GLY H 147 -74.03 -21.38 -13.05
C GLY H 147 -75.36 -22.08 -13.27
N ALA H 148 -76.36 -21.76 -12.43
CA ALA H 148 -77.63 -22.48 -12.45
C ALA H 148 -78.32 -22.34 -13.81
N VAL H 149 -78.91 -23.43 -14.29
CA VAL H 149 -79.55 -23.44 -15.60
C VAL H 149 -80.62 -24.52 -15.64
N THR H 150 -81.70 -24.25 -16.38
CA THR H 150 -82.82 -25.16 -16.56
C THR H 150 -82.94 -25.59 -18.01
N VAL H 151 -82.95 -26.90 -18.27
CA VAL H 151 -83.23 -27.39 -19.62
C VAL H 151 -83.95 -28.72 -19.55
N ALA H 152 -84.96 -28.87 -20.40
CA ALA H 152 -85.74 -30.09 -20.49
C ALA H 152 -85.78 -30.56 -21.95
N LYS H 161 -86.95 -37.85 -19.93
CA LYS H 161 -85.59 -38.09 -19.45
C LYS H 161 -85.47 -39.57 -19.00
N ALA H 162 -84.60 -39.90 -18.02
CA ALA H 162 -84.24 -41.24 -17.52
C ALA H 162 -83.13 -41.97 -18.27
N GLY H 163 -82.50 -41.33 -19.23
CA GLY H 163 -81.22 -41.79 -19.75
C GLY H 163 -80.28 -40.61 -19.78
N VAL H 164 -80.73 -39.53 -19.13
CA VAL H 164 -80.08 -38.23 -19.23
C VAL H 164 -78.65 -38.25 -18.77
N GLU H 165 -77.88 -37.29 -19.30
CA GLU H 165 -76.58 -36.95 -18.75
C GLU H 165 -76.30 -35.49 -19.08
N THR H 166 -76.11 -34.68 -18.03
CA THR H 166 -75.70 -33.28 -18.14
C THR H 166 -75.06 -32.89 -16.81
N THR H 167 -74.06 -32.00 -16.84
CA THR H 167 -73.54 -31.39 -15.62
C THR H 167 -72.76 -30.12 -15.98
N THR H 168 -72.37 -29.42 -14.94
CA THR H 168 -72.14 -27.98 -14.81
C THR H 168 -70.85 -27.53 -15.50
N PRO H 169 -70.93 -26.49 -16.36
CA PRO H 169 -69.74 -25.96 -17.04
C PRO H 169 -69.08 -24.74 -16.40
N SER H 170 -68.14 -24.85 -15.45
CA SER H 170 -67.64 -23.60 -14.86
C SER H 170 -66.44 -23.05 -15.63
N LYS H 171 -66.51 -23.09 -16.97
CA LYS H 171 -65.50 -22.54 -17.86
C LYS H 171 -64.96 -21.18 -17.39
N GLN H 172 -63.63 -21.03 -17.45
CA GLN H 172 -62.95 -19.74 -17.38
C GLN H 172 -63.19 -18.90 -18.63
N SER H 173 -63.87 -19.50 -19.61
CA SER H 173 -63.90 -19.07 -21.02
C SER H 173 -64.01 -17.58 -21.22
N ASN H 174 -65.12 -17.06 -20.76
CA ASN H 174 -65.43 -15.65 -20.61
C ASN H 174 -65.82 -15.39 -19.16
N ASN H 175 -65.33 -16.24 -18.26
CA ASN H 175 -65.89 -16.44 -16.92
C ASN H 175 -67.36 -16.86 -17.03
N LYS H 176 -67.75 -17.33 -18.20
CA LYS H 176 -69.07 -17.84 -18.52
C LYS H 176 -69.13 -19.35 -18.29
N TYR H 177 -70.36 -19.85 -18.24
CA TYR H 177 -70.62 -21.28 -18.20
C TYR H 177 -71.18 -21.71 -19.55
N ALA H 178 -70.69 -22.85 -20.05
CA ALA H 178 -71.01 -23.33 -21.40
C ALA H 178 -71.08 -24.86 -21.37
N ALA H 179 -72.30 -25.40 -21.33
CA ALA H 179 -72.49 -26.82 -21.07
C ALA H 179 -72.83 -27.60 -22.33
N SER H 180 -72.96 -28.92 -22.17
CA SER H 180 -73.33 -29.85 -23.21
C SER H 180 -74.37 -30.82 -22.67
N SER H 181 -75.21 -31.33 -23.55
CA SER H 181 -76.28 -32.25 -23.18
C SER H 181 -76.22 -33.53 -24.00
N TYR H 182 -76.45 -34.65 -23.34
CA TYR H 182 -76.76 -35.91 -24.02
C TYR H 182 -77.70 -36.76 -23.18
N LEU H 183 -78.87 -37.06 -23.72
CA LEU H 183 -79.67 -38.24 -23.39
C LEU H 183 -79.72 -39.07 -24.68
N SER H 184 -79.62 -40.40 -24.60
CA SER H 184 -79.29 -41.19 -25.79
C SER H 184 -80.39 -42.17 -26.23
N LEU H 185 -80.71 -42.14 -27.54
CA LEU H 185 -81.87 -42.83 -28.13
C LEU H 185 -81.48 -44.15 -28.80
N THR H 186 -82.42 -45.09 -28.75
CA THR H 186 -82.33 -46.26 -29.61
C THR H 186 -82.63 -45.85 -31.07
N HIS H 193 -89.42 -38.75 -35.74
CA HIS H 193 -88.41 -37.73 -35.71
C HIS H 193 -88.87 -36.65 -36.65
N ARG H 194 -88.11 -35.55 -36.73
CA ARG H 194 -88.51 -34.19 -37.17
C ARG H 194 -89.11 -33.46 -35.97
N SER H 195 -89.20 -34.13 -34.83
CA SER H 195 -90.15 -33.71 -33.81
C SER H 195 -89.62 -33.60 -32.37
N TYR H 196 -88.33 -33.81 -32.12
CA TYR H 196 -87.83 -33.80 -30.75
C TYR H 196 -86.66 -32.83 -30.59
N SER H 197 -86.61 -32.10 -29.47
CA SER H 197 -85.44 -31.27 -29.16
C SER H 197 -85.59 -30.66 -27.75
N CYS H 198 -84.68 -29.74 -27.44
CA CYS H 198 -84.31 -29.35 -26.08
C CYS H 198 -84.52 -27.86 -25.85
N GLN H 199 -85.16 -27.49 -24.75
CA GLN H 199 -85.36 -26.06 -24.51
C GLN H 199 -84.79 -25.65 -23.16
N VAL H 200 -84.06 -24.52 -23.14
CA VAL H 200 -83.36 -24.03 -21.96
C VAL H 200 -83.93 -22.70 -21.53
N THR H 201 -83.87 -22.46 -20.23
CA THR H 201 -84.29 -21.20 -19.62
C THR H 201 -83.33 -20.90 -18.48
N HIS H 202 -82.95 -19.62 -18.37
CA HIS H 202 -81.84 -19.17 -17.53
C HIS H 202 -82.33 -18.02 -16.67
N GLU H 203 -81.52 -17.57 -15.73
CA GLU H 203 -81.99 -16.45 -14.92
C GLU H 203 -81.80 -15.12 -15.65
N GLY H 204 -80.95 -15.08 -16.68
CA GLY H 204 -81.07 -13.99 -17.65
C GLY H 204 -82.21 -14.16 -18.64
N SER H 205 -82.89 -15.31 -18.64
CA SER H 205 -84.12 -15.48 -19.41
C SER H 205 -85.25 -14.62 -18.89
N THR H 206 -85.77 -13.76 -19.76
CA THR H 206 -87.13 -13.29 -19.67
C THR H 206 -88.13 -14.26 -20.30
N VAL H 207 -87.67 -15.16 -21.18
CA VAL H 207 -88.52 -16.09 -21.91
C VAL H 207 -87.78 -17.41 -22.13
N GLU H 208 -88.54 -18.48 -22.38
CA GLU H 208 -87.99 -19.81 -22.61
C GLU H 208 -87.50 -19.98 -24.04
N LYS H 209 -86.33 -20.60 -24.18
CA LYS H 209 -85.58 -20.70 -25.44
C LYS H 209 -85.74 -22.09 -26.08
N THR H 210 -85.91 -22.11 -27.40
CA THR H 210 -86.25 -23.31 -28.15
C THR H 210 -85.19 -23.62 -29.23
N VAL H 211 -84.91 -24.91 -29.44
CA VAL H 211 -84.02 -25.36 -30.52
C VAL H 211 -84.71 -26.55 -31.22
N ALA H 212 -85.11 -26.35 -32.47
CA ALA H 212 -85.85 -27.43 -33.13
C ALA H 212 -85.31 -27.76 -34.52
N PRO H 213 -85.06 -29.05 -34.82
CA PRO H 213 -84.73 -29.57 -36.14
C PRO H 213 -85.94 -30.21 -36.83
N GLN I 3 7.24 55.26 -37.38
CA GLN I 3 7.38 56.14 -36.23
C GLN I 3 8.69 55.86 -35.49
N ALA I 4 8.57 55.32 -34.28
CA ALA I 4 9.72 54.92 -33.46
C ALA I 4 10.62 56.10 -33.13
N VAL I 5 10.06 57.07 -32.40
CA VAL I 5 10.82 58.18 -31.84
C VAL I 5 10.75 58.07 -30.32
N VAL I 6 11.90 57.84 -29.70
CA VAL I 6 12.00 57.65 -28.26
C VAL I 6 12.38 58.98 -27.63
N THR I 7 11.71 59.31 -26.52
CA THR I 7 11.84 60.62 -25.90
C THR I 7 12.13 60.49 -24.42
N GLN I 8 12.82 61.50 -23.88
CA GLN I 8 13.07 61.62 -22.45
C GLN I 8 13.37 63.07 -22.11
N GLU I 9 13.26 63.40 -20.80
CA GLU I 9 13.41 64.78 -20.37
C GLU I 9 14.76 65.30 -20.78
N SER I 10 14.82 66.61 -21.03
CA SER I 10 16.06 67.18 -21.54
C SER I 10 17.13 67.12 -20.45
N ALA I 11 16.77 67.56 -19.23
CA ALA I 11 17.73 67.63 -18.15
C ALA I 11 17.05 67.53 -16.80
N LEU I 12 17.81 67.05 -15.82
CA LEU I 12 17.37 66.94 -14.44
C LEU I 12 18.47 67.46 -13.53
N THR I 13 18.09 67.72 -12.27
CA THR I 13 19.01 68.29 -11.29
C THR I 13 18.55 67.80 -9.92
N THR I 14 19.50 67.48 -9.05
CA THR I 14 19.15 66.88 -7.76
C THR I 14 20.32 67.01 -6.80
N SER I 15 20.22 66.34 -5.66
CA SER I 15 21.18 66.46 -4.57
C SER I 15 21.63 65.07 -4.17
N PRO I 16 22.83 64.94 -3.60
CA PRO I 16 23.29 63.64 -3.13
C PRO I 16 22.45 63.17 -1.97
N GLY I 17 22.25 61.85 -1.90
CA GLY I 17 21.39 61.26 -0.91
C GLY I 17 19.94 61.19 -1.32
N GLU I 18 19.51 62.05 -2.24
CA GLU I 18 18.11 62.08 -2.65
C GLU I 18 17.81 60.94 -3.62
N THR I 19 16.55 60.83 -3.99
CA THR I 19 16.09 59.79 -4.91
C THR I 19 15.64 60.45 -6.21
N VAL I 20 16.22 60.01 -7.32
CA VAL I 20 15.92 60.54 -8.63
C VAL I 20 15.15 59.47 -9.40
N THR I 21 14.47 59.90 -10.45
CA THR I 21 13.78 58.97 -11.33
C THR I 21 13.78 59.56 -12.73
N LEU I 22 14.65 59.05 -13.59
CA LEU I 22 14.65 59.43 -15.00
C LEU I 22 13.72 58.49 -15.74
N THR I 23 13.08 58.98 -16.79
CA THR I 23 12.07 58.23 -17.51
C THR I 23 12.39 58.19 -19.01
N CYS I 24 11.69 57.30 -19.70
CA CYS I 24 11.82 57.09 -21.13
C CYS I 24 10.49 56.65 -21.72
N ARG I 25 9.99 57.35 -22.73
CA ARG I 25 8.69 57.03 -23.29
C ARG I 25 8.72 56.61 -24.76
N SER I 26 7.63 55.96 -25.17
CA SER I 26 7.40 55.50 -26.53
C SER I 26 6.60 56.53 -27.29
N SER I 27 6.73 56.51 -28.62
CA SER I 27 5.78 57.19 -29.48
C SER I 27 4.76 56.24 -30.06
N THR I 28 5.08 54.94 -30.08
CA THR I 28 4.20 53.88 -30.54
C THR I 28 3.15 53.50 -29.51
N GLY I 29 3.08 54.22 -28.39
CA GLY I 29 2.05 53.98 -27.41
C GLY I 29 2.57 53.59 -26.05
N ALA I 30 2.02 52.52 -25.48
CA ALA I 30 2.39 52.08 -24.15
C ALA I 30 3.72 51.34 -24.19
N VAL I 31 4.54 51.58 -23.18
CA VAL I 31 5.83 50.89 -23.04
C VAL I 31 5.63 49.59 -22.27
N THR I 32 6.09 48.50 -22.84
CA THR I 32 6.03 47.18 -22.23
C THR I 32 7.44 46.68 -22.01
N THR I 33 7.54 45.57 -21.28
CA THR I 33 8.76 44.78 -21.21
C THR I 33 9.25 44.37 -22.58
N SER I 34 8.33 44.16 -23.52
CA SER I 34 8.66 43.77 -24.88
C SER I 34 9.46 44.84 -25.60
N ASN I 35 9.63 46.00 -24.98
CA ASN I 35 10.49 47.05 -25.50
C ASN I 35 11.91 46.97 -24.95
N TYR I 36 12.10 46.25 -23.84
CA TYR I 36 13.42 45.94 -23.28
C TYR I 36 14.25 47.21 -23.08
N ALA I 37 13.75 48.07 -22.18
CA ALA I 37 14.37 49.36 -21.91
C ALA I 37 15.83 49.19 -21.52
N ASN I 38 16.72 49.84 -22.27
CA ASN I 38 18.14 49.81 -22.00
C ASN I 38 18.63 51.21 -21.70
N TRP I 39 19.43 51.34 -20.65
CA TRP I 39 19.92 52.62 -20.17
C TRP I 39 21.43 52.61 -20.21
N VAL I 40 22.02 53.58 -20.91
CA VAL I 40 23.47 53.72 -21.00
C VAL I 40 23.85 55.10 -20.47
N GLN I 41 24.95 55.17 -19.73
CA GLN I 41 25.37 56.39 -19.06
C GLN I 41 26.68 56.88 -19.68
N GLU I 42 26.66 58.11 -20.19
CA GLU I 42 27.84 58.74 -20.78
C GLU I 42 28.46 59.71 -19.79
N LYS I 43 29.59 59.35 -19.22
CA LYS I 43 30.36 60.40 -18.57
C LYS I 43 31.26 61.12 -19.56
N PRO I 44 31.60 62.39 -19.30
CA PRO I 44 32.11 63.27 -20.36
C PRO I 44 33.42 62.80 -20.99
N ASP I 45 33.69 63.38 -22.17
CA ASP I 45 34.70 62.89 -23.12
C ASP I 45 34.37 61.48 -23.64
N HIS I 46 33.08 61.21 -23.84
CA HIS I 46 32.60 60.01 -24.54
C HIS I 46 32.97 58.73 -23.80
N LEU I 47 32.63 58.68 -22.52
CA LEU I 47 32.82 57.47 -21.71
C LEU I 47 31.44 56.91 -21.44
N PHE I 48 30.99 56.02 -22.32
CA PHE I 48 29.67 55.42 -22.18
C PHE I 48 29.74 54.15 -21.36
N THR I 49 28.63 53.83 -20.71
CA THR I 49 28.52 52.61 -19.93
C THR I 49 27.06 52.20 -19.92
N GLY I 50 26.78 50.97 -20.34
CA GLY I 50 25.43 50.45 -20.24
C GLY I 50 25.14 50.10 -18.80
N LEU I 51 23.99 50.56 -18.31
CA LEU I 51 23.67 50.40 -16.90
C LEU I 51 22.56 49.39 -16.65
N ILE I 52 21.44 49.55 -17.33
CA ILE I 52 20.30 48.66 -17.13
C ILE I 52 19.83 48.23 -18.49
N GLY I 53 19.62 46.92 -18.66
CA GLY I 53 18.99 46.39 -19.84
C GLY I 53 17.90 45.43 -19.41
N GLY I 54 17.21 44.87 -20.40
CA GLY I 54 16.27 43.79 -20.07
C GLY I 54 15.29 44.11 -18.97
N THR I 55 14.71 45.33 -19.01
CA THR I 55 13.64 45.91 -18.20
C THR I 55 13.92 46.28 -16.77
N ASN I 56 14.84 45.54 -16.15
CA ASN I 56 15.18 45.77 -14.76
C ASN I 56 16.61 45.27 -14.57
N ASN I 57 17.06 44.51 -15.57
CA ASN I 57 18.30 43.76 -15.44
C ASN I 57 19.45 44.73 -15.34
N ARG I 58 20.22 44.60 -14.27
CA ARG I 58 21.30 45.53 -13.96
C ARG I 58 22.61 44.95 -14.46
N ALA I 59 23.43 45.82 -15.04
CA ALA I 59 24.72 45.39 -15.53
C ALA I 59 25.60 44.99 -14.35
N PRO I 60 26.67 44.22 -14.59
CA PRO I 60 27.45 43.66 -13.48
C PRO I 60 27.99 44.69 -12.50
N GLY I 61 28.79 45.65 -13.00
CA GLY I 61 29.43 46.61 -12.13
C GLY I 61 28.54 47.68 -11.56
N VAL I 62 27.30 47.78 -12.02
CA VAL I 62 26.39 48.84 -11.56
C VAL I 62 25.97 48.56 -10.13
N PRO I 63 26.10 49.51 -9.22
CA PRO I 63 25.61 49.31 -7.85
C PRO I 63 24.09 49.18 -7.82
N ALA I 64 23.61 48.53 -6.78
CA ALA I 64 22.18 48.24 -6.65
C ALA I 64 21.34 49.51 -6.48
N ARG I 65 21.97 50.67 -6.24
CA ARG I 65 21.20 51.89 -6.03
C ARG I 65 20.43 52.28 -7.29
N PHE I 66 20.99 52.00 -8.47
CA PHE I 66 20.25 52.24 -9.70
C PHE I 66 19.19 51.17 -9.87
N SER I 67 18.02 51.59 -10.34
CA SER I 67 16.91 50.68 -10.57
C SER I 67 16.11 51.16 -11.78
N GLY I 68 15.68 50.20 -12.59
CA GLY I 68 14.81 50.46 -13.72
C GLY I 68 13.46 49.81 -13.48
N SER I 69 12.41 50.43 -13.98
CA SER I 69 11.06 49.94 -13.75
C SER I 69 10.11 50.57 -14.76
N LEU I 70 8.81 50.28 -14.60
CA LEU I 70 7.73 50.81 -15.41
C LEU I 70 6.75 51.45 -14.44
N ILE I 71 6.61 52.76 -14.50
CA ILE I 71 5.67 53.35 -13.52
C ILE I 71 4.49 53.82 -14.34
N GLY I 72 3.50 52.94 -14.56
CA GLY I 72 2.42 53.41 -15.41
C GLY I 72 2.48 52.93 -16.87
N ASP I 73 2.59 53.84 -17.87
CA ASP I 73 2.84 53.42 -19.26
C ASP I 73 4.23 53.84 -19.75
N LYS I 74 5.13 54.10 -18.80
CA LYS I 74 6.42 54.71 -19.05
C LYS I 74 7.51 53.78 -18.57
N ALA I 75 8.67 53.93 -19.18
CA ALA I 75 9.84 53.32 -18.59
C ALA I 75 10.47 54.30 -17.60
N ALA I 76 11.31 53.78 -16.72
CA ALA I 76 11.87 54.70 -15.75
C ALA I 76 13.18 54.17 -15.19
N LEU I 77 14.04 55.11 -14.79
CA LEU I 77 15.31 54.80 -14.16
C LEU I 77 15.40 55.59 -12.87
N THR I 78 15.48 54.87 -11.74
CA THR I 78 15.45 55.49 -10.43
C THR I 78 16.80 55.26 -9.74
N ILE I 79 17.35 56.33 -9.18
CA ILE I 79 18.61 56.26 -8.45
C ILE I 79 18.31 56.54 -6.99
N THR I 80 18.09 55.50 -6.21
CA THR I 80 17.76 55.63 -4.80
C THR I 80 19.08 55.70 -4.04
N GLY I 81 19.42 56.89 -3.56
CA GLY I 81 20.68 57.09 -2.89
C GLY I 81 21.69 57.73 -3.82
N ALA I 82 21.27 58.78 -4.52
CA ALA I 82 22.10 59.42 -5.53
C ALA I 82 23.44 59.83 -4.95
N GLN I 83 24.47 59.81 -5.80
CA GLN I 83 25.81 60.21 -5.40
C GLN I 83 26.37 61.20 -6.42
N THR I 84 27.42 61.90 -6.00
CA THR I 84 28.13 62.76 -6.94
C THR I 84 28.72 61.92 -8.06
N GLU I 85 28.86 60.61 -7.84
CA GLU I 85 29.30 59.72 -8.90
C GLU I 85 28.32 59.66 -10.07
N ASP I 86 27.06 60.03 -9.84
CA ASP I 86 26.02 59.84 -10.84
C ASP I 86 25.83 61.04 -11.77
N GLU I 87 26.64 62.09 -11.60
CA GLU I 87 26.54 63.24 -12.48
C GLU I 87 26.97 62.82 -13.88
N ALA I 88 25.98 62.61 -14.77
CA ALA I 88 26.24 62.20 -16.14
C ALA I 88 25.00 62.42 -16.99
N ILE I 89 25.12 62.03 -18.27
CA ILE I 89 24.01 62.05 -19.21
C ILE I 89 23.52 60.63 -19.40
N TYR I 90 22.22 60.42 -19.25
CA TYR I 90 21.63 59.08 -19.28
C TYR I 90 20.68 58.98 -20.46
N PHE I 91 21.09 58.24 -21.48
CA PHE I 91 20.24 57.95 -22.63
C PHE I 91 19.42 56.69 -22.37
N CYS I 92 18.49 56.44 -23.28
CA CYS I 92 17.62 55.29 -23.18
C CYS I 92 17.32 54.74 -24.56
N ALA I 93 17.13 53.42 -24.63
CA ALA I 93 16.88 52.73 -25.89
C ALA I 93 15.82 51.68 -25.68
N LEU I 94 14.82 51.65 -26.57
CA LEU I 94 13.75 50.67 -26.53
C LEU I 94 13.77 49.85 -27.80
N TRP I 95 13.26 48.62 -27.71
CA TRP I 95 13.29 47.70 -28.83
C TRP I 95 11.94 47.68 -29.51
N PHE I 96 11.86 48.34 -30.67
CA PHE I 96 10.77 48.10 -31.59
C PHE I 96 11.30 47.12 -32.60
N SER I 97 10.56 46.03 -32.82
CA SER I 97 11.10 44.82 -33.44
C SER I 97 11.96 45.10 -34.66
N ASN I 98 11.44 45.88 -35.61
CA ASN I 98 12.27 46.28 -36.75
C ASN I 98 13.38 47.21 -36.27
N HIS I 99 13.04 48.25 -35.53
CA HIS I 99 13.95 49.35 -35.28
C HIS I 99 14.79 49.09 -34.03
N TRP I 100 15.64 50.06 -33.70
CA TRP I 100 16.44 50.00 -32.47
C TRP I 100 16.96 51.42 -32.24
N VAL I 101 16.35 52.11 -31.28
CA VAL I 101 16.33 53.57 -31.27
C VAL I 101 16.75 54.11 -29.92
N PHE I 102 17.22 55.35 -29.92
CA PHE I 102 17.62 56.04 -28.70
C PHE I 102 16.79 57.28 -28.45
N GLY I 103 16.73 57.68 -27.19
CA GLY I 103 16.19 58.95 -26.81
C GLY I 103 17.22 60.06 -26.82
N GLY I 104 16.74 61.29 -26.68
CA GLY I 104 17.64 62.44 -26.69
C GLY I 104 18.67 62.44 -25.58
N GLY I 105 18.37 61.77 -24.47
CA GLY I 105 19.28 61.73 -23.34
C GLY I 105 19.01 62.80 -22.31
N THR I 106 19.07 62.45 -21.03
CA THR I 106 18.82 63.38 -19.93
C THR I 106 20.14 63.75 -19.27
N LYS I 107 20.42 65.05 -19.18
CA LYS I 107 21.60 65.50 -18.45
C LYS I 107 21.27 65.60 -16.97
N LEU I 108 21.95 64.79 -16.17
CA LEU I 108 21.76 64.82 -14.73
C LEU I 108 22.77 65.78 -14.12
N THR I 109 22.29 66.69 -13.30
CA THR I 109 23.13 67.69 -12.65
C THR I 109 23.00 67.47 -11.15
N VAL I 110 23.97 66.80 -10.57
CA VAL I 110 24.02 66.63 -9.11
C VAL I 110 24.73 67.82 -8.50
N LEU I 111 24.17 68.35 -7.42
CA LEU I 111 24.81 69.43 -6.68
C LEU I 111 25.62 68.83 -5.54
N GLY I 112 26.21 69.70 -4.72
CA GLY I 112 27.16 69.26 -3.73
C GLY I 112 28.59 69.29 -4.19
N GLN I 113 28.81 69.33 -5.50
CA GLN I 113 30.14 69.55 -6.05
C GLN I 113 30.77 70.77 -5.38
N PRO I 114 32.03 70.69 -4.94
CA PRO I 114 32.66 71.86 -4.33
C PRO I 114 32.80 72.98 -5.34
N LYS I 115 32.34 74.18 -4.98
CA LYS I 115 32.46 75.34 -5.84
C LYS I 115 33.91 75.61 -6.18
N GLY I 116 34.21 75.64 -7.48
CA GLY I 116 35.56 75.83 -7.95
C GLY I 116 35.81 77.25 -8.43
N ALA I 117 36.85 77.86 -7.88
CA ALA I 117 37.28 79.17 -8.35
C ALA I 117 38.12 78.99 -9.61
N PRO I 118 37.96 79.87 -10.60
CA PRO I 118 38.69 79.67 -11.85
C PRO I 118 40.11 80.21 -11.76
N SER I 119 41.06 79.46 -12.33
CA SER I 119 42.46 79.86 -12.41
C SER I 119 42.70 80.46 -13.78
N VAL I 120 43.19 81.69 -13.80
CA VAL I 120 43.18 82.53 -14.98
C VAL I 120 44.63 82.75 -15.46
N THR I 121 44.92 82.32 -16.69
CA THR I 121 46.24 82.51 -17.28
C THR I 121 46.14 82.92 -18.74
N LEU I 122 46.96 83.91 -19.13
CA LEU I 122 46.93 84.54 -20.45
C LEU I 122 48.30 84.56 -21.11
N PHE I 123 48.36 84.27 -22.42
CA PHE I 123 49.59 84.35 -23.20
C PHE I 123 49.49 85.35 -24.36
N PRO I 124 50.56 86.09 -24.63
CA PRO I 124 50.57 87.05 -25.76
C PRO I 124 50.79 86.34 -27.09
N PRO I 125 50.54 87.01 -28.22
CA PRO I 125 50.80 86.38 -29.52
C PRO I 125 52.26 86.03 -29.71
N SER I 126 52.51 84.83 -30.22
CA SER I 126 53.89 84.45 -30.46
C SER I 126 54.44 85.33 -31.58
N SER I 127 55.78 85.47 -31.60
CA SER I 127 56.39 86.38 -32.55
C SER I 127 56.43 85.77 -33.94
N GLU I 128 56.43 84.45 -34.04
CA GLU I 128 56.30 83.82 -35.35
C GLU I 128 54.86 83.99 -35.84
N GLU I 129 53.92 83.88 -34.91
CA GLU I 129 52.53 84.22 -35.19
C GLU I 129 52.39 85.70 -35.54
N LEU I 130 53.18 86.55 -34.88
CA LEU I 130 53.20 87.97 -35.21
C LEU I 130 53.56 88.23 -36.67
N GLN I 131 54.67 87.66 -37.15
CA GLN I 131 55.15 88.00 -38.49
C GLN I 131 54.19 87.58 -39.61
N ALA I 132 53.13 86.85 -39.29
CA ALA I 132 52.10 86.57 -40.27
C ALA I 132 51.06 87.70 -40.25
N ASN I 133 49.99 87.52 -41.03
CA ASN I 133 48.89 88.48 -41.14
C ASN I 133 48.00 88.49 -39.92
N LYS I 134 48.15 87.52 -39.02
CA LYS I 134 47.21 87.29 -37.93
C LYS I 134 47.95 87.17 -36.62
N ALA I 135 47.44 87.83 -35.58
CA ALA I 135 47.97 87.69 -34.24
C ALA I 135 46.85 87.33 -33.28
N THR I 136 47.07 86.29 -32.48
CA THR I 136 46.06 85.78 -31.58
C THR I 136 46.71 85.56 -30.22
N LEU I 137 46.11 86.11 -29.18
CA LEU I 137 46.59 85.87 -27.83
C LEU I 137 45.48 85.23 -27.02
N VAL I 138 45.90 84.57 -25.95
CA VAL I 138 45.19 83.46 -25.33
C VAL I 138 44.86 83.82 -23.89
N CYS I 139 43.58 83.77 -23.54
CA CYS I 139 43.16 83.77 -22.16
C CYS I 139 42.61 82.39 -21.83
N LEU I 140 43.17 81.77 -20.81
CA LEU I 140 42.91 80.37 -20.50
C LEU I 140 42.45 80.24 -19.05
N ILE I 141 41.17 79.92 -18.86
CA ILE I 141 40.60 79.80 -17.52
C ILE I 141 40.45 78.32 -17.19
N SER I 142 40.91 77.93 -15.98
CA SER I 142 41.13 76.54 -15.64
C SER I 142 40.33 76.09 -14.42
N ASP I 143 39.54 75.03 -14.60
CA ASP I 143 39.04 74.20 -13.51
C ASP I 143 38.25 74.95 -12.45
N PHE I 144 37.05 75.35 -12.83
CA PHE I 144 36.05 75.90 -11.95
C PHE I 144 34.82 75.00 -12.07
N TYR I 145 34.15 74.70 -10.95
CA TYR I 145 32.97 73.85 -11.07
C TYR I 145 31.77 74.58 -11.65
N PRO I 146 31.37 75.76 -11.15
CA PRO I 146 30.09 76.30 -11.62
C PRO I 146 30.15 76.54 -13.12
N GLY I 147 29.14 76.04 -13.83
CA GLY I 147 29.23 76.04 -15.28
C GLY I 147 29.24 77.44 -15.85
N ALA I 148 28.32 78.28 -15.37
CA ALA I 148 28.16 79.62 -15.93
C ALA I 148 29.41 80.46 -15.70
N VAL I 149 29.82 81.18 -16.72
CA VAL I 149 30.98 82.05 -16.63
C VAL I 149 30.86 83.12 -17.72
N THR I 150 31.27 84.35 -17.39
CA THR I 150 31.25 85.48 -18.30
C THR I 150 32.68 85.95 -18.52
N VAL I 151 33.04 86.24 -19.78
CA VAL I 151 34.40 86.66 -20.14
C VAL I 151 34.35 88.03 -20.79
N ALA I 152 35.25 88.91 -20.36
CA ALA I 152 35.34 90.28 -20.86
C ALA I 152 36.77 90.56 -21.28
N TRP I 153 36.94 90.91 -22.55
CA TRP I 153 38.20 91.44 -23.08
C TRP I 153 38.13 92.95 -23.10
N LYS I 154 39.21 93.61 -22.67
CA LYS I 154 39.30 95.05 -22.86
C LYS I 154 40.73 95.48 -23.15
N ALA I 155 40.84 96.47 -24.03
CA ALA I 155 42.08 96.93 -24.64
C ALA I 155 42.35 98.36 -24.21
N ASP I 156 43.43 98.57 -23.47
CA ASP I 156 43.72 99.86 -22.85
C ASP I 156 42.46 100.41 -22.15
N SER I 157 41.97 99.61 -21.21
CA SER I 157 40.89 99.96 -20.28
C SER I 157 39.53 100.06 -20.95
N SER I 158 39.38 99.63 -22.21
CA SER I 158 38.16 99.85 -22.97
C SER I 158 37.66 98.51 -23.52
N PRO I 159 36.42 98.13 -23.24
CA PRO I 159 35.92 96.81 -23.64
C PRO I 159 35.86 96.65 -25.16
N VAL I 160 35.95 95.39 -25.59
CA VAL I 160 35.98 95.03 -27.01
C VAL I 160 35.15 93.77 -27.23
N LYS I 161 34.66 93.62 -28.46
CA LYS I 161 34.15 92.34 -28.96
C LYS I 161 34.12 92.45 -30.49
N ALA I 162 33.53 91.43 -31.12
CA ALA I 162 33.35 91.20 -32.56
C ALA I 162 34.61 90.60 -33.18
N GLY I 163 35.64 90.29 -32.39
CA GLY I 163 36.74 89.48 -32.87
C GLY I 163 37.02 88.32 -31.93
N VAL I 164 36.13 88.15 -30.94
CA VAL I 164 36.29 87.16 -29.89
C VAL I 164 35.57 85.87 -30.29
N GLU I 165 36.03 84.76 -29.71
CA GLU I 165 35.37 83.45 -29.80
C GLU I 165 35.68 82.67 -28.53
N THR I 166 34.66 82.02 -27.96
CA THR I 166 34.81 81.21 -26.77
C THR I 166 33.84 80.03 -26.85
N THR I 167 34.14 78.96 -26.10
CA THR I 167 33.23 77.83 -26.02
C THR I 167 33.36 77.14 -24.67
N THR I 168 32.34 76.32 -24.35
CA THR I 168 31.99 75.85 -23.02
C THR I 168 32.79 74.60 -22.64
N PRO I 169 33.44 74.60 -21.50
CA PRO I 169 34.35 73.51 -21.11
C PRO I 169 33.77 72.38 -20.28
N SER I 170 33.18 71.33 -20.85
CA SER I 170 32.55 70.32 -19.99
C SER I 170 33.51 69.19 -19.63
N LYS I 171 34.78 69.55 -19.39
CA LYS I 171 35.82 68.63 -18.95
C LYS I 171 35.40 67.70 -17.81
N GLN I 172 35.63 66.40 -18.01
CA GLN I 172 35.60 65.36 -17.00
C GLN I 172 36.77 65.39 -16.03
N SER I 173 37.81 66.16 -16.35
CA SER I 173 39.14 66.06 -15.73
C SER I 173 39.07 65.94 -14.21
N ASN I 174 38.56 66.98 -13.56
CA ASN I 174 38.11 66.89 -12.18
C ASN I 174 36.61 67.15 -12.11
N ASN I 175 35.94 66.93 -13.23
CA ASN I 175 34.56 67.34 -13.46
C ASN I 175 34.35 68.83 -13.20
N LYS I 176 35.45 69.58 -13.21
CA LYS I 176 35.47 71.03 -13.17
C LYS I 176 35.45 71.52 -14.61
N TYR I 177 35.08 72.78 -14.81
CA TYR I 177 35.05 73.36 -16.14
C TYR I 177 36.25 74.28 -16.33
N ALA I 178 36.89 74.20 -17.51
CA ALA I 178 38.16 74.87 -17.78
C ALA I 178 38.17 75.28 -19.26
N ALA I 179 37.89 76.55 -19.53
CA ALA I 179 37.66 77.01 -20.89
C ALA I 179 38.86 77.77 -21.42
N SER I 180 38.76 78.20 -22.69
CA SER I 180 39.78 78.99 -23.35
C SER I 180 39.14 80.15 -24.08
N SER I 181 39.88 81.25 -24.18
CA SER I 181 39.45 82.43 -24.90
C SER I 181 40.52 82.81 -25.90
N TYR I 182 40.08 83.23 -27.09
CA TYR I 182 41.00 83.75 -28.10
C TYR I 182 40.41 85.03 -28.65
N LEU I 183 41.20 86.09 -28.62
CA LEU I 183 40.92 87.30 -29.39
C LEU I 183 41.88 87.33 -30.57
N SER I 184 41.37 87.74 -31.72
CA SER I 184 42.13 87.66 -32.96
C SER I 184 42.26 89.07 -33.53
N LEU I 185 43.45 89.64 -33.38
CA LEU I 185 43.75 91.02 -33.72
C LEU I 185 44.76 91.01 -34.85
N THR I 186 44.57 91.92 -35.81
CA THR I 186 45.57 92.08 -36.86
C THR I 186 46.81 92.81 -36.34
N PRO I 187 48.01 92.43 -36.83
CA PRO I 187 49.27 93.04 -36.40
C PRO I 187 49.31 94.57 -36.39
N GLU I 188 48.32 95.20 -37.01
CA GLU I 188 48.22 96.64 -36.97
C GLU I 188 46.99 97.12 -36.20
N GLN I 189 45.94 96.30 -36.11
CA GLN I 189 44.85 96.50 -35.17
C GLN I 189 45.23 96.19 -33.73
N TRP I 190 46.18 95.29 -33.51
CA TRP I 190 46.58 94.98 -32.13
C TRP I 190 47.50 96.01 -31.55
N LYS I 191 47.79 97.08 -32.30
CA LYS I 191 48.76 98.11 -31.85
C LYS I 191 48.17 99.30 -31.07
N SER I 192 47.79 99.05 -29.84
CA SER I 192 47.38 99.98 -28.76
C SER I 192 48.15 99.32 -27.61
N HIS I 193 49.47 99.44 -27.69
CA HIS I 193 50.36 98.57 -26.91
C HIS I 193 50.49 98.82 -25.41
N ARG I 194 50.80 97.70 -24.74
CA ARG I 194 51.14 97.50 -23.34
C ARG I 194 49.92 97.40 -22.40
N SER I 195 48.68 97.48 -22.92
CA SER I 195 47.49 97.48 -22.07
C SER I 195 46.34 96.59 -22.63
N TYR I 196 46.62 95.31 -22.90
CA TYR I 196 45.58 94.39 -23.31
C TYR I 196 45.49 93.28 -22.28
N SER I 197 44.27 92.83 -21.96
CA SER I 197 44.16 91.66 -21.09
C SER I 197 42.71 91.18 -21.00
N CYS I 198 42.56 90.15 -20.17
CA CYS I 198 41.36 89.33 -20.08
C CYS I 198 40.89 89.29 -18.64
N GLN I 199 39.61 89.58 -18.44
CA GLN I 199 38.97 89.53 -17.13
C GLN I 199 37.73 88.68 -17.24
N VAL I 200 37.54 87.71 -16.32
CA VAL I 200 36.33 86.91 -16.34
C VAL I 200 35.68 86.93 -14.97
N THR I 201 34.37 86.73 -14.98
CA THR I 201 33.53 86.77 -13.82
C THR I 201 32.81 85.44 -13.73
N HIS I 202 32.79 84.91 -12.53
CA HIS I 202 32.27 83.60 -12.23
C HIS I 202 31.37 83.86 -11.04
N GLU I 203 30.47 82.97 -10.68
CA GLU I 203 29.77 83.26 -9.44
C GLU I 203 30.40 82.56 -8.24
N GLY I 204 31.46 81.80 -8.48
CA GLY I 204 32.48 81.52 -7.49
C GLY I 204 33.31 82.74 -7.25
N SER I 205 33.02 83.82 -7.96
CA SER I 205 33.63 85.12 -7.72
C SER I 205 33.30 85.63 -6.33
N THR I 206 34.34 85.84 -5.52
CA THR I 206 34.22 86.87 -4.52
C THR I 206 34.47 88.25 -5.13
N VAL I 207 35.29 88.30 -6.18
CA VAL I 207 35.58 89.45 -7.05
C VAL I 207 35.96 88.78 -8.37
N GLU I 208 35.89 89.48 -9.49
CA GLU I 208 36.30 88.99 -10.81
C GLU I 208 37.78 89.27 -11.04
N LYS I 209 38.50 88.27 -11.56
CA LYS I 209 39.97 88.25 -11.67
C LYS I 209 40.46 88.69 -13.05
N THR I 210 41.54 89.48 -13.05
CA THR I 210 42.15 90.08 -14.24
C THR I 210 43.62 89.64 -14.31
N VAL I 211 44.13 89.38 -15.51
CA VAL I 211 45.55 89.01 -15.70
C VAL I 211 46.09 89.80 -16.89
N ALA I 212 47.09 90.65 -16.65
CA ALA I 212 47.55 91.57 -17.68
C ALA I 212 49.03 91.38 -17.99
N PRO I 213 49.40 91.37 -19.29
CA PRO I 213 50.78 91.43 -19.77
C PRO I 213 51.19 92.86 -20.14
#